data_3KL0
#
_entry.id   3KL0
#
_cell.length_a   138.490
_cell.length_b   195.796
_cell.length_c   66.246
_cell.angle_alpha   90.00
_cell.angle_beta   90.00
_cell.angle_gamma   90.00
#
_symmetry.space_group_name_H-M   'P 21 21 2'
#
loop_
_entity.id
_entity.type
_entity.pdbx_description
1 polymer 'Glucuronoxylanase xynC'
2 non-polymer 'MALONIC ACID'
3 non-polymer 'D(-)-TARTARIC ACID'
4 non-polymer HISTIDINE
5 non-polymer 'SODIUM ION'
6 water water
#
_entity_poly.entity_id   1
_entity_poly.type   'polypeptide(L)'
_entity_poly.pdbx_seq_one_letter_code
;MASDVTVNVSAEKQVIRGFGGMNHPAWAGDLTAAQRETAFGNGQNQLGFSILRIHVDENRNNWYKEVETAKSAVKHGAIV
FASPWNPPSDMVETFNRNGDTSAKRLKYNKYAAYAQHLNDFVTFMKNNGVNLYAISVQNEPDYAHEWTWWTPQEILRFMR
ENAGSINARVIAPESFQYLKNLSDPILNDPQALANMDILGTHLYGTQVSQFPYPLFKQKGAGKDLWMTEVYYPNSDTNSA
DRWPEALDVSQHIHNAMVEGDFQAYVWWYIRRSYGPMKEDGTISKRGYNMAHFSKFVRPGYVRIDATKNPNANVYVSAYK
GDNKVVIVAINKSNTGVNQNFVLQNGSASNVSRWITSSSSNLQPGTNLTVSGNHFWAHLPAQSVTTFVVNRLEHHHHHHH
H
;
_entity_poly.pdbx_strand_id   A,B,C,D
#
# COMPACT_ATOMS: atom_id res chain seq x y z
N ALA A 2 49.85 -8.94 -12.55
CA ALA A 2 48.43 -9.31 -12.21
C ALA A 2 47.54 -8.09 -11.92
N SER A 3 46.24 -8.23 -12.23
CA SER A 3 45.26 -7.17 -11.99
C SER A 3 44.76 -7.25 -10.54
N ASP A 4 44.54 -6.08 -9.94
CA ASP A 4 43.88 -5.99 -8.62
C ASP A 4 42.46 -6.55 -8.60
N VAL A 5 42.01 -6.87 -7.38
CA VAL A 5 40.59 -7.06 -7.06
C VAL A 5 40.23 -5.84 -6.23
N THR A 6 39.13 -5.19 -6.60
CA THR A 6 38.54 -4.11 -5.78
C THR A 6 37.21 -4.58 -5.18
N VAL A 7 37.10 -4.45 -3.86
CA VAL A 7 35.91 -4.85 -3.12
C VAL A 7 35.27 -3.58 -2.57
N ASN A 8 34.02 -3.29 -2.97
CA ASN A 8 33.38 -2.06 -2.50
C ASN A 8 32.30 -2.40 -1.48
N VAL A 9 32.62 -2.13 -0.21
CA VAL A 9 31.74 -2.48 0.89
C VAL A 9 30.39 -1.75 0.84
N SER A 10 30.31 -0.61 0.17
CA SER A 10 29.07 0.15 0.07
CA SER A 10 29.03 0.10 0.12
C SER A 10 28.21 -0.19 -1.14
N ALA A 11 28.72 -1.04 -2.02
CA ALA A 11 27.98 -1.41 -3.22
C ALA A 11 27.31 -2.74 -2.98
N GLU A 12 26.08 -2.67 -2.48
CA GLU A 12 25.37 -3.86 -2.02
C GLU A 12 24.67 -4.60 -3.14
N LYS A 13 24.68 -5.93 -3.05
CA LYS A 13 23.98 -6.79 -4.00
C LYS A 13 22.84 -7.52 -3.25
N GLN A 14 22.71 -8.83 -3.39
CA GLN A 14 21.56 -9.55 -2.81
C GLN A 14 21.82 -9.98 -1.36
N VAL A 15 20.78 -9.97 -0.53
CA VAL A 15 20.85 -10.51 0.82
C VAL A 15 20.86 -12.04 0.78
N ILE A 16 21.79 -12.66 1.50
CA ILE A 16 21.97 -14.11 1.47
C ILE A 16 21.13 -14.79 2.55
N ARG A 17 20.31 -15.77 2.15
CA ARG A 17 19.51 -16.56 3.11
C ARG A 17 20.33 -17.74 3.65
N GLY A 18 21.18 -18.30 2.78
CA GLY A 18 22.06 -19.38 3.22
C GLY A 18 22.40 -20.44 2.17
N PHE A 19 22.93 -21.58 2.68
CA PHE A 19 23.53 -22.67 1.86
C PHE A 19 23.18 -23.97 2.52
N GLY A 20 22.83 -24.99 1.77
CA GLY A 20 22.62 -26.30 2.41
C GLY A 20 22.33 -27.40 1.42
N GLY A 21 21.39 -28.26 1.77
CA GLY A 21 21.18 -29.47 0.97
C GLY A 21 19.92 -30.23 1.38
N MET A 22 19.68 -31.35 0.70
CA MET A 22 18.46 -32.14 0.83
C MET A 22 18.65 -33.31 1.81
N ASN A 23 17.62 -33.54 2.60
CA ASN A 23 17.43 -34.81 3.35
C ASN A 23 16.22 -35.55 2.76
N HIS A 24 16.36 -36.86 2.56
CA HIS A 24 15.24 -37.65 2.04
C HIS A 24 15.29 -39.07 2.66
N PRO A 25 14.59 -39.26 3.80
CA PRO A 25 14.62 -40.55 4.47
C PRO A 25 14.22 -41.73 3.57
N ALA A 26 13.11 -41.62 2.85
CA ALA A 26 12.65 -42.72 2.00
C ALA A 26 13.59 -43.07 0.86
N TRP A 27 14.13 -42.05 0.19
CA TRP A 27 14.94 -42.29 -1.00
C TRP A 27 16.40 -42.53 -0.68
N ALA A 28 16.96 -41.79 0.27
CA ALA A 28 18.39 -41.89 0.55
C ALA A 28 18.76 -42.50 1.90
N GLY A 29 17.79 -42.55 2.83
CA GLY A 29 18.10 -42.91 4.22
C GLY A 29 18.37 -41.64 5.01
N ASP A 30 17.69 -41.50 6.14
CA ASP A 30 17.80 -40.30 6.98
C ASP A 30 19.23 -40.09 7.44
N LEU A 31 19.63 -38.82 7.63
CA LEU A 31 20.83 -38.52 8.39
C LEU A 31 20.70 -39.12 9.79
N THR A 32 21.78 -39.69 10.29
CA THR A 32 21.86 -40.15 11.67
C THR A 32 22.07 -38.96 12.61
N ALA A 33 21.94 -39.20 13.92
CA ALA A 33 22.18 -38.15 14.91
C ALA A 33 23.56 -37.49 14.71
N ALA A 34 24.62 -38.30 14.54
CA ALA A 34 25.98 -37.76 14.32
C ALA A 34 26.06 -36.94 13.04
N GLN A 35 25.42 -37.43 11.99
CA GLN A 35 25.45 -36.75 10.69
C GLN A 35 24.70 -35.40 10.71
N ARG A 36 23.62 -35.33 11.50
CA ARG A 36 22.92 -34.07 11.62
C ARG A 36 23.81 -32.99 12.24
N GLU A 37 24.63 -33.37 13.23
CA GLU A 37 25.54 -32.41 13.84
C GLU A 37 26.59 -31.95 12.83
N THR A 38 27.13 -32.88 12.06
CA THR A 38 28.14 -32.57 11.08
C THR A 38 27.56 -31.63 10.01
N ALA A 39 26.30 -31.87 9.64
CA ALA A 39 25.68 -31.03 8.59
C ALA A 39 25.35 -29.61 9.07
N PHE A 40 24.78 -29.47 10.27
CA PHE A 40 24.18 -28.17 10.65
C PHE A 40 24.96 -27.37 11.71
N GLY A 41 25.84 -28.04 12.45
CA GLY A 41 26.72 -27.32 13.36
C GLY A 41 27.77 -26.53 12.56
N ASN A 42 28.33 -25.49 13.17
CA ASN A 42 29.35 -24.68 12.47
C ASN A 42 30.71 -24.66 13.18
N GLY A 43 31.00 -25.75 13.87
CA GLY A 43 32.32 -25.94 14.49
C GLY A 43 33.31 -26.60 13.54
N GLN A 44 34.49 -26.96 14.05
CA GLN A 44 35.47 -27.59 13.18
C GLN A 44 34.94 -28.92 12.69
N ASN A 45 35.27 -29.26 11.45
CA ASN A 45 34.83 -30.53 10.86
CA ASN A 45 34.83 -30.52 10.85
C ASN A 45 33.30 -30.58 10.72
N GLN A 46 32.66 -29.41 10.65
CA GLN A 46 31.20 -29.38 10.47
C GLN A 46 30.90 -28.43 9.33
N LEU A 47 29.83 -28.70 8.60
CA LEU A 47 29.55 -27.99 7.33
C LEU A 47 28.93 -26.60 7.47
N GLY A 48 28.30 -26.36 8.62
CA GLY A 48 27.63 -25.08 8.87
C GLY A 48 26.47 -24.80 7.94
N PHE A 49 25.86 -25.84 7.39
CA PHE A 49 24.70 -25.63 6.52
C PHE A 49 23.60 -24.84 7.25
N SER A 50 23.08 -23.83 6.55
CA SER A 50 22.11 -22.92 7.15
C SER A 50 20.72 -23.06 6.54
N ILE A 51 20.60 -23.98 5.57
CA ILE A 51 19.30 -24.34 4.94
C ILE A 51 19.20 -25.85 4.84
N LEU A 52 18.04 -26.39 5.24
CA LEU A 52 17.69 -27.76 4.94
C LEU A 52 16.46 -27.84 4.03
N ARG A 53 16.54 -28.64 2.96
CA ARG A 53 15.36 -28.99 2.15
C ARG A 53 14.88 -30.38 2.52
N ILE A 54 13.55 -30.50 2.61
CA ILE A 54 12.91 -31.82 2.82
C ILE A 54 11.80 -32.00 1.78
N HIS A 55 11.27 -33.23 1.63
CA HIS A 55 10.19 -33.45 0.68
C HIS A 55 8.85 -33.55 1.45
N VAL A 56 7.76 -33.20 0.77
CA VAL A 56 6.39 -33.41 1.27
C VAL A 56 5.89 -34.72 0.69
N ASP A 57 5.78 -35.76 1.53
CA ASP A 57 5.33 -37.05 1.02
C ASP A 57 3.88 -36.97 0.53
N GLU A 58 3.57 -37.67 -0.57
CA GLU A 58 2.18 -37.73 -1.04
C GLU A 58 1.26 -38.41 0.00
N ASN A 59 1.83 -39.27 0.85
CA ASN A 59 1.09 -39.96 1.91
C ASN A 59 1.38 -39.32 3.23
N ARG A 60 0.39 -38.66 3.82
CA ARG A 60 0.56 -37.91 5.07
C ARG A 60 0.99 -38.77 6.26
N ASN A 61 0.72 -40.07 6.18
CA ASN A 61 1.13 -41.03 7.20
C ASN A 61 2.66 -41.20 7.24
N ASN A 62 3.35 -40.65 6.24
CA ASN A 62 4.82 -40.66 6.20
C ASN A 62 5.51 -39.36 6.64
N TRP A 63 4.74 -38.29 6.92
CA TRP A 63 5.34 -37.01 7.30
C TRP A 63 6.19 -37.05 8.56
N TYR A 64 5.83 -37.91 9.53
CA TYR A 64 6.63 -38.03 10.78
C TYR A 64 8.11 -38.36 10.55
N LYS A 65 8.42 -39.03 9.43
CA LYS A 65 9.80 -39.42 9.12
C LYS A 65 10.78 -38.25 8.95
N GLU A 66 10.25 -37.06 8.66
CA GLU A 66 11.09 -35.85 8.46
C GLU A 66 11.47 -35.13 9.75
N VAL A 67 10.72 -35.42 10.82
CA VAL A 67 10.76 -34.58 12.00
C VAL A 67 12.12 -34.50 12.69
N GLU A 68 12.77 -35.62 12.97
CA GLU A 68 13.99 -35.55 13.76
C GLU A 68 15.11 -34.72 13.10
N THR A 69 15.32 -34.93 11.80
CA THR A 69 16.38 -34.19 11.08
C THR A 69 16.00 -32.69 10.98
N ALA A 70 14.71 -32.43 10.79
CA ALA A 70 14.23 -31.05 10.67
C ALA A 70 14.39 -30.31 12.00
N LYS A 71 14.14 -31.00 13.12
CA LYS A 71 14.32 -30.43 14.45
C LYS A 71 15.78 -30.07 14.71
N SER A 72 16.69 -30.92 14.25
CA SER A 72 18.11 -30.66 14.44
CA SER A 72 18.12 -30.66 14.44
C SER A 72 18.57 -29.43 13.63
N ALA A 73 18.06 -29.32 12.40
CA ALA A 73 18.35 -28.12 11.60
C ALA A 73 17.91 -26.83 12.35
N VAL A 74 16.67 -26.81 12.81
CA VAL A 74 16.13 -25.66 13.57
C VAL A 74 16.96 -25.36 14.83
N LYS A 75 17.34 -26.41 15.56
CA LYS A 75 18.18 -26.25 16.74
C LYS A 75 19.48 -25.51 16.44
N HIS A 76 20.05 -25.82 15.26
CA HIS A 76 21.27 -25.16 14.81
C HIS A 76 21.02 -23.83 14.10
N GLY A 77 19.77 -23.38 14.06
CA GLY A 77 19.45 -22.08 13.45
C GLY A 77 19.31 -22.12 11.95
N ALA A 78 19.26 -23.31 11.36
CA ALA A 78 19.03 -23.41 9.91
C ALA A 78 17.56 -23.20 9.62
N ILE A 79 17.23 -22.71 8.43
CA ILE A 79 15.82 -22.64 8.02
C ILE A 79 15.51 -23.92 7.22
N VAL A 80 14.25 -24.34 7.27
CA VAL A 80 13.81 -25.57 6.61
C VAL A 80 12.74 -25.23 5.58
N PHE A 81 12.85 -25.76 4.34
CA PHE A 81 11.77 -25.65 3.40
C PHE A 81 11.46 -26.98 2.77
N ALA A 82 10.29 -27.07 2.16
CA ALA A 82 9.80 -28.37 1.67
C ALA A 82 9.29 -28.30 0.26
N SER A 83 9.59 -29.35 -0.52
CA SER A 83 9.10 -29.46 -1.88
C SER A 83 8.33 -30.79 -2.07
N PRO A 84 7.20 -30.73 -2.76
CA PRO A 84 6.45 -31.95 -3.07
C PRO A 84 6.81 -32.52 -4.45
N TRP A 85 6.73 -33.86 -4.60
CA TRP A 85 6.99 -34.49 -5.88
C TRP A 85 5.65 -34.91 -6.53
N ASN A 86 4.73 -35.46 -5.71
CA ASN A 86 3.37 -35.81 -6.19
C ASN A 86 2.29 -35.41 -5.20
N PRO A 87 1.11 -34.99 -5.70
CA PRO A 87 -0.08 -34.90 -4.85
C PRO A 87 -0.46 -36.30 -4.38
N PRO A 88 -1.26 -36.41 -3.31
CA PRO A 88 -1.87 -37.70 -2.96
C PRO A 88 -2.46 -38.36 -4.21
N SER A 89 -2.30 -39.68 -4.37
CA SER A 89 -2.67 -40.30 -5.65
C SER A 89 -4.15 -40.16 -6.10
N ASP A 90 -5.07 -39.93 -5.16
CA ASP A 90 -6.49 -39.70 -5.52
C ASP A 90 -6.73 -38.39 -6.28
N MET A 91 -5.76 -37.47 -6.21
CA MET A 91 -5.86 -36.17 -6.89
C MET A 91 -5.18 -36.18 -8.26
N VAL A 92 -4.52 -37.29 -8.60
CA VAL A 92 -3.72 -37.39 -9.84
C VAL A 92 -4.44 -38.16 -10.97
N GLU A 93 -4.26 -37.72 -12.22
CA GLU A 93 -4.80 -38.40 -13.42
C GLU A 93 -3.74 -38.52 -14.50
N THR A 94 -3.86 -39.55 -15.35
CA THR A 94 -3.05 -39.60 -16.56
C THR A 94 -3.65 -38.76 -17.68
N PHE A 95 -2.81 -38.34 -18.61
CA PHE A 95 -3.25 -37.56 -19.75
C PHE A 95 -2.25 -37.80 -20.88
N ASN A 96 -2.61 -37.35 -22.06
CA ASN A 96 -1.77 -37.56 -23.23
C ASN A 96 -0.79 -36.41 -23.37
N ARG A 97 0.46 -36.62 -22.96
CA ARG A 97 1.50 -35.60 -23.14
C ARG A 97 2.36 -35.87 -24.38
N ASN A 98 2.06 -35.16 -25.47
CA ASN A 98 2.74 -35.34 -26.76
CA ASN A 98 2.69 -35.35 -26.79
C ASN A 98 2.93 -36.82 -27.14
N GLY A 99 1.86 -37.61 -27.05
CA GLY A 99 1.94 -39.06 -27.36
C GLY A 99 2.25 -39.97 -26.19
N ASP A 100 2.73 -39.39 -25.09
CA ASP A 100 2.97 -40.17 -23.88
C ASP A 100 1.67 -40.16 -23.03
N THR A 101 0.96 -41.28 -23.06
CA THR A 101 -0.32 -41.44 -22.37
C THR A 101 -0.14 -41.84 -20.90
N SER A 102 1.09 -42.04 -20.46
CA SER A 102 1.37 -42.41 -19.08
C SER A 102 1.64 -41.18 -18.18
N ALA A 103 1.68 -40.02 -18.80
CA ALA A 103 2.03 -38.77 -18.08
C ALA A 103 0.97 -38.48 -17.04
N LYS A 104 1.39 -37.96 -15.88
CA LYS A 104 0.45 -37.66 -14.78
C LYS A 104 0.40 -36.17 -14.49
N ARG A 105 -0.77 -35.70 -14.06
CA ARG A 105 -0.98 -34.30 -13.65
C ARG A 105 -1.94 -34.23 -12.47
N LEU A 106 -1.95 -33.08 -11.79
CA LEU A 106 -3.00 -32.82 -10.83
C LEU A 106 -4.33 -32.56 -11.54
N LYS A 107 -5.36 -33.30 -11.16
CA LYS A 107 -6.70 -33.03 -11.70
C LYS A 107 -7.11 -31.58 -11.46
N TYR A 108 -7.69 -30.95 -12.48
CA TYR A 108 -8.00 -29.53 -12.40
C TYR A 108 -8.98 -29.19 -11.29
N ASN A 109 -9.88 -30.12 -10.96
CA ASN A 109 -10.81 -29.86 -9.85
C ASN A 109 -10.26 -30.23 -8.46
N LYS A 110 -8.96 -30.60 -8.39
CA LYS A 110 -8.30 -30.93 -7.14
CA LYS A 110 -8.33 -30.92 -7.11
C LYS A 110 -7.26 -29.89 -6.73
N TYR A 111 -7.29 -28.73 -7.37
CA TYR A 111 -6.32 -27.67 -7.03
C TYR A 111 -6.51 -27.18 -5.60
N ALA A 112 -7.76 -26.98 -5.18
CA ALA A 112 -8.05 -26.56 -3.78
C ALA A 112 -7.64 -27.67 -2.77
N ALA A 113 -7.98 -28.93 -3.09
CA ALA A 113 -7.60 -30.06 -2.25
C ALA A 113 -6.07 -30.18 -2.12
N TYR A 114 -5.36 -29.89 -3.22
CA TYR A 114 -3.89 -29.98 -3.19
C TYR A 114 -3.31 -28.86 -2.30
N ALA A 115 -3.84 -27.66 -2.44
CA ALA A 115 -3.38 -26.54 -1.58
C ALA A 115 -3.61 -26.86 -0.13
N GLN A 116 -4.76 -27.50 0.15
CA GLN A 116 -5.06 -27.90 1.53
C GLN A 116 -4.06 -28.94 2.07
N HIS A 117 -3.66 -29.88 1.22
CA HIS A 117 -2.63 -30.91 1.52
C HIS A 117 -1.30 -30.23 1.91
N LEU A 118 -0.89 -29.25 1.11
CA LEU A 118 0.36 -28.51 1.41
C LEU A 118 0.25 -27.74 2.73
N ASN A 119 -0.89 -27.08 2.95
N ASN A 119 -0.89 -27.07 2.94
CA ASN A 119 -1.10 -26.36 4.20
CA ASN A 119 -1.15 -26.40 4.22
C ASN A 119 -1.12 -27.33 5.41
C ASN A 119 -1.09 -27.35 5.39
N ASP A 120 -1.67 -28.53 5.22
CA ASP A 120 -1.68 -29.55 6.26
C ASP A 120 -0.26 -30.00 6.61
N PHE A 121 0.63 -30.04 5.61
CA PHE A 121 2.04 -30.36 5.90
C PHE A 121 2.70 -29.29 6.78
N VAL A 122 2.45 -28.02 6.45
CA VAL A 122 3.00 -26.89 7.20
C VAL A 122 2.49 -26.99 8.64
N THR A 123 1.19 -27.27 8.79
CA THR A 123 0.62 -27.42 10.14
C THR A 123 1.26 -28.59 10.93
N PHE A 124 1.42 -29.73 10.26
CA PHE A 124 2.05 -30.89 10.86
C PHE A 124 3.44 -30.55 11.39
N MET A 125 4.25 -29.91 10.53
CA MET A 125 5.58 -29.53 10.97
C MET A 125 5.54 -28.56 12.16
N LYS A 126 4.66 -27.57 12.12
CA LYS A 126 4.49 -26.62 13.22
C LYS A 126 4.20 -27.40 14.52
N ASN A 127 3.31 -28.38 14.44
CA ASN A 127 2.93 -29.17 15.61
C ASN A 127 4.05 -30.06 16.13
N ASN A 128 5.12 -30.20 15.34
CA ASN A 128 6.30 -30.96 15.73
C ASN A 128 7.55 -30.09 15.94
N GLY A 129 7.31 -28.82 16.26
CA GLY A 129 8.35 -27.88 16.63
C GLY A 129 9.22 -27.38 15.47
N VAL A 130 8.67 -27.41 14.25
CA VAL A 130 9.39 -26.89 13.08
C VAL A 130 8.49 -25.86 12.37
N ASN A 131 8.87 -24.59 12.44
CA ASN A 131 8.19 -23.53 11.72
C ASN A 131 8.79 -23.47 10.30
N LEU A 132 8.11 -24.10 9.35
CA LEU A 132 8.65 -24.23 7.99
C LEU A 132 8.81 -22.84 7.34
N TYR A 133 10.00 -22.56 6.78
CA TYR A 133 10.29 -21.25 6.21
C TYR A 133 9.44 -20.98 4.94
N ALA A 134 9.29 -22.02 4.12
CA ALA A 134 8.61 -21.90 2.82
C ALA A 134 8.25 -23.30 2.33
N ILE A 135 7.33 -23.34 1.37
CA ILE A 135 6.92 -24.59 0.73
C ILE A 135 6.68 -24.35 -0.74
N SER A 136 7.06 -25.35 -1.55
CA SER A 136 7.06 -25.27 -3.02
C SER A 136 5.76 -25.86 -3.55
N VAL A 137 5.29 -25.38 -4.70
CA VAL A 137 4.12 -25.93 -5.41
C VAL A 137 4.39 -27.31 -6.02
N GLN A 138 5.59 -27.51 -6.57
CA GLN A 138 5.98 -28.74 -7.29
C GLN A 138 7.49 -28.78 -7.61
N ASN A 139 8.14 -29.90 -7.30
CA ASN A 139 9.48 -30.15 -7.78
C ASN A 139 9.50 -30.40 -9.30
N GLU A 140 10.32 -29.65 -10.04
CA GLU A 140 10.54 -29.87 -11.48
C GLU A 140 9.27 -30.24 -12.26
N PRO A 141 8.28 -29.32 -12.32
CA PRO A 141 7.05 -29.60 -13.10
C PRO A 141 7.33 -29.80 -14.59
N ASP A 142 8.51 -29.38 -15.05
CA ASP A 142 8.86 -29.46 -16.46
C ASP A 142 9.85 -30.58 -16.78
N TYR A 143 10.06 -31.48 -15.84
CA TYR A 143 10.89 -32.69 -16.05
C TYR A 143 10.30 -33.83 -15.21
N ALA A 144 9.02 -34.12 -15.44
CA ALA A 144 8.25 -34.92 -14.50
C ALA A 144 7.89 -36.34 -14.99
N HIS A 145 8.79 -36.96 -15.74
CA HIS A 145 8.53 -38.31 -16.21
C HIS A 145 8.22 -39.25 -15.04
N GLU A 146 8.91 -39.05 -13.92
CA GLU A 146 8.73 -39.93 -12.75
C GLU A 146 7.91 -39.32 -11.63
N TRP A 147 7.24 -38.21 -11.90
CA TRP A 147 6.36 -37.58 -10.91
C TRP A 147 5.16 -36.89 -11.58
N THR A 148 4.90 -35.60 -11.29
CA THR A 148 3.68 -34.95 -11.71
C THR A 148 4.01 -33.72 -12.58
N TRP A 149 3.54 -33.72 -13.84
CA TRP A 149 3.78 -32.61 -14.78
C TRP A 149 2.83 -31.46 -14.55
N TRP A 150 3.35 -30.23 -14.66
CA TRP A 150 2.49 -29.06 -14.81
C TRP A 150 3.01 -28.21 -15.96
N THR A 151 2.10 -27.75 -16.80
CA THR A 151 2.42 -26.79 -17.85
C THR A 151 2.61 -25.40 -17.21
N PRO A 152 3.26 -24.45 -17.93
CA PRO A 152 3.32 -23.09 -17.41
C PRO A 152 1.93 -22.51 -17.08
N GLN A 153 0.91 -22.84 -17.89
CA GLN A 153 -0.43 -22.31 -17.62
C GLN A 153 -1.12 -22.96 -16.42
N GLU A 154 -0.81 -24.24 -16.13
CA GLU A 154 -1.37 -24.92 -14.96
C GLU A 154 -0.77 -24.36 -13.68
N ILE A 155 0.57 -24.18 -13.70
CA ILE A 155 1.27 -23.50 -12.58
C ILE A 155 0.68 -22.09 -12.39
N LEU A 156 0.49 -21.35 -13.47
CA LEU A 156 -0.08 -20.01 -13.36
C LEU A 156 -1.45 -20.00 -12.66
N ARG A 157 -2.35 -20.90 -13.07
CA ARG A 157 -3.68 -20.92 -12.50
C ARG A 157 -3.60 -21.21 -11.00
N PHE A 158 -2.75 -22.16 -10.60
CA PHE A 158 -2.62 -22.49 -9.18
C PHE A 158 -2.06 -21.27 -8.41
N MET A 159 -1.06 -20.59 -8.98
CA MET A 159 -0.44 -19.41 -8.33
C MET A 159 -1.44 -18.25 -8.15
N ARG A 160 -2.30 -18.05 -9.14
CA ARG A 160 -3.39 -17.08 -9.03
C ARG A 160 -4.42 -17.48 -7.97
N GLU A 161 -4.92 -18.71 -8.06
CA GLU A 161 -6.22 -19.04 -7.43
C GLU A 161 -6.08 -19.75 -6.09
N ASN A 162 -5.00 -20.53 -5.93
CA ASN A 162 -4.85 -21.41 -4.77
C ASN A 162 -3.66 -21.10 -3.87
N ALA A 163 -2.56 -20.61 -4.44
CA ALA A 163 -1.36 -20.38 -3.65
C ALA A 163 -1.55 -19.38 -2.52
N GLY A 164 -2.41 -18.37 -2.70
CA GLY A 164 -2.75 -17.42 -1.62
C GLY A 164 -3.34 -18.05 -0.35
N SER A 165 -3.87 -19.27 -0.47
CA SER A 165 -4.44 -20.00 0.68
C SER A 165 -3.40 -20.63 1.59
N ILE A 166 -2.16 -20.71 1.13
CA ILE A 166 -1.09 -21.41 1.88
C ILE A 166 -0.48 -20.53 2.97
N ASN A 167 -0.53 -21.01 4.21
CA ASN A 167 -0.06 -20.22 5.36
C ASN A 167 1.44 -20.37 5.59
N ALA A 168 2.21 -20.04 4.55
CA ALA A 168 3.68 -20.07 4.58
C ALA A 168 4.15 -19.36 3.32
N ARG A 169 5.45 -19.05 3.27
CA ARG A 169 6.01 -18.48 2.05
C ARG A 169 5.91 -19.55 0.96
N VAL A 170 5.58 -19.11 -0.25
CA VAL A 170 5.42 -20.02 -1.39
C VAL A 170 6.60 -19.89 -2.36
N ILE A 171 7.19 -21.04 -2.70
CA ILE A 171 8.26 -21.14 -3.71
C ILE A 171 7.65 -21.67 -5.02
N ALA A 172 7.97 -21.04 -6.14
CA ALA A 172 7.60 -21.62 -7.45
C ALA A 172 8.58 -21.10 -8.52
N PRO A 173 8.68 -21.79 -9.68
CA PRO A 173 8.11 -23.07 -10.06
C PRO A 173 9.11 -24.24 -10.06
N GLU A 174 10.35 -24.01 -9.60
CA GLU A 174 11.41 -25.07 -9.53
C GLU A 174 11.65 -25.82 -10.85
N SER A 175 11.80 -25.07 -11.94
CA SER A 175 12.26 -25.66 -13.21
C SER A 175 13.55 -26.49 -12.99
N PHE A 176 13.68 -27.62 -13.71
CA PHE A 176 14.91 -28.42 -13.60
C PHE A 176 16.16 -27.67 -14.08
N GLN A 177 15.99 -26.69 -14.95
CA GLN A 177 17.10 -26.12 -15.69
C GLN A 177 16.99 -24.60 -15.80
N TYR A 178 16.16 -23.96 -14.97
CA TYR A 178 15.95 -22.51 -15.03
C TYR A 178 15.42 -22.12 -16.40
N LEU A 179 14.48 -22.91 -16.90
CA LEU A 179 13.81 -22.59 -18.15
C LEU A 179 12.81 -21.44 -17.90
N LYS A 180 13.06 -20.27 -18.51
CA LYS A 180 12.27 -19.08 -18.17
C LYS A 180 10.81 -19.15 -18.62
N ASN A 181 10.47 -20.02 -19.59
CA ASN A 181 9.08 -20.18 -19.99
C ASN A 181 8.19 -20.68 -18.83
N LEU A 182 8.78 -21.33 -17.82
CA LEU A 182 8.00 -21.89 -16.70
C LEU A 182 7.64 -20.80 -15.69
N SER A 183 8.53 -19.83 -15.54
CA SER A 183 8.36 -18.75 -14.54
C SER A 183 7.89 -17.42 -15.13
N ASP A 184 8.13 -17.16 -16.43
CA ASP A 184 7.67 -15.88 -17.01
C ASP A 184 6.18 -15.55 -16.75
N PRO A 185 5.27 -16.54 -16.89
CA PRO A 185 3.84 -16.20 -16.72
C PRO A 185 3.52 -15.68 -15.31
N ILE A 186 4.24 -16.19 -14.33
CA ILE A 186 4.06 -15.76 -12.93
C ILE A 186 4.51 -14.32 -12.81
N LEU A 187 5.70 -14.04 -13.31
CA LEU A 187 6.26 -12.69 -13.23
C LEU A 187 5.39 -11.68 -13.99
N ASN A 188 4.70 -12.15 -15.03
CA ASN A 188 3.93 -11.26 -15.89
C ASN A 188 2.49 -11.09 -15.47
N ASP A 189 2.08 -11.84 -14.44
CA ASP A 189 0.74 -11.80 -13.91
C ASP A 189 0.72 -11.25 -12.48
N PRO A 190 0.20 -10.02 -12.30
CA PRO A 190 0.30 -9.43 -10.95
C PRO A 190 -0.35 -10.25 -9.84
N GLN A 191 -1.50 -10.90 -10.10
CA GLN A 191 -2.16 -11.76 -9.12
CA GLN A 191 -2.09 -11.71 -9.04
C GLN A 191 -1.26 -12.94 -8.70
N ALA A 192 -0.72 -13.63 -9.71
CA ALA A 192 0.13 -14.79 -9.41
C ALA A 192 1.38 -14.35 -8.66
N LEU A 193 1.96 -13.24 -9.11
CA LEU A 193 3.20 -12.75 -8.53
C LEU A 193 2.99 -12.42 -7.06
N ALA A 194 1.83 -11.83 -6.74
CA ALA A 194 1.55 -11.44 -5.35
C ALA A 194 1.54 -12.67 -4.42
N ASN A 195 1.22 -13.86 -4.98
CA ASN A 195 1.17 -15.07 -4.19
C ASN A 195 2.48 -15.86 -4.20
N MET A 196 3.50 -15.35 -4.88
CA MET A 196 4.80 -15.98 -4.86
C MET A 196 5.70 -15.20 -3.89
N ASP A 197 6.38 -15.91 -3.00
CA ASP A 197 7.38 -15.26 -2.14
C ASP A 197 8.80 -15.48 -2.60
N ILE A 198 9.08 -16.67 -3.14
CA ILE A 198 10.43 -17.04 -3.58
C ILE A 198 10.33 -17.62 -4.99
N LEU A 199 11.10 -17.11 -5.96
CA LEU A 199 11.21 -17.75 -7.30
C LEU A 199 12.35 -18.79 -7.12
N GLY A 200 11.99 -20.07 -7.16
CA GLY A 200 13.01 -21.13 -7.07
C GLY A 200 13.29 -21.79 -8.41
N THR A 201 14.54 -22.23 -8.58
CA THR A 201 14.94 -23.02 -9.73
C THR A 201 16.02 -24.01 -9.36
N HIS A 202 16.13 -25.06 -10.19
CA HIS A 202 17.33 -25.88 -10.24
C HIS A 202 18.19 -25.47 -11.42
N LEU A 203 19.40 -26.02 -11.46
CA LEU A 203 20.36 -25.63 -12.53
C LEU A 203 20.97 -26.81 -13.29
N TYR A 204 20.23 -27.90 -13.42
CA TYR A 204 20.78 -29.09 -14.13
C TYR A 204 20.95 -28.86 -15.62
N GLY A 205 22.20 -28.81 -16.05
CA GLY A 205 22.55 -28.48 -17.43
C GLY A 205 22.46 -27.01 -17.80
N THR A 206 22.13 -26.14 -16.84
CA THR A 206 22.02 -24.71 -17.15
C THR A 206 23.40 -24.09 -17.42
N GLN A 207 23.57 -23.45 -18.59
CA GLN A 207 24.82 -22.76 -18.92
C GLN A 207 24.89 -21.44 -18.15
N VAL A 208 26.09 -21.00 -17.83
CA VAL A 208 26.24 -19.74 -17.07
C VAL A 208 25.60 -18.52 -17.75
N SER A 209 25.59 -18.50 -19.09
CA SER A 209 24.94 -17.42 -19.84
C SER A 209 23.41 -17.31 -19.54
N GLN A 210 22.85 -18.38 -19.00
CA GLN A 210 21.43 -18.48 -18.66
C GLN A 210 21.17 -18.28 -17.17
N PHE A 211 22.21 -17.98 -16.38
CA PHE A 211 22.02 -17.64 -14.95
C PHE A 211 21.31 -16.27 -14.73
N PRO A 212 21.62 -15.26 -15.56
CA PRO A 212 20.86 -14.00 -15.37
C PRO A 212 19.41 -14.12 -15.78
N TYR A 213 18.56 -13.29 -15.18
CA TYR A 213 17.14 -13.33 -15.50
C TYR A 213 16.57 -11.91 -15.55
N PRO A 214 16.73 -11.23 -16.72
CA PRO A 214 16.26 -9.84 -16.79
C PRO A 214 14.81 -9.59 -16.35
N LEU A 215 13.88 -10.48 -16.71
CA LEU A 215 12.46 -10.29 -16.33
C LEU A 215 12.31 -10.27 -14.80
N PHE A 216 13.07 -11.11 -14.10
CA PHE A 216 13.00 -11.09 -12.64
C PHE A 216 13.55 -9.76 -12.08
N LYS A 217 14.60 -9.24 -12.69
CA LYS A 217 15.11 -7.93 -12.26
C LYS A 217 14.06 -6.84 -12.49
N GLN A 218 13.31 -6.97 -13.60
CA GLN A 218 12.29 -5.95 -13.96
C GLN A 218 11.07 -6.01 -13.07
N LYS A 219 10.59 -7.23 -12.78
CA LYS A 219 9.28 -7.43 -12.12
C LYS A 219 9.32 -8.01 -10.70
N GLY A 220 10.48 -8.52 -10.30
CA GLY A 220 10.56 -9.24 -9.03
C GLY A 220 10.88 -8.45 -7.77
N ALA A 221 10.71 -7.13 -7.76
CA ALA A 221 11.04 -6.37 -6.53
C ALA A 221 10.31 -6.94 -5.32
N GLY A 222 11.02 -7.08 -4.20
CA GLY A 222 10.46 -7.58 -2.97
C GLY A 222 10.33 -9.10 -2.92
N LYS A 223 10.79 -9.80 -3.96
CA LYS A 223 10.71 -11.28 -3.99
C LYS A 223 12.12 -11.86 -3.81
N ASP A 224 12.20 -13.08 -3.28
CA ASP A 224 13.48 -13.79 -3.14
C ASP A 224 13.73 -14.67 -4.37
N LEU A 225 15.01 -14.98 -4.61
CA LEU A 225 15.47 -15.78 -5.76
C LEU A 225 16.38 -16.89 -5.21
N TRP A 226 15.92 -18.14 -5.31
CA TRP A 226 16.65 -19.26 -4.70
C TRP A 226 16.98 -20.36 -5.70
N MET A 227 18.18 -20.92 -5.50
CA MET A 227 18.67 -22.07 -6.26
C MET A 227 18.41 -23.25 -5.31
N THR A 228 17.34 -24.00 -5.56
CA THR A 228 16.82 -24.97 -4.57
C THR A 228 17.31 -26.42 -4.73
N GLU A 229 18.02 -26.74 -5.81
CA GLU A 229 18.56 -28.08 -5.97
C GLU A 229 19.54 -28.16 -7.12
N VAL A 230 20.73 -28.69 -6.84
CA VAL A 230 21.63 -29.11 -7.94
C VAL A 230 22.63 -30.11 -7.38
N TYR A 231 23.21 -30.93 -8.26
CA TYR A 231 24.57 -31.44 -7.97
C TYR A 231 25.47 -31.02 -9.16
N TYR A 232 26.75 -30.88 -8.93
CA TYR A 232 27.66 -30.32 -9.94
C TYR A 232 29.08 -30.70 -9.61
N PRO A 233 29.89 -31.08 -10.60
CA PRO A 233 29.70 -31.13 -12.06
C PRO A 233 29.05 -32.45 -12.53
N ASN A 234 28.90 -33.43 -11.64
CA ASN A 234 28.30 -34.72 -12.02
C ASN A 234 27.91 -35.46 -10.75
N SER A 235 27.21 -36.58 -10.93
CA SER A 235 26.88 -37.47 -9.82
C SER A 235 27.64 -38.82 -9.92
N ASP A 236 28.85 -38.77 -10.45
CA ASP A 236 29.64 -40.00 -10.58
C ASP A 236 29.84 -40.66 -9.23
N THR A 237 29.70 -41.99 -9.19
CA THR A 237 29.87 -42.73 -7.94
C THR A 237 31.28 -42.52 -7.38
N ASN A 238 31.35 -42.26 -6.08
CA ASN A 238 32.60 -42.07 -5.38
C ASN A 238 33.51 -40.95 -5.92
N SER A 239 32.87 -39.90 -6.46
CA SER A 239 33.58 -38.77 -7.06
C SER A 239 33.88 -37.61 -6.10
N ALA A 240 33.29 -37.63 -4.91
CA ALA A 240 33.30 -36.42 -4.03
C ALA A 240 34.67 -35.90 -3.57
N ASP A 241 35.70 -36.77 -3.56
CA ASP A 241 37.04 -36.33 -3.17
C ASP A 241 37.96 -36.04 -4.37
N ARG A 242 37.49 -36.18 -5.60
CA ARG A 242 38.35 -35.94 -6.78
C ARG A 242 38.90 -34.50 -6.78
N TRP A 243 40.23 -34.35 -6.92
CA TRP A 243 40.87 -33.02 -6.98
C TRP A 243 41.70 -32.94 -8.25
N PRO A 244 41.64 -31.81 -8.99
CA PRO A 244 40.95 -30.55 -8.67
C PRO A 244 39.49 -30.50 -9.11
N GLU A 245 38.89 -31.63 -9.51
CA GLU A 245 37.47 -31.60 -9.92
C GLU A 245 36.55 -30.91 -8.90
N ALA A 246 36.79 -31.16 -7.61
CA ALA A 246 35.85 -30.65 -6.57
C ALA A 246 35.84 -29.13 -6.55
N LEU A 247 36.88 -28.49 -7.07
CA LEU A 247 36.91 -27.04 -7.13
CA LEU A 247 36.90 -27.02 -7.18
C LEU A 247 35.79 -26.49 -8.06
N ASP A 248 35.25 -27.34 -8.93
CA ASP A 248 34.18 -26.91 -9.79
C ASP A 248 32.94 -26.54 -8.94
N VAL A 249 32.84 -27.12 -7.76
CA VAL A 249 31.72 -26.80 -6.85
C VAL A 249 31.81 -25.35 -6.36
N SER A 250 32.97 -24.94 -5.85
CA SER A 250 33.09 -23.52 -5.40
C SER A 250 32.88 -22.57 -6.59
N GLN A 251 33.35 -22.94 -7.79
CA GLN A 251 33.12 -22.05 -8.95
C GLN A 251 31.64 -21.95 -9.32
N HIS A 252 30.93 -23.06 -9.20
CA HIS A 252 29.50 -23.09 -9.51
C HIS A 252 28.75 -22.22 -8.51
N ILE A 253 29.15 -22.25 -7.24
CA ILE A 253 28.50 -21.38 -6.24
C ILE A 253 28.83 -19.93 -6.55
N HIS A 254 30.10 -19.65 -6.87
CA HIS A 254 30.54 -18.32 -7.28
C HIS A 254 29.65 -17.83 -8.41
N ASN A 255 29.47 -18.64 -9.47
CA ASN A 255 28.61 -18.21 -10.57
C ASN A 255 27.16 -17.99 -10.16
N ALA A 256 26.61 -18.91 -9.38
CA ALA A 256 25.27 -18.73 -8.84
C ALA A 256 25.14 -17.39 -8.07
N MET A 257 26.13 -17.06 -7.23
CA MET A 257 26.12 -15.80 -6.45
C MET A 257 26.25 -14.55 -7.33
N VAL A 258 27.17 -14.59 -8.29
CA VAL A 258 27.60 -13.38 -9.01
C VAL A 258 26.81 -13.25 -10.32
N GLU A 259 26.69 -14.32 -11.11
CA GLU A 259 25.94 -14.26 -12.40
C GLU A 259 24.44 -14.39 -12.22
N GLY A 260 24.05 -15.21 -11.25
CA GLY A 260 22.63 -15.51 -10.97
C GLY A 260 21.99 -14.60 -9.92
N ASP A 261 22.81 -13.92 -9.11
CA ASP A 261 22.31 -13.13 -7.95
C ASP A 261 21.39 -13.98 -7.05
N PHE A 262 21.68 -15.29 -6.95
CA PHE A 262 20.89 -16.18 -6.08
C PHE A 262 21.10 -15.90 -4.59
N GLN A 263 20.03 -16.06 -3.82
CA GLN A 263 20.09 -15.77 -2.37
C GLN A 263 20.22 -17.03 -1.54
N ALA A 264 20.11 -18.20 -2.18
CA ALA A 264 20.26 -19.48 -1.48
C ALA A 264 20.81 -20.46 -2.50
N TYR A 265 21.65 -21.38 -2.04
CA TYR A 265 22.23 -22.41 -2.90
C TYR A 265 22.12 -23.70 -2.14
N VAL A 266 21.31 -24.59 -2.68
CA VAL A 266 20.95 -25.84 -2.00
C VAL A 266 21.31 -27.04 -2.88
N TRP A 267 22.21 -27.87 -2.37
CA TRP A 267 22.59 -29.13 -3.02
C TRP A 267 21.47 -30.16 -2.92
N TRP A 268 21.58 -31.22 -3.73
CA TRP A 268 20.71 -32.40 -3.62
C TRP A 268 21.13 -33.17 -2.32
N TYR A 269 21.04 -34.50 -2.29
CA TYR A 269 21.29 -35.22 -1.02
C TYR A 269 22.56 -34.81 -0.25
N ILE A 270 22.42 -34.50 1.03
CA ILE A 270 23.55 -34.08 1.86
C ILE A 270 24.61 -35.20 1.94
N ARG A 271 24.15 -36.42 2.20
CA ARG A 271 25.04 -37.56 2.37
C ARG A 271 24.90 -38.48 1.18
N ARG A 272 25.98 -38.56 0.37
CA ARG A 272 26.00 -39.33 -0.86
C ARG A 272 27.44 -39.36 -1.39
N SER A 273 27.76 -40.36 -2.22
CA SER A 273 29.17 -40.58 -2.60
C SER A 273 29.72 -39.49 -3.49
N TYR A 274 28.82 -38.68 -4.08
CA TYR A 274 29.18 -37.53 -4.90
C TYR A 274 28.77 -36.20 -4.22
N GLY A 275 28.34 -36.30 -2.95
CA GLY A 275 27.82 -35.13 -2.21
C GLY A 275 28.77 -34.51 -1.21
N PRO A 276 28.29 -33.50 -0.44
CA PRO A 276 29.15 -32.81 0.50
C PRO A 276 29.55 -33.63 1.72
N MET A 277 28.74 -34.63 2.06
CA MET A 277 29.06 -35.54 3.16
C MET A 277 29.15 -36.93 2.55
N LYS A 278 30.27 -37.61 2.81
CA LYS A 278 30.45 -38.97 2.29
C LYS A 278 29.63 -39.98 3.12
N GLU A 279 29.50 -41.20 2.61
CA GLU A 279 28.70 -42.21 3.29
C GLU A 279 29.27 -42.57 4.66
N ASP A 280 30.56 -42.37 4.85
CA ASP A 280 31.19 -42.57 6.17
C ASP A 280 30.94 -41.45 7.16
N GLY A 281 30.17 -40.44 6.72
CA GLY A 281 29.80 -39.33 7.58
C GLY A 281 30.83 -38.20 7.67
N THR A 282 31.93 -38.29 6.92
CA THR A 282 32.93 -37.22 6.94
C THR A 282 32.70 -36.30 5.73
N ILE A 283 33.25 -35.10 5.81
CA ILE A 283 33.08 -34.09 4.74
C ILE A 283 33.99 -34.45 3.54
N SER A 284 33.43 -34.38 2.34
CA SER A 284 34.17 -34.63 1.10
C SER A 284 34.86 -33.34 0.63
N LYS A 285 35.77 -33.47 -0.34
CA LYS A 285 36.35 -32.27 -0.95
C LYS A 285 35.25 -31.38 -1.52
N ARG A 286 34.23 -31.97 -2.16
CA ARG A 286 33.10 -31.16 -2.63
C ARG A 286 32.41 -30.40 -1.48
N GLY A 287 32.21 -31.10 -0.36
CA GLY A 287 31.71 -30.48 0.88
C GLY A 287 32.56 -29.33 1.40
N TYR A 288 33.88 -29.48 1.42
CA TYR A 288 34.71 -28.37 1.87
C TYR A 288 34.55 -27.17 0.93
N ASN A 289 34.37 -27.44 -0.35
CA ASN A 289 34.10 -26.36 -1.32
C ASN A 289 32.84 -25.60 -0.97
N MET A 290 31.78 -26.32 -0.57
CA MET A 290 30.55 -25.63 -0.13
C MET A 290 30.77 -24.88 1.17
N ALA A 291 31.56 -25.45 2.06
CA ALA A 291 31.79 -24.85 3.38
C ALA A 291 32.58 -23.55 3.33
N HIS A 292 33.42 -23.37 2.29
CA HIS A 292 34.06 -22.07 2.06
C HIS A 292 33.04 -20.93 1.98
N PHE A 293 31.82 -21.26 1.56
CA PHE A 293 30.70 -20.30 1.62
C PHE A 293 29.86 -20.49 2.88
N SER A 294 29.42 -21.71 3.13
CA SER A 294 28.42 -21.95 4.17
CA SER A 294 28.40 -21.93 4.16
C SER A 294 28.87 -21.55 5.57
N LYS A 295 30.14 -21.83 5.91
CA LYS A 295 30.64 -21.60 7.27
C LYS A 295 30.90 -20.13 7.58
N PHE A 296 30.93 -19.28 6.53
CA PHE A 296 31.37 -17.92 6.69
C PHE A 296 30.34 -16.87 6.24
N VAL A 297 29.63 -17.19 5.16
CA VAL A 297 28.60 -16.26 4.67
C VAL A 297 27.29 -16.68 5.34
N ARG A 298 27.02 -16.08 6.50
CA ARG A 298 25.92 -16.53 7.32
C ARG A 298 24.60 -15.85 6.88
N PRO A 299 23.44 -16.42 7.25
CA PRO A 299 22.16 -15.81 6.89
C PRO A 299 22.13 -14.34 7.27
N GLY A 300 21.72 -13.53 6.31
CA GLY A 300 21.57 -12.10 6.55
C GLY A 300 22.74 -11.27 6.07
N TYR A 301 23.87 -11.93 5.73
CA TYR A 301 24.96 -11.23 5.09
C TYR A 301 24.50 -10.74 3.72
N VAL A 302 25.17 -9.75 3.17
CA VAL A 302 24.77 -9.15 1.89
CA VAL A 302 24.76 -9.25 1.86
C VAL A 302 25.97 -9.32 0.95
N ARG A 303 25.75 -9.83 -0.27
CA ARG A 303 26.87 -9.85 -1.25
C ARG A 303 27.22 -8.39 -1.59
N ILE A 304 28.49 -8.14 -1.87
CA ILE A 304 28.96 -6.79 -2.22
C ILE A 304 29.77 -6.85 -3.49
N ASP A 305 29.91 -5.69 -4.15
CA ASP A 305 30.59 -5.64 -5.44
C ASP A 305 32.07 -5.99 -5.28
N ALA A 306 32.56 -6.92 -6.09
CA ALA A 306 33.99 -7.23 -6.17
C ALA A 306 34.37 -7.62 -7.60
N THR A 307 35.57 -7.21 -8.04
CA THR A 307 36.14 -7.67 -9.33
C THR A 307 36.06 -9.19 -9.43
N LYS A 308 35.22 -9.71 -10.34
CA LYS A 308 34.81 -11.14 -10.24
C LYS A 308 35.80 -12.10 -10.87
N ASN A 309 36.57 -11.62 -11.85
CA ASN A 309 37.50 -12.48 -12.58
C ASN A 309 38.77 -11.66 -12.90
N PRO A 310 39.64 -11.39 -11.89
CA PRO A 310 40.68 -10.38 -12.06
C PRO A 310 41.78 -10.81 -13.02
N ASN A 311 41.98 -12.13 -13.07
CA ASN A 311 43.01 -12.80 -13.86
C ASN A 311 42.52 -14.15 -14.38
N ALA A 312 43.18 -14.71 -15.40
CA ALA A 312 42.77 -15.99 -15.95
C ALA A 312 42.67 -17.00 -14.81
N ASN A 313 41.56 -17.73 -14.79
CA ASN A 313 41.33 -18.83 -13.82
C ASN A 313 41.21 -18.42 -12.34
N VAL A 314 41.08 -17.13 -12.08
CA VAL A 314 40.88 -16.65 -10.70
C VAL A 314 39.48 -16.04 -10.59
N TYR A 315 38.69 -16.56 -9.62
CA TYR A 315 37.29 -16.11 -9.44
C TYR A 315 37.10 -15.58 -8.02
N VAL A 316 36.49 -14.40 -7.87
CA VAL A 316 36.39 -13.77 -6.54
C VAL A 316 34.97 -13.25 -6.31
N SER A 317 34.43 -13.52 -5.13
CA SER A 317 33.19 -12.89 -4.67
C SER A 317 33.35 -12.41 -3.23
N ALA A 318 32.47 -11.50 -2.79
CA ALA A 318 32.63 -10.90 -1.46
C ALA A 318 31.29 -10.56 -0.84
N TYR A 319 31.26 -10.52 0.49
CA TYR A 319 30.00 -10.45 1.27
C TYR A 319 30.32 -9.67 2.55
N LYS A 320 29.31 -9.02 3.14
CA LYS A 320 29.54 -8.38 4.41
C LYS A 320 28.43 -8.71 5.40
N GLY A 321 28.79 -8.74 6.66
CA GLY A 321 27.77 -8.96 7.69
C GLY A 321 28.48 -9.08 9.02
N ASP A 322 27.76 -8.70 10.07
CA ASP A 322 28.22 -8.93 11.46
C ASP A 322 29.62 -8.37 11.70
N ASN A 323 29.88 -7.17 11.20
CA ASN A 323 31.19 -6.50 11.37
C ASN A 323 32.33 -7.17 10.65
N LYS A 324 32.00 -8.00 9.66
CA LYS A 324 33.04 -8.71 8.89
C LYS A 324 32.86 -8.47 7.39
N VAL A 325 33.94 -8.60 6.63
CA VAL A 325 33.89 -8.77 5.17
C VAL A 325 34.47 -10.15 4.85
N VAL A 326 33.75 -10.93 4.03
CA VAL A 326 34.18 -12.28 3.66
C VAL A 326 34.51 -12.27 2.19
N ILE A 327 35.69 -12.79 1.81
CA ILE A 327 36.08 -12.84 0.41
C ILE A 327 36.38 -14.29 0.07
N VAL A 328 35.79 -14.82 -1.02
CA VAL A 328 36.08 -16.21 -1.43
C VAL A 328 36.84 -16.10 -2.77
N ALA A 329 38.06 -16.63 -2.80
CA ALA A 329 38.92 -16.47 -3.97
C ALA A 329 39.38 -17.87 -4.41
N ILE A 330 39.04 -18.19 -5.66
CA ILE A 330 39.27 -19.53 -6.25
C ILE A 330 40.35 -19.41 -7.31
N ASN A 331 41.36 -20.28 -7.24
CA ASN A 331 42.43 -20.35 -8.26
C ASN A 331 42.35 -21.72 -8.94
N LYS A 332 41.85 -21.77 -10.19
CA LYS A 332 41.66 -23.02 -10.89
C LYS A 332 42.83 -23.30 -11.87
N SER A 333 43.95 -22.61 -11.65
CA SER A 333 45.15 -22.82 -12.49
C SER A 333 46.19 -23.69 -11.77
N ASN A 334 47.18 -24.14 -12.54
CA ASN A 334 48.28 -24.87 -11.95
C ASN A 334 49.47 -23.97 -11.57
N THR A 335 49.19 -22.70 -11.30
CA THR A 335 50.22 -21.74 -10.86
C THR A 335 49.69 -21.01 -9.64
N GLY A 336 50.46 -21.01 -8.53
CA GLY A 336 50.14 -20.13 -7.38
C GLY A 336 50.37 -18.69 -7.81
N VAL A 337 49.44 -17.79 -7.45
CA VAL A 337 49.52 -16.39 -7.82
C VAL A 337 49.33 -15.42 -6.65
N ASN A 338 50.06 -14.30 -6.70
CA ASN A 338 49.85 -13.22 -5.72
C ASN A 338 48.75 -12.30 -6.16
N GLN A 339 47.83 -12.04 -5.27
CA GLN A 339 46.65 -11.26 -5.61
C GLN A 339 46.50 -10.12 -4.63
N ASN A 340 46.32 -8.91 -5.16
CA ASN A 340 46.07 -7.74 -4.33
C ASN A 340 44.54 -7.48 -4.18
N PHE A 341 44.12 -7.27 -2.94
CA PHE A 341 42.72 -7.00 -2.59
C PHE A 341 42.62 -5.57 -2.05
N VAL A 342 41.94 -4.72 -2.81
CA VAL A 342 41.80 -3.31 -2.47
C VAL A 342 40.40 -3.16 -1.87
N LEU A 343 40.33 -2.62 -0.66
CA LEU A 343 39.04 -2.44 0.01
C LEU A 343 38.57 -1.00 -0.07
N GLN A 344 37.34 -0.80 -0.52
CA GLN A 344 36.78 0.56 -0.61
C GLN A 344 35.62 0.71 0.37
N ASN A 345 35.61 1.86 1.08
CA ASN A 345 34.50 2.23 1.97
C ASN A 345 34.33 1.30 3.17
N GLY A 346 35.46 0.81 3.65
CA GLY A 346 35.44 -0.14 4.75
C GLY A 346 36.81 -0.36 5.35
N SER A 347 37.10 0.33 6.45
CA SER A 347 38.40 0.23 7.15
C SER A 347 38.58 -1.10 7.85
N ALA A 348 39.77 -1.67 7.74
CA ALA A 348 40.09 -2.96 8.38
C ALA A 348 41.57 -3.04 8.78
N SER A 349 41.94 -3.97 9.65
CA SER A 349 43.38 -4.15 9.90
C SER A 349 43.88 -5.58 9.71
N ASN A 350 43.07 -6.53 10.15
CA ASN A 350 43.47 -7.93 10.29
CA ASN A 350 43.52 -7.93 10.21
C ASN A 350 42.66 -8.85 9.35
N VAL A 351 43.33 -9.79 8.69
CA VAL A 351 42.64 -10.78 7.85
C VAL A 351 43.04 -12.21 8.24
N SER A 352 42.05 -13.05 8.53
CA SER A 352 42.23 -14.49 8.73
C SER A 352 41.83 -15.22 7.45
N ARG A 353 42.42 -16.39 7.19
CA ARG A 353 42.06 -17.16 5.98
C ARG A 353 42.07 -18.66 6.23
N TRP A 354 41.26 -19.39 5.45
CA TRP A 354 41.23 -20.85 5.46
C TRP A 354 41.32 -21.32 4.03
N ILE A 355 42.04 -22.42 3.79
CA ILE A 355 42.41 -22.85 2.42
C ILE A 355 42.05 -24.33 2.25
N THR A 356 41.43 -24.66 1.11
CA THR A 356 41.27 -26.06 0.69
C THR A 356 42.07 -26.27 -0.61
N SER A 357 42.85 -27.35 -0.65
CA SER A 357 43.78 -27.64 -1.73
CA SER A 357 43.72 -27.63 -1.79
C SER A 357 43.84 -29.15 -1.90
N SER A 358 44.72 -29.67 -2.78
CA SER A 358 44.66 -31.14 -2.97
C SER A 358 44.82 -32.03 -1.69
N SER A 359 45.63 -31.54 -0.72
CA SER A 359 45.96 -32.26 0.54
CA SER A 359 45.93 -32.26 0.54
C SER A 359 45.67 -31.41 1.78
N SER A 360 44.72 -30.49 1.70
CA SER A 360 44.36 -29.77 2.90
C SER A 360 42.91 -29.33 2.80
N ASN A 361 42.24 -29.42 3.93
CA ASN A 361 40.80 -29.14 3.97
C ASN A 361 40.49 -28.02 4.97
N LEU A 362 39.97 -26.89 4.45
CA LEU A 362 39.61 -25.72 5.25
CA LEU A 362 39.61 -25.74 5.27
C LEU A 362 40.63 -25.49 6.38
N GLN A 363 41.89 -25.40 6.00
CA GLN A 363 42.98 -25.28 6.95
C GLN A 363 43.46 -23.83 7.06
N PRO A 364 43.68 -23.34 8.29
N PRO A 364 43.65 -23.34 8.30
CA PRO A 364 44.07 -21.96 8.46
CA PRO A 364 44.13 -21.99 8.48
C PRO A 364 45.42 -21.65 7.80
C PRO A 364 45.41 -21.71 7.71
N GLY A 365 45.48 -20.54 7.09
CA GLY A 365 46.73 -19.95 6.63
C GLY A 365 47.22 -18.89 7.61
N THR A 366 48.32 -18.23 7.29
CA THR A 366 48.83 -17.18 8.15
C THR A 366 47.93 -15.94 8.02
N ASN A 367 47.83 -15.19 9.14
CA ASN A 367 47.20 -13.90 9.22
C ASN A 367 47.84 -12.90 8.25
N LEU A 368 47.00 -12.07 7.64
CA LEU A 368 47.49 -10.95 6.84
C LEU A 368 47.09 -9.61 7.45
N THR A 369 47.84 -8.58 7.11
CA THR A 369 47.63 -7.23 7.61
C THR A 369 47.14 -6.36 6.46
N VAL A 370 46.14 -5.54 6.73
CA VAL A 370 45.64 -4.54 5.79
C VAL A 370 46.38 -3.26 6.09
N SER A 371 47.09 -2.73 5.10
CA SER A 371 47.77 -1.43 5.19
C SER A 371 47.36 -0.55 4.04
N GLY A 372 46.99 0.71 4.30
CA GLY A 372 46.56 1.63 3.21
C GLY A 372 45.38 1.06 2.41
N ASN A 373 44.45 0.47 3.14
CA ASN A 373 43.22 -0.12 2.59
C ASN A 373 43.37 -1.23 1.54
N HIS A 374 44.48 -1.98 1.58
CA HIS A 374 44.59 -3.17 0.71
C HIS A 374 45.44 -4.21 1.40
N PHE A 375 45.37 -5.45 0.89
CA PHE A 375 46.28 -6.47 1.36
C PHE A 375 46.61 -7.41 0.22
N TRP A 376 47.88 -7.82 0.14
CA TRP A 376 48.28 -8.91 -0.78
C TRP A 376 48.06 -10.26 -0.11
N ALA A 377 47.60 -11.23 -0.90
CA ALA A 377 47.56 -12.63 -0.46
C ALA A 377 47.90 -13.57 -1.58
N HIS A 378 48.65 -14.63 -1.26
CA HIS A 378 48.93 -15.64 -2.27
C HIS A 378 47.82 -16.68 -2.34
N LEU A 379 47.40 -17.01 -3.57
CA LEU A 379 46.36 -18.02 -3.80
C LEU A 379 47.07 -19.22 -4.44
N PRO A 380 47.27 -20.31 -3.65
CA PRO A 380 47.92 -21.50 -4.22
C PRO A 380 47.26 -22.09 -5.47
N ALA A 381 48.09 -22.73 -6.30
CA ALA A 381 47.57 -23.53 -7.41
C ALA A 381 46.41 -24.46 -7.02
N GLN A 382 45.35 -24.50 -7.85
CA GLN A 382 44.21 -25.40 -7.59
C GLN A 382 43.72 -25.36 -6.12
N SER A 383 43.19 -24.20 -5.73
CA SER A 383 42.78 -23.97 -4.34
C SER A 383 41.64 -22.98 -4.26
N VAL A 384 40.96 -23.02 -3.12
CA VAL A 384 39.99 -21.99 -2.78
C VAL A 384 40.36 -21.46 -1.40
N THR A 385 40.31 -20.14 -1.23
CA THR A 385 40.62 -19.52 0.06
C THR A 385 39.40 -18.73 0.49
N THR A 386 39.02 -18.83 1.76
CA THR A 386 38.09 -17.83 2.28
C THR A 386 38.80 -16.91 3.26
N PHE A 387 38.72 -15.59 2.99
CA PHE A 387 39.32 -14.58 3.89
C PHE A 387 38.20 -14.00 4.74
N VAL A 388 38.53 -13.70 6.00
CA VAL A 388 37.58 -13.02 6.90
C VAL A 388 38.27 -11.79 7.43
N VAL A 389 37.74 -10.64 7.04
CA VAL A 389 38.34 -9.33 7.29
C VAL A 389 37.58 -8.73 8.46
N ASN A 390 38.27 -8.45 9.56
CA ASN A 390 37.57 -7.86 10.71
C ASN A 390 37.57 -6.34 10.61
N ARG A 391 36.36 -5.75 10.51
CA ARG A 391 36.23 -4.30 10.29
C ARG A 391 36.51 -3.49 11.56
N LEU A 392 36.73 -2.19 11.39
CA LEU A 392 37.05 -1.28 12.50
C LEU A 392 35.85 -0.47 12.98
N GLU A 393 34.96 -0.12 12.05
CA GLU A 393 33.80 0.71 12.37
C GLU A 393 32.54 -0.13 12.69
N HIS A 394 32.36 -0.42 13.99
CA HIS A 394 31.18 -1.16 14.46
C HIS A 394 30.04 -0.23 14.92
N HIS A 395 28.90 -0.31 14.23
CA HIS A 395 27.76 0.60 14.47
C HIS A 395 26.78 0.08 15.54
N HIS A 396 25.56 -0.20 15.09
CA HIS A 396 24.37 -0.50 15.91
C HIS A 396 24.20 0.26 17.24
N HIS A 397 24.43 -0.39 18.39
CA HIS A 397 24.26 0.29 19.68
C HIS A 397 25.48 0.21 20.59
N HIS A 398 25.46 0.98 21.66
CA HIS A 398 26.64 1.17 22.53
C HIS A 398 27.91 1.43 21.70
N SER B 3 -14.00 8.91 17.76
CA SER B 3 -13.24 7.69 18.18
C SER B 3 -12.87 7.78 19.66
N ASP B 4 -13.77 7.26 20.48
CA ASP B 4 -13.62 7.26 21.95
C ASP B 4 -12.57 6.27 22.43
N VAL B 5 -12.01 6.56 23.61
CA VAL B 5 -11.22 5.56 24.38
C VAL B 5 -12.18 4.89 25.34
N THR B 6 -12.24 3.56 25.30
CA THR B 6 -12.98 2.78 26.29
C THR B 6 -11.95 2.11 27.21
N VAL B 7 -12.12 2.28 28.53
CA VAL B 7 -11.21 1.72 29.51
C VAL B 7 -12.02 0.68 30.30
N ASN B 8 -11.60 -0.58 30.23
CA ASN B 8 -12.33 -1.69 30.83
C ASN B 8 -11.63 -2.16 32.07
N VAL B 9 -12.14 -1.66 33.18
CA VAL B 9 -11.58 -1.86 34.50
C VAL B 9 -11.48 -3.34 34.87
N SER B 10 -12.37 -4.18 34.33
CA SER B 10 -12.43 -5.59 34.68
CA SER B 10 -12.41 -5.59 34.69
C SER B 10 -11.58 -6.48 33.76
N ALA B 11 -10.97 -5.90 32.73
CA ALA B 11 -10.19 -6.67 31.77
C ALA B 11 -8.70 -6.51 32.07
N GLU B 12 -8.20 -7.33 32.99
CA GLU B 12 -6.85 -7.21 33.50
C GLU B 12 -5.84 -7.85 32.56
N LYS B 13 -4.72 -7.15 32.40
CA LYS B 13 -3.60 -7.61 31.56
C LYS B 13 -2.45 -7.90 32.52
N GLN B 14 -1.22 -7.44 32.23
CA GLN B 14 -0.07 -7.82 33.04
C GLN B 14 0.10 -7.00 34.32
N VAL B 15 0.58 -7.67 35.37
CA VAL B 15 0.95 -6.97 36.63
C VAL B 15 2.28 -6.21 36.45
N ILE B 16 2.30 -4.94 36.82
CA ILE B 16 3.50 -4.08 36.64
C ILE B 16 4.46 -4.24 37.81
N ARG B 17 5.73 -4.52 37.52
CA ARG B 17 6.74 -4.57 38.57
C ARG B 17 7.40 -3.19 38.74
N GLY B 18 7.50 -2.42 37.65
CA GLY B 18 7.91 -1.02 37.72
C GLY B 18 8.79 -0.53 36.58
N PHE B 19 9.52 0.57 36.82
CA PHE B 19 10.20 1.35 35.79
C PHE B 19 11.49 1.86 36.40
N GLY B 20 12.57 1.92 35.63
CA GLY B 20 13.81 2.46 36.20
C GLY B 20 14.94 2.51 35.19
N GLY B 21 16.17 2.33 35.64
CA GLY B 21 17.36 2.47 34.77
C GLY B 21 18.58 1.87 35.41
N MET B 22 19.71 1.99 34.71
CA MET B 22 20.98 1.37 35.11
C MET B 22 21.85 2.32 35.93
N ASN B 23 22.53 1.79 36.93
CA ASN B 23 23.67 2.49 37.56
C ASN B 23 24.93 1.70 37.21
N HIS B 24 26.02 2.38 36.86
CA HIS B 24 27.28 1.69 36.57
C HIS B 24 28.46 2.56 37.01
N PRO B 25 28.95 2.32 38.25
CA PRO B 25 29.96 3.23 38.77
C PRO B 25 31.22 3.27 37.90
N ALA B 26 31.69 2.11 37.46
CA ALA B 26 32.95 2.05 36.65
C ALA B 26 32.81 2.72 35.29
N TRP B 27 31.70 2.45 34.58
CA TRP B 27 31.57 2.95 33.22
C TRP B 27 31.03 4.37 33.09
N ALA B 28 30.10 4.74 33.95
CA ALA B 28 29.38 6.01 33.88
C ALA B 28 29.70 6.98 35.01
N GLY B 29 30.21 6.44 36.14
CA GLY B 29 30.28 7.19 37.39
C GLY B 29 29.04 6.99 38.22
N ASP B 30 29.23 6.65 39.48
CA ASP B 30 28.10 6.40 40.38
C ASP B 30 27.19 7.63 40.53
N LEU B 31 25.90 7.36 40.79
CA LEU B 31 24.98 8.39 41.28
C LEU B 31 25.55 8.96 42.58
N THR B 32 25.41 10.27 42.74
CA THR B 32 25.79 10.93 43.99
C THR B 32 24.63 10.80 44.98
N ALA B 33 24.85 11.17 46.23
CA ALA B 33 23.75 11.11 47.21
C ALA B 33 22.47 11.88 46.75
N ALA B 34 22.65 13.10 46.25
CA ALA B 34 21.48 13.88 45.84
C ALA B 34 20.81 13.23 44.64
N GLN B 35 21.61 12.66 43.74
CA GLN B 35 21.08 12.03 42.51
C GLN B 35 20.29 10.77 42.80
N ARG B 36 20.71 10.00 43.80
CA ARG B 36 19.93 8.85 44.27
C ARG B 36 18.54 9.27 44.74
N GLU B 37 18.43 10.38 45.49
CA GLU B 37 17.11 10.88 45.89
C GLU B 37 16.23 11.26 44.68
N THR B 38 16.83 11.95 43.71
CA THR B 38 16.12 12.39 42.51
C THR B 38 15.63 11.17 41.73
N ALA B 39 16.45 10.12 41.72
CA ALA B 39 16.10 8.93 40.95
C ALA B 39 15.02 8.07 41.60
N PHE B 40 15.14 7.80 42.91
CA PHE B 40 14.27 6.79 43.59
C PHE B 40 13.16 7.35 44.49
N GLY B 41 13.30 8.62 44.93
CA GLY B 41 12.21 9.31 45.63
C GLY B 41 11.05 9.54 44.69
N ASN B 42 9.85 9.70 45.25
CA ASN B 42 8.68 9.97 44.41
C ASN B 42 8.00 11.27 44.79
N GLY B 43 8.78 12.22 45.31
CA GLY B 43 8.25 13.52 45.61
C GLY B 43 8.27 14.42 44.40
N GLN B 44 7.95 15.68 44.64
CA GLN B 44 8.16 16.70 43.65
C GLN B 44 9.62 16.74 43.16
N ASN B 45 9.76 16.87 41.85
N ASN B 45 9.78 16.83 41.85
CA ASN B 45 11.06 16.93 41.16
CA ASN B 45 11.10 16.94 41.23
C ASN B 45 11.90 15.67 41.34
C ASN B 45 11.92 15.67 41.37
N GLN B 46 11.22 14.56 41.57
CA GLN B 46 11.87 13.24 41.65
C GLN B 46 11.22 12.26 40.66
N LEU B 47 12.02 11.32 40.18
CA LEU B 47 11.56 10.42 39.11
C LEU B 47 10.68 9.27 39.56
N GLY B 48 10.79 8.86 40.83
CA GLY B 48 9.97 7.73 41.34
C GLY B 48 10.31 6.41 40.67
N PHE B 49 11.56 6.24 40.23
CA PHE B 49 11.96 4.94 39.69
C PHE B 49 11.83 3.87 40.76
N SER B 50 11.24 2.74 40.36
CA SER B 50 10.97 1.62 41.26
C SER B 50 11.80 0.38 40.99
N ILE B 51 12.65 0.45 39.96
CA ILE B 51 13.60 -0.62 39.64
C ILE B 51 14.99 -0.03 39.38
N LEU B 52 15.99 -0.66 39.99
CA LEU B 52 17.38 -0.33 39.69
C LEU B 52 18.09 -1.56 39.13
N ARG B 53 18.82 -1.36 38.03
CA ARG B 53 19.68 -2.43 37.50
C ARG B 53 21.11 -2.07 37.77
N ILE B 54 21.89 -3.06 38.18
CA ILE B 54 23.33 -2.89 38.40
C ILE B 54 24.04 -4.01 37.62
N HIS B 55 25.36 -3.91 37.52
CA HIS B 55 26.17 -4.95 36.87
C HIS B 55 26.89 -5.83 37.91
N VAL B 56 27.12 -7.07 37.50
CA VAL B 56 27.95 -8.05 38.25
C VAL B 56 29.39 -8.01 37.67
N ASP B 57 30.29 -7.36 38.39
CA ASP B 57 31.65 -7.21 37.86
C ASP B 57 32.30 -8.59 37.81
N GLU B 58 33.10 -8.81 36.77
CA GLU B 58 33.85 -10.05 36.63
C GLU B 58 34.87 -10.20 37.77
N ASN B 59 35.29 -9.07 38.34
CA ASN B 59 36.28 -9.05 39.45
C ASN B 59 35.53 -8.75 40.74
N ARG B 60 35.38 -9.79 41.59
CA ARG B 60 34.68 -9.62 42.89
C ARG B 60 35.21 -8.52 43.85
N ASN B 61 36.45 -8.07 43.62
CA ASN B 61 37.04 -6.97 44.39
C ASN B 61 36.42 -5.62 44.10
N ASN B 62 35.62 -5.56 43.04
CA ASN B 62 34.91 -4.34 42.67
C ASN B 62 33.44 -4.31 43.13
N TRP B 63 32.92 -5.42 43.64
CA TRP B 63 31.49 -5.50 43.97
C TRP B 63 31.04 -4.42 44.97
N TYR B 64 31.93 -4.07 45.92
CA TYR B 64 31.61 -3.03 46.90
C TYR B 64 31.16 -1.68 46.29
N LYS B 65 31.58 -1.40 45.05
CA LYS B 65 31.24 -0.13 44.40
C LYS B 65 29.73 0.07 44.15
N GLU B 66 29.00 -1.04 44.18
CA GLU B 66 27.56 -1.04 43.85
C GLU B 66 26.68 -0.73 45.06
N VAL B 67 27.29 -0.81 46.26
CA VAL B 67 26.47 -0.94 47.48
C VAL B 67 25.66 0.31 47.84
N GLU B 68 26.28 1.48 47.88
CA GLU B 68 25.59 2.68 48.37
C GLU B 68 24.35 3.04 47.55
N THR B 69 24.49 3.02 46.22
CA THR B 69 23.37 3.31 45.35
C THR B 69 22.28 2.22 45.46
N ALA B 70 22.65 0.94 45.53
CA ALA B 70 21.67 -0.12 45.71
C ALA B 70 20.92 0.00 47.05
N LYS B 71 21.66 0.30 48.14
CA LYS B 71 20.99 0.56 49.44
C LYS B 71 19.96 1.69 49.34
N SER B 72 20.31 2.78 48.65
CA SER B 72 19.40 3.91 48.52
C SER B 72 18.14 3.49 47.76
N ALA B 73 18.31 2.75 46.67
CA ALA B 73 17.14 2.22 45.93
C ALA B 73 16.23 1.40 46.86
N VAL B 74 16.81 0.48 47.63
CA VAL B 74 16.05 -0.35 48.56
C VAL B 74 15.36 0.48 49.65
N LYS B 75 16.04 1.51 50.13
CA LYS B 75 15.46 2.40 51.17
C LYS B 75 14.20 3.09 50.67
N HIS B 76 14.20 3.43 49.37
CA HIS B 76 13.06 4.06 48.71
C HIS B 76 12.03 3.04 48.17
N GLY B 77 12.21 1.77 48.50
CA GLY B 77 11.22 0.76 48.12
C GLY B 77 11.39 0.18 46.72
N ALA B 78 12.44 0.58 46.00
CA ALA B 78 12.71 0.00 44.66
C ALA B 78 13.26 -1.42 44.78
N ILE B 79 13.12 -2.20 43.72
CA ILE B 79 13.76 -3.51 43.67
C ILE B 79 15.03 -3.38 42.83
N VAL B 80 16.01 -4.24 43.11
CA VAL B 80 17.33 -4.17 42.45
C VAL B 80 17.59 -5.53 41.76
N PHE B 81 18.02 -5.50 40.49
CA PHE B 81 18.46 -6.73 39.83
C PHE B 81 19.80 -6.48 39.18
N ALA B 82 20.51 -7.54 38.84
CA ALA B 82 21.88 -7.43 38.35
C ALA B 82 22.10 -8.29 37.11
N SER B 83 22.91 -7.76 36.17
CA SER B 83 23.30 -8.49 34.98
C SER B 83 24.84 -8.54 34.87
N PRO B 84 25.39 -9.72 34.52
CA PRO B 84 26.81 -9.87 34.25
C PRO B 84 27.13 -9.62 32.75
N TRP B 85 28.29 -9.05 32.52
CA TRP B 85 28.85 -8.93 31.15
C TRP B 85 29.88 -10.01 30.81
N ASN B 86 30.78 -10.32 31.76
CA ASN B 86 31.76 -11.37 31.53
C ASN B 86 31.88 -12.22 32.79
N PRO B 87 32.05 -13.55 32.63
CA PRO B 87 32.53 -14.37 33.78
C PRO B 87 33.95 -13.91 34.14
N PRO B 88 34.43 -14.27 35.36
CA PRO B 88 35.87 -14.08 35.64
C PRO B 88 36.75 -14.67 34.51
N SER B 89 37.81 -13.96 34.16
CA SER B 89 38.63 -14.31 32.99
C SER B 89 39.18 -15.73 32.96
N ASP B 90 39.49 -16.33 34.12
CA ASP B 90 39.91 -17.75 34.14
C ASP B 90 38.87 -18.73 33.61
N MET B 91 37.60 -18.31 33.52
CA MET B 91 36.52 -19.18 33.08
C MET B 91 36.21 -19.02 31.58
N VAL B 92 36.88 -18.07 30.94
N VAL B 92 36.84 -18.06 30.92
CA VAL B 92 36.62 -17.69 29.54
CA VAL B 92 36.55 -17.81 29.50
C VAL B 92 37.66 -18.32 28.60
C VAL B 92 37.67 -18.16 28.55
N GLU B 93 37.26 -18.62 27.36
CA GLU B 93 38.16 -19.12 26.32
C GLU B 93 37.78 -18.46 24.99
N THR B 94 38.75 -18.40 24.07
CA THR B 94 38.44 -17.98 22.71
C THR B 94 37.96 -19.15 21.89
N PHE B 95 37.19 -18.85 20.84
CA PHE B 95 36.74 -19.87 19.92
C PHE B 95 36.48 -19.21 18.55
N ASN B 96 36.29 -20.05 17.54
CA ASN B 96 36.04 -19.55 16.18
C ASN B 96 34.52 -19.34 15.97
N ARG B 97 34.14 -18.06 15.97
CA ARG B 97 32.74 -17.70 15.70
C ARG B 97 32.64 -17.20 14.26
N ASN B 98 32.18 -18.05 13.36
CA ASN B 98 31.95 -17.67 11.95
C ASN B 98 33.17 -16.98 11.30
N GLY B 99 34.36 -17.46 11.65
CA GLY B 99 35.60 -16.91 11.07
C GLY B 99 36.33 -15.87 11.91
N ASP B 100 35.75 -15.48 13.06
CA ASP B 100 36.42 -14.60 14.01
C ASP B 100 36.98 -15.47 15.14
N THR B 101 38.29 -15.65 15.14
CA THR B 101 38.91 -16.55 16.10
C THR B 101 39.17 -15.86 17.43
N SER B 102 38.77 -14.59 17.55
CA SER B 102 38.93 -13.84 18.81
CA SER B 102 38.92 -13.80 18.78
C SER B 102 37.67 -13.82 19.68
N ALA B 103 36.60 -14.46 19.22
CA ALA B 103 35.31 -14.50 19.98
C ALA B 103 35.50 -15.22 21.31
N LYS B 104 34.81 -14.76 22.38
CA LYS B 104 35.00 -15.35 23.72
C LYS B 104 33.70 -15.98 24.18
N ARG B 105 33.80 -17.09 24.90
CA ARG B 105 32.64 -17.74 25.51
C ARG B 105 33.02 -18.28 26.89
N LEU B 106 32.02 -18.69 27.67
CA LEU B 106 32.27 -19.41 28.93
C LEU B 106 32.71 -20.85 28.63
N LYS B 107 33.82 -21.29 29.25
CA LYS B 107 34.24 -22.69 29.07
C LYS B 107 33.15 -23.64 29.55
N TYR B 108 32.94 -24.71 28.80
CA TYR B 108 31.84 -25.62 29.08
C TYR B 108 31.98 -26.32 30.45
N ASN B 109 33.22 -26.61 30.84
CA ASN B 109 33.48 -27.18 32.17
C ASN B 109 33.52 -26.14 33.30
N LYS B 110 33.16 -24.88 32.99
CA LYS B 110 33.12 -23.84 34.02
C LYS B 110 31.67 -23.35 34.26
N TYR B 111 30.67 -24.04 33.74
CA TYR B 111 29.25 -23.61 34.00
C TYR B 111 28.91 -23.64 35.49
N ALA B 112 29.35 -24.68 36.20
CA ALA B 112 29.08 -24.77 37.65
C ALA B 112 29.83 -23.67 38.41
N ALA B 113 31.08 -23.44 38.03
CA ALA B 113 31.94 -22.40 38.62
C ALA B 113 31.33 -20.98 38.38
N TYR B 114 30.73 -20.82 37.20
CA TYR B 114 30.07 -19.55 36.90
C TYR B 114 28.81 -19.37 37.75
N ALA B 115 27.98 -20.40 37.86
CA ALA B 115 26.79 -20.32 38.74
C ALA B 115 27.19 -19.97 40.18
N GLN B 116 28.30 -20.52 40.66
CA GLN B 116 28.79 -20.16 42.00
C GLN B 116 29.22 -18.69 42.10
N HIS B 117 29.84 -18.14 41.06
CA HIS B 117 30.24 -16.74 40.99
C HIS B 117 28.98 -15.86 41.10
N LEU B 118 27.92 -16.24 40.36
CA LEU B 118 26.67 -15.49 40.45
C LEU B 118 26.07 -15.55 41.89
N ASN B 119 26.05 -16.74 42.48
CA ASN B 119 25.62 -16.88 43.90
C ASN B 119 26.46 -16.07 44.88
N ASP B 120 27.78 -15.99 44.63
CA ASP B 120 28.64 -15.20 45.47
C ASP B 120 28.29 -13.72 45.41
N PHE B 121 27.89 -13.25 44.22
CA PHE B 121 27.43 -11.86 44.13
C PHE B 121 26.11 -11.66 44.91
N VAL B 122 25.17 -12.59 44.78
CA VAL B 122 23.91 -12.50 45.52
C VAL B 122 24.16 -12.44 47.04
N THR B 123 25.05 -13.32 47.51
CA THR B 123 25.47 -13.37 48.93
C THR B 123 26.14 -12.07 49.35
N PHE B 124 27.06 -11.55 48.52
CA PHE B 124 27.70 -10.29 48.83
C PHE B 124 26.70 -9.14 49.02
N MET B 125 25.73 -9.03 48.12
CA MET B 125 24.73 -7.97 48.24
C MET B 125 23.88 -8.17 49.51
N LYS B 126 23.49 -9.41 49.79
CA LYS B 126 22.73 -9.75 51.00
C LYS B 126 23.52 -9.30 52.25
N ASN B 127 24.81 -9.57 52.28
CA ASN B 127 25.63 -9.17 53.43
C ASN B 127 25.80 -7.66 53.55
N ASN B 128 25.46 -6.94 52.49
CA ASN B 128 25.55 -5.48 52.47
C ASN B 128 24.19 -4.83 52.44
N GLY B 129 23.17 -5.56 52.90
CA GLY B 129 21.86 -4.95 53.11
C GLY B 129 20.96 -4.87 51.90
N VAL B 130 21.27 -5.64 50.85
CA VAL B 130 20.46 -5.60 49.64
C VAL B 130 20.01 -6.99 49.29
N ASN B 131 18.70 -7.22 49.38
CA ASN B 131 18.14 -8.49 48.95
C ASN B 131 17.88 -8.43 47.46
N LEU B 132 18.82 -8.94 46.66
CA LEU B 132 18.68 -8.80 45.21
C LEU B 132 17.41 -9.48 44.70
N TYR B 133 16.62 -8.77 43.88
CA TYR B 133 15.35 -9.32 43.41
C TYR B 133 15.60 -10.42 42.37
N ALA B 134 16.59 -10.21 41.51
CA ALA B 134 16.90 -11.18 40.47
C ALA B 134 18.32 -10.98 39.93
N ILE B 135 18.78 -11.99 39.21
CA ILE B 135 20.09 -11.91 38.56
C ILE B 135 19.97 -12.59 37.20
N SER B 136 20.71 -12.05 36.22
CA SER B 136 20.66 -12.54 34.85
C SER B 136 21.84 -13.49 34.55
N VAL B 137 21.63 -14.43 33.62
CA VAL B 137 22.68 -15.36 33.19
C VAL B 137 23.76 -14.61 32.42
N GLN B 138 23.36 -13.61 31.62
CA GLN B 138 24.31 -12.94 30.69
C GLN B 138 23.63 -11.77 30.02
N ASN B 139 24.27 -10.60 30.06
CA ASN B 139 23.81 -9.45 29.26
C ASN B 139 24.08 -9.71 27.76
N GLU B 140 23.03 -9.58 26.93
CA GLU B 140 23.22 -9.64 25.45
C GLU B 140 24.18 -10.72 24.95
N PRO B 141 23.84 -12.01 25.21
CA PRO B 141 24.69 -13.12 24.76
C PRO B 141 24.77 -13.19 23.25
N ASP B 142 23.83 -12.55 22.56
CA ASP B 142 23.76 -12.54 21.08
C ASP B 142 24.29 -11.24 20.43
N TYR B 143 24.95 -10.42 21.23
CA TYR B 143 25.60 -9.20 20.73
C TYR B 143 26.87 -8.95 21.52
N ALA B 144 27.76 -9.96 21.50
CA ALA B 144 28.86 -10.00 22.47
C ALA B 144 30.23 -9.78 21.84
N HIS B 145 30.29 -8.92 20.82
CA HIS B 145 31.58 -8.54 20.23
C HIS B 145 32.59 -8.08 21.27
N GLU B 146 32.12 -7.34 22.27
CA GLU B 146 32.97 -6.77 23.29
CA GLU B 146 32.98 -6.75 23.29
C GLU B 146 32.82 -7.47 24.64
N TRP B 147 32.18 -8.64 24.63
CA TRP B 147 31.97 -9.41 25.88
C TRP B 147 31.94 -10.93 25.68
N THR B 148 30.99 -11.66 26.28
CA THR B 148 30.97 -13.11 26.26
C THR B 148 29.74 -13.65 25.49
N TRP B 149 29.98 -14.36 24.38
CA TRP B 149 28.92 -14.92 23.54
C TRP B 149 28.37 -16.20 24.12
N TRP B 150 27.05 -16.38 24.02
CA TRP B 150 26.42 -17.67 24.25
C TRP B 150 25.46 -17.94 23.10
N THR B 151 25.52 -19.15 22.56
CA THR B 151 24.49 -19.58 21.61
C THR B 151 23.19 -19.95 22.32
N PRO B 152 22.05 -20.04 21.57
CA PRO B 152 20.80 -20.47 22.19
C PRO B 152 20.99 -21.84 22.93
N GLN B 153 21.82 -22.72 22.37
CA GLN B 153 21.96 -24.05 22.98
C GLN B 153 22.85 -24.01 24.24
N GLU B 154 23.83 -23.11 24.27
CA GLU B 154 24.65 -22.91 25.49
C GLU B 154 23.80 -22.33 26.64
N ILE B 155 22.99 -21.32 26.30
CA ILE B 155 22.01 -20.77 27.29
C ILE B 155 21.10 -21.92 27.78
N LEU B 156 20.55 -22.70 26.86
CA LEU B 156 19.66 -23.80 27.22
C LEU B 156 20.36 -24.76 28.21
N ARG B 157 21.59 -25.16 27.90
CA ARG B 157 22.33 -26.09 28.81
C ARG B 157 22.45 -25.51 30.21
N PHE B 158 22.83 -24.24 30.29
CA PHE B 158 22.98 -23.60 31.60
C PHE B 158 21.63 -23.56 32.33
N MET B 159 20.55 -23.21 31.60
CA MET B 159 19.21 -23.11 32.22
C MET B 159 18.73 -24.48 32.76
N ARG B 160 19.03 -25.55 32.02
CA ARG B 160 18.68 -26.90 32.50
C ARG B 160 19.53 -27.36 33.67
N GLU B 161 20.84 -27.18 33.57
CA GLU B 161 21.82 -27.86 34.44
C GLU B 161 22.32 -27.06 35.63
N ASN B 162 22.32 -25.74 35.51
CA ASN B 162 22.96 -24.87 36.48
C ASN B 162 22.07 -23.84 37.17
N ALA B 163 21.07 -23.31 36.43
CA ALA B 163 20.34 -22.14 36.88
C ALA B 163 19.48 -22.45 38.11
N GLY B 164 19.13 -23.72 38.29
CA GLY B 164 18.28 -24.14 39.42
C GLY B 164 19.02 -23.94 40.73
N SER B 165 20.35 -23.83 40.65
CA SER B 165 21.21 -23.67 41.84
C SER B 165 21.34 -22.23 42.29
N ILE B 166 20.78 -21.29 41.53
CA ILE B 166 21.01 -19.87 41.82
C ILE B 166 20.00 -19.41 42.88
N ASN B 167 20.52 -18.75 43.92
CA ASN B 167 19.74 -18.37 45.09
C ASN B 167 18.99 -17.04 44.93
N ALA B 168 18.38 -16.85 43.76
CA ALA B 168 17.64 -15.61 43.49
C ALA B 168 16.74 -15.96 42.30
N ARG B 169 15.78 -15.09 41.99
CA ARG B 169 15.09 -15.22 40.69
C ARG B 169 16.09 -15.11 39.54
N VAL B 170 15.88 -15.92 38.50
CA VAL B 170 16.79 -15.92 37.36
C VAL B 170 16.15 -15.25 36.16
N ILE B 171 16.88 -14.30 35.58
CA ILE B 171 16.53 -13.62 34.31
C ILE B 171 17.32 -14.25 33.16
N ALA B 172 16.63 -14.56 32.05
CA ALA B 172 17.30 -15.03 30.82
C ALA B 172 16.40 -14.68 29.63
N PRO B 173 16.97 -14.51 28.41
CA PRO B 173 18.37 -14.53 28.05
C PRO B 173 18.91 -13.12 27.70
N GLU B 174 18.08 -12.07 27.84
CA GLU B 174 18.52 -10.67 27.58
C GLU B 174 19.12 -10.50 26.15
N SER B 175 18.38 -10.99 25.16
CA SER B 175 18.74 -10.66 23.77
C SER B 175 18.85 -9.14 23.58
N PHE B 176 19.80 -8.68 22.75
CA PHE B 176 19.88 -7.26 22.47
C PHE B 176 18.65 -6.67 21.76
N GLN B 177 17.87 -7.52 21.09
CA GLN B 177 16.80 -7.05 20.20
C GLN B 177 15.56 -7.94 20.24
N TYR B 178 15.39 -8.74 21.30
CA TYR B 178 14.23 -9.62 21.41
C TYR B 178 14.21 -10.62 20.27
N LEU B 179 15.38 -11.17 19.95
CA LEU B 179 15.43 -12.22 18.93
C LEU B 179 14.93 -13.51 19.57
N LYS B 180 13.85 -14.07 19.03
CA LYS B 180 13.14 -15.18 19.69
C LYS B 180 13.95 -16.50 19.66
N ASN B 181 14.88 -16.62 18.71
CA ASN B 181 15.74 -17.81 18.67
C ASN B 181 16.51 -18.03 19.96
N LEU B 182 16.76 -16.94 20.70
CA LEU B 182 17.54 -17.03 21.93
C LEU B 182 16.74 -17.55 23.10
N SER B 183 15.44 -17.26 23.12
CA SER B 183 14.57 -17.66 24.24
C SER B 183 13.67 -18.87 23.92
N ASP B 184 13.37 -19.11 22.65
CA ASP B 184 12.51 -20.24 22.30
C ASP B 184 12.93 -21.59 22.94
N PRO B 185 14.24 -21.93 22.92
CA PRO B 185 14.61 -23.24 23.49
C PRO B 185 14.25 -23.41 24.96
N ILE B 186 14.33 -22.31 25.73
CA ILE B 186 13.95 -22.34 27.14
C ILE B 186 12.43 -22.56 27.27
N LEU B 187 11.61 -21.83 26.50
CA LEU B 187 10.17 -21.94 26.64
C LEU B 187 9.72 -23.34 26.25
N ASN B 188 10.45 -23.96 25.32
CA ASN B 188 10.04 -25.28 24.79
C ASN B 188 10.59 -26.46 25.59
N ASP B 189 11.43 -26.17 26.59
CA ASP B 189 12.04 -27.21 27.46
C ASP B 189 11.52 -27.10 28.92
N PRO B 190 10.68 -28.06 29.35
CA PRO B 190 10.10 -27.89 30.70
C PRO B 190 11.13 -27.72 31.84
N GLN B 191 12.25 -28.43 31.78
CA GLN B 191 13.26 -28.35 32.82
C GLN B 191 13.93 -26.97 32.85
N ALA B 192 14.33 -26.48 31.67
CA ALA B 192 14.89 -25.13 31.55
C ALA B 192 13.87 -24.06 32.00
N LEU B 193 12.65 -24.17 31.51
CA LEU B 193 11.57 -23.22 31.82
C LEU B 193 11.38 -23.13 33.34
N ALA B 194 11.43 -24.29 34.01
CA ALA B 194 11.25 -24.32 35.47
C ALA B 194 12.31 -23.49 36.20
N ASN B 195 13.52 -23.37 35.62
CA ASN B 195 14.59 -22.61 36.26
C ASN B 195 14.68 -21.12 35.86
N MET B 196 13.80 -20.69 34.96
CA MET B 196 13.67 -19.28 34.58
C MET B 196 12.54 -18.66 35.39
N ASP B 197 12.75 -17.48 35.97
CA ASP B 197 11.64 -16.77 36.61
C ASP B 197 11.13 -15.57 35.81
N ILE B 198 12.07 -14.92 35.15
CA ILE B 198 11.81 -13.73 34.36
C ILE B 198 12.45 -13.91 32.97
N LEU B 199 11.62 -13.83 31.93
CA LEU B 199 12.16 -13.74 30.56
C LEU B 199 12.53 -12.26 30.34
N GLY B 200 13.81 -11.97 30.16
CA GLY B 200 14.27 -10.60 29.95
C GLY B 200 14.73 -10.36 28.52
N THR B 201 14.51 -9.15 28.02
CA THR B 201 15.02 -8.77 26.68
C THR B 201 15.34 -7.28 26.63
N HIS B 202 16.19 -6.91 25.68
CA HIS B 202 16.40 -5.52 25.30
C HIS B 202 15.68 -5.27 23.97
N LEU B 203 15.58 -4.00 23.56
CA LEU B 203 14.76 -3.64 22.37
C LEU B 203 15.53 -2.78 21.37
N TYR B 204 16.84 -2.96 21.30
CA TYR B 204 17.64 -2.09 20.39
C TYR B 204 17.40 -2.49 18.94
N GLY B 205 16.75 -1.59 18.21
CA GLY B 205 16.41 -1.86 16.81
C GLY B 205 15.17 -2.73 16.59
N THR B 206 14.49 -3.11 17.66
CA THR B 206 13.29 -3.97 17.57
C THR B 206 12.08 -3.22 16.99
N GLN B 207 11.55 -3.73 15.87
CA GLN B 207 10.32 -3.16 15.28
C GLN B 207 9.12 -3.49 16.19
N VAL B 208 8.10 -2.64 16.13
CA VAL B 208 6.91 -2.84 16.95
C VAL B 208 6.23 -4.19 16.64
N SER B 209 6.30 -4.66 15.38
CA SER B 209 5.73 -5.97 15.01
C SER B 209 6.34 -7.16 15.72
N GLN B 210 7.54 -6.98 16.29
CA GLN B 210 8.26 -8.05 16.95
C GLN B 210 8.09 -7.96 18.46
N PHE B 211 7.24 -7.04 18.92
CA PHE B 211 7.01 -6.89 20.38
C PHE B 211 6.14 -8.05 20.93
N PRO B 212 5.12 -8.51 20.16
CA PRO B 212 4.39 -9.69 20.67
C PRO B 212 5.24 -10.95 20.65
N TYR B 213 4.92 -11.91 21.52
CA TYR B 213 5.67 -13.16 21.55
C TYR B 213 4.68 -14.30 21.82
N PRO B 214 4.08 -14.86 20.74
CA PRO B 214 3.05 -15.87 20.96
C PRO B 214 3.52 -17.07 21.78
N LEU B 215 4.74 -17.55 21.56
CA LEU B 215 5.21 -18.73 22.32
C LEU B 215 5.24 -18.43 23.81
N PHE B 216 5.53 -17.18 24.17
CA PHE B 216 5.54 -16.84 25.60
C PHE B 216 4.10 -16.86 26.16
N LYS B 217 3.15 -16.41 25.34
CA LYS B 217 1.74 -16.45 25.75
C LYS B 217 1.28 -17.89 25.91
N GLN B 218 1.81 -18.77 25.06
CA GLN B 218 1.42 -20.19 25.08
C GLN B 218 2.06 -20.90 26.28
N LYS B 219 3.36 -20.71 26.48
CA LYS B 219 4.10 -21.53 27.44
C LYS B 219 4.54 -20.86 28.74
N GLY B 220 4.37 -19.53 28.81
CA GLY B 220 4.98 -18.74 29.87
C GLY B 220 4.13 -18.45 31.10
N ALA B 221 3.03 -19.17 31.29
CA ALA B 221 2.20 -18.94 32.49
C ALA B 221 3.02 -19.00 33.77
N GLY B 222 2.81 -18.02 34.66
CA GLY B 222 3.53 -18.01 35.90
C GLY B 222 4.95 -17.42 35.82
N LYS B 223 5.34 -16.95 34.63
CA LYS B 223 6.66 -16.35 34.44
C LYS B 223 6.48 -14.85 34.21
N ASP B 224 7.48 -14.06 34.63
CA ASP B 224 7.49 -12.61 34.37
C ASP B 224 8.16 -12.34 33.03
N LEU B 225 7.84 -11.18 32.47
CA LEU B 225 8.39 -10.74 31.19
C LEU B 225 8.86 -9.29 31.36
N TRP B 226 10.17 -9.05 31.24
CA TRP B 226 10.74 -7.74 31.55
C TRP B 226 11.56 -7.21 30.38
N MET B 227 11.51 -5.88 30.21
CA MET B 227 12.36 -5.17 29.26
C MET B 227 13.48 -4.55 30.07
N THR B 228 14.66 -5.18 30.03
CA THR B 228 15.68 -4.91 31.06
C THR B 228 16.70 -3.84 30.67
N GLU B 229 16.70 -3.41 29.39
CA GLU B 229 17.61 -2.34 28.93
C GLU B 229 17.22 -1.79 27.56
N VAL B 230 17.12 -0.47 27.49
CA VAL B 230 17.15 0.20 26.16
C VAL B 230 17.46 1.67 26.36
N TYR B 231 17.87 2.35 25.28
CA TYR B 231 17.64 3.80 25.18
C TYR B 231 16.92 4.01 23.86
N TYR B 232 16.18 5.12 23.75
CA TYR B 232 15.31 5.32 22.59
C TYR B 232 14.90 6.81 22.60
N PRO B 233 14.86 7.46 21.43
CA PRO B 233 15.04 6.95 20.05
C PRO B 233 16.53 6.92 19.61
N ASN B 234 17.42 7.47 20.42
CA ASN B 234 18.85 7.47 20.08
C ASN B 234 19.63 7.79 21.33
N SER B 235 20.96 7.72 21.24
CA SER B 235 21.83 8.17 22.34
C SER B 235 22.64 9.40 21.93
N ASP B 236 22.02 10.31 21.20
CA ASP B 236 22.74 11.48 20.69
C ASP B 236 23.21 12.33 21.86
N THR B 237 24.44 12.85 21.76
CA THR B 237 24.98 13.68 22.83
C THR B 237 24.10 14.91 23.07
N ASN B 238 23.80 15.14 24.35
CA ASN B 238 23.03 16.30 24.79
C ASN B 238 21.66 16.40 24.15
N SER B 239 21.02 15.24 23.95
CA SER B 239 19.69 15.17 23.31
C SER B 239 18.50 15.15 24.29
N ALA B 240 18.77 15.02 25.59
CA ALA B 240 17.69 14.68 26.56
C ALA B 240 16.55 15.68 26.71
N ASP B 241 16.79 16.95 26.38
CA ASP B 241 15.75 17.97 26.44
C ASP B 241 15.09 18.30 25.09
N ARG B 242 15.51 17.64 24.01
CA ARG B 242 14.94 17.94 22.69
C ARG B 242 13.43 17.65 22.69
N TRP B 243 12.63 18.63 22.22
CA TRP B 243 11.17 18.49 22.10
C TRP B 243 10.78 18.87 20.66
N PRO B 244 9.89 18.09 20.02
CA PRO B 244 9.09 17.00 20.58
C PRO B 244 9.78 15.61 20.60
N GLU B 245 11.08 15.52 20.30
CA GLU B 245 11.74 14.23 20.23
C GLU B 245 11.53 13.42 21.54
N ALA B 246 11.53 14.09 22.69
CA ALA B 246 11.40 13.33 23.96
C ALA B 246 10.11 12.53 24.11
N LEU B 247 9.06 12.91 23.36
CA LEU B 247 7.77 12.18 23.40
C LEU B 247 7.96 10.78 22.84
N ASP B 248 9.03 10.59 22.09
CA ASP B 248 9.34 9.24 21.61
C ASP B 248 9.58 8.22 22.75
N VAL B 249 10.02 8.73 23.89
CA VAL B 249 10.29 7.89 25.06
C VAL B 249 8.94 7.39 25.60
N SER B 250 7.95 8.25 25.77
CA SER B 250 6.61 7.80 26.23
CA SER B 250 6.66 7.74 26.27
C SER B 250 5.99 6.83 25.24
N GLN B 251 6.15 7.14 23.94
CA GLN B 251 5.66 6.27 22.85
CA GLN B 251 5.56 6.26 22.95
C GLN B 251 6.24 4.86 22.98
N HIS B 252 7.54 4.81 23.29
CA HIS B 252 8.24 3.53 23.35
C HIS B 252 7.77 2.73 24.55
N ILE B 253 7.61 3.42 25.69
CA ILE B 253 7.12 2.74 26.90
C ILE B 253 5.68 2.26 26.63
N HIS B 254 4.85 3.10 26.01
CA HIS B 254 3.49 2.70 25.60
C HIS B 254 3.53 1.39 24.79
N ASN B 255 4.39 1.35 23.78
CA ASN B 255 4.49 0.16 22.94
C ASN B 255 4.95 -1.05 23.74
N ALA B 256 5.94 -0.84 24.61
CA ALA B 256 6.38 -1.95 25.48
C ALA B 256 5.22 -2.47 26.34
N MET B 257 4.47 -1.54 26.97
CA MET B 257 3.33 -1.93 27.81
C MET B 257 2.18 -2.66 27.09
N VAL B 258 1.79 -2.13 25.93
CA VAL B 258 0.61 -2.56 25.21
C VAL B 258 0.90 -3.59 24.16
N GLU B 259 1.94 -3.40 23.36
CA GLU B 259 2.23 -4.37 22.31
C GLU B 259 3.09 -5.52 22.79
N GLY B 260 3.94 -5.23 23.78
CA GLY B 260 4.82 -6.23 24.34
C GLY B 260 4.32 -6.90 25.62
N ASP B 261 3.28 -6.36 26.28
CA ASP B 261 2.84 -6.82 27.62
C ASP B 261 3.98 -6.92 28.66
N PHE B 262 4.93 -6.01 28.57
CA PHE B 262 6.07 -6.05 29.47
C PHE B 262 5.68 -5.60 30.86
N GLN B 263 6.28 -6.24 31.87
CA GLN B 263 5.96 -5.90 33.27
C GLN B 263 6.98 -4.97 33.89
N ALA B 264 8.07 -4.68 33.17
CA ALA B 264 9.09 -3.79 33.67
C ALA B 264 9.72 -3.10 32.45
N TYR B 265 10.07 -1.82 32.56
CA TYR B 265 10.78 -1.11 31.50
C TYR B 265 11.94 -0.39 32.18
N VAL B 266 13.13 -0.78 31.77
CA VAL B 266 14.36 -0.33 32.43
C VAL B 266 15.26 0.33 31.38
N TRP B 267 15.48 1.64 31.53
CA TRP B 267 16.41 2.39 30.68
C TRP B 267 17.86 1.94 30.95
N TRP B 268 18.77 2.37 30.07
CA TRP B 268 20.20 2.25 30.29
C TRP B 268 20.66 3.30 31.35
N TYR B 269 21.83 3.93 31.23
CA TYR B 269 22.29 4.81 32.34
C TYR B 269 21.23 5.83 32.82
N ILE B 270 20.99 5.86 34.13
CA ILE B 270 20.08 6.87 34.70
C ILE B 270 20.55 8.29 34.42
N ARG B 271 21.83 8.55 34.69
CA ARG B 271 22.36 9.89 34.50
C ARG B 271 23.26 9.89 33.29
N ARG B 272 22.88 10.67 32.27
CA ARG B 272 23.63 10.74 31.02
C ARG B 272 23.03 11.83 30.16
N SER B 273 23.79 12.38 29.21
CA SER B 273 23.29 13.54 28.46
C SER B 273 22.09 13.22 27.52
N TYR B 274 21.82 11.93 27.28
CA TYR B 274 20.62 11.48 26.51
C TYR B 274 19.63 10.70 27.42
N GLY B 275 19.88 10.74 28.73
CA GLY B 275 19.12 9.92 29.70
C GLY B 275 18.05 10.69 30.46
N PRO B 276 17.35 10.00 31.39
CA PRO B 276 16.26 10.65 32.12
C PRO B 276 16.73 11.71 33.15
N MET B 277 17.99 11.61 33.58
CA MET B 277 18.65 12.60 34.47
C MET B 277 19.85 13.16 33.73
N LYS B 278 19.89 14.50 33.63
CA LYS B 278 21.02 15.14 32.96
C LYS B 278 22.25 15.11 33.88
N GLU B 279 23.41 15.43 33.30
CA GLU B 279 24.66 15.42 34.08
C GLU B 279 24.63 16.42 35.22
N ASP B 280 23.85 17.49 35.12
CA ASP B 280 23.73 18.44 36.24
C ASP B 280 22.79 17.95 37.35
N GLY B 281 22.27 16.73 37.22
CA GLY B 281 21.40 16.11 38.23
C GLY B 281 19.91 16.45 38.15
N THR B 282 19.52 17.24 37.16
CA THR B 282 18.12 17.62 37.04
C THR B 282 17.45 16.65 36.04
N ILE B 283 16.12 16.61 36.10
CA ILE B 283 15.35 15.71 35.24
C ILE B 283 15.24 16.32 33.82
N SER B 284 15.53 15.50 32.81
CA SER B 284 15.44 15.93 31.40
C SER B 284 14.02 15.77 30.87
N LYS B 285 13.73 16.35 29.71
CA LYS B 285 12.43 16.08 29.04
C LYS B 285 12.19 14.56 28.82
N ARG B 286 13.22 13.81 28.44
CA ARG B 286 13.09 12.35 28.35
C ARG B 286 12.73 11.74 29.70
N GLY B 287 13.34 12.26 30.78
CA GLY B 287 12.97 11.81 32.13
C GLY B 287 11.55 12.09 32.54
N TYR B 288 11.07 13.29 32.22
CA TYR B 288 9.65 13.55 32.52
C TYR B 288 8.73 12.58 31.75
N ASN B 289 9.07 12.27 30.49
CA ASN B 289 8.31 11.27 29.78
C ASN B 289 8.28 9.92 30.53
N MET B 290 9.42 9.47 31.05
CA MET B 290 9.42 8.23 31.85
C MET B 290 8.58 8.40 33.10
N ALA B 291 8.66 9.57 33.70
CA ALA B 291 7.96 9.86 34.97
C ALA B 291 6.43 9.79 34.84
N HIS B 292 5.91 10.07 33.63
CA HIS B 292 4.49 9.94 33.38
C HIS B 292 3.97 8.52 33.63
N PHE B 293 4.87 7.54 33.51
CA PHE B 293 4.61 6.18 33.96
C PHE B 293 5.13 5.95 35.37
N SER B 294 6.42 6.21 35.58
CA SER B 294 7.02 5.73 36.83
C SER B 294 6.44 6.34 38.12
N LYS B 295 6.08 7.63 38.09
CA LYS B 295 5.57 8.28 39.32
C LYS B 295 4.18 7.81 39.71
N PHE B 296 3.41 7.35 38.70
CA PHE B 296 1.99 7.10 38.88
C PHE B 296 1.57 5.65 38.80
N VAL B 297 2.27 4.86 37.97
CA VAL B 297 1.99 3.43 37.79
C VAL B 297 2.94 2.69 38.73
N ARG B 298 2.50 2.47 39.96
CA ARG B 298 3.38 1.93 40.99
C ARG B 298 3.45 0.42 40.97
N PRO B 299 4.48 -0.16 41.60
CA PRO B 299 4.57 -1.61 41.61
C PRO B 299 3.31 -2.29 42.14
N GLY B 300 2.87 -3.33 41.44
CA GLY B 300 1.64 -4.05 41.80
C GLY B 300 0.36 -3.56 41.15
N TYR B 301 0.40 -2.39 40.50
CA TYR B 301 -0.70 -1.98 39.62
C TYR B 301 -0.77 -2.99 38.49
N VAL B 302 -1.93 -3.07 37.85
CA VAL B 302 -2.13 -3.98 36.74
CA VAL B 302 -2.18 -4.00 36.76
C VAL B 302 -2.63 -3.20 35.55
N ARG B 303 -2.03 -3.46 34.40
CA ARG B 303 -2.52 -2.84 33.19
C ARG B 303 -3.92 -3.39 32.91
N ILE B 304 -4.79 -2.51 32.42
CA ILE B 304 -6.11 -2.93 32.00
C ILE B 304 -6.36 -2.54 30.54
N ASP B 305 -7.30 -3.24 29.92
CA ASP B 305 -7.65 -2.98 28.53
C ASP B 305 -8.10 -1.55 28.32
N ALA B 306 -7.56 -0.90 27.30
CA ALA B 306 -7.96 0.46 26.96
C ALA B 306 -7.67 0.67 25.48
N THR B 307 -8.56 1.39 24.82
CA THR B 307 -8.34 1.74 23.41
C THR B 307 -6.95 2.35 23.21
N LYS B 308 -6.09 1.66 22.47
CA LYS B 308 -4.68 1.97 22.42
C LYS B 308 -4.26 3.13 21.52
N ASN B 309 -4.99 3.35 20.43
CA ASN B 309 -4.53 4.33 19.42
C ASN B 309 -5.79 4.95 18.84
N PRO B 310 -6.56 5.73 19.65
CA PRO B 310 -7.93 6.12 19.31
C PRO B 310 -8.00 7.16 18.19
N ASN B 311 -6.92 7.90 17.99
CA ASN B 311 -6.83 8.86 16.90
C ASN B 311 -5.43 8.82 16.36
N ALA B 312 -5.25 9.28 15.13
CA ALA B 312 -3.89 9.31 14.58
C ALA B 312 -2.94 10.08 15.54
N ASN B 313 -1.78 9.46 15.84
CA ASN B 313 -0.71 10.08 16.63
C ASN B 313 -1.09 10.22 18.10
N VAL B 314 -2.19 9.57 18.52
CA VAL B 314 -2.61 9.58 19.95
C VAL B 314 -2.53 8.14 20.49
N TYR B 315 -1.82 7.97 21.61
CA TYR B 315 -1.56 6.61 22.12
C TYR B 315 -1.97 6.60 23.60
N VAL B 316 -2.73 5.57 24.01
CA VAL B 316 -3.33 5.57 25.35
C VAL B 316 -3.12 4.21 25.97
N SER B 317 -2.75 4.21 27.25
CA SER B 317 -2.71 2.99 28.06
C SER B 317 -3.25 3.27 29.44
N ALA B 318 -3.70 2.22 30.14
CA ALA B 318 -4.37 2.44 31.44
C ALA B 318 -4.01 1.32 32.42
N TYR B 319 -4.06 1.65 33.70
CA TYR B 319 -3.58 0.77 34.78
C TYR B 319 -4.48 0.96 35.98
N LYS B 320 -4.65 -0.08 36.77
CA LYS B 320 -5.41 0.10 38.00
C LYS B 320 -4.63 -0.35 39.21
N GLY B 321 -4.79 0.40 40.30
CA GLY B 321 -4.19 -0.01 41.59
C GLY B 321 -4.58 0.98 42.67
N ASP B 322 -4.58 0.52 43.94
CA ASP B 322 -4.84 1.46 45.03
C ASP B 322 -6.16 2.25 44.84
N ASN B 323 -7.22 1.57 44.37
CA ASN B 323 -8.53 2.16 44.13
CA ASN B 323 -8.53 2.20 44.20
C ASN B 323 -8.50 3.36 43.18
N LYS B 324 -7.57 3.32 42.22
CA LYS B 324 -7.50 4.39 41.20
C LYS B 324 -7.34 3.73 39.85
N VAL B 325 -7.60 4.51 38.81
CA VAL B 325 -7.22 4.14 37.45
C VAL B 325 -6.25 5.22 36.94
N VAL B 326 -5.12 4.80 36.37
CA VAL B 326 -4.13 5.74 35.83
C VAL B 326 -4.21 5.59 34.32
N ILE B 327 -4.33 6.72 33.61
CA ILE B 327 -4.38 6.71 32.15
C ILE B 327 -3.27 7.58 31.58
N VAL B 328 -2.46 7.00 30.67
CA VAL B 328 -1.37 7.80 30.06
C VAL B 328 -1.71 8.03 28.59
N ALA B 329 -1.90 9.31 28.24
CA ALA B 329 -2.39 9.68 26.89
C ALA B 329 -1.34 10.58 26.24
N ILE B 330 -0.78 10.10 25.14
CA ILE B 330 0.29 10.75 24.42
C ILE B 330 -0.24 11.30 23.11
N ASN B 331 -0.02 12.60 22.87
CA ASN B 331 -0.39 13.24 21.59
C ASN B 331 0.85 13.73 20.88
N LYS B 332 1.28 13.01 19.86
CA LYS B 332 2.53 13.33 19.18
C LYS B 332 2.34 14.28 18.02
N SER B 333 1.10 14.62 17.67
CA SER B 333 0.90 15.59 16.58
C SER B 333 0.98 17.04 17.06
N ASN B 334 1.00 17.97 16.12
CA ASN B 334 1.01 19.40 16.46
C ASN B 334 -0.36 20.05 16.42
N THR B 335 -1.38 19.29 16.73
CA THR B 335 -2.73 19.79 16.85
C THR B 335 -3.26 19.38 18.20
N GLY B 336 -4.05 20.25 18.83
CA GLY B 336 -4.78 19.84 20.05
C GLY B 336 -5.83 18.79 19.70
N VAL B 337 -6.07 17.84 20.57
CA VAL B 337 -7.05 16.77 20.32
C VAL B 337 -8.05 16.71 21.47
N ASN B 338 -9.34 16.79 21.16
CA ASN B 338 -10.34 16.48 22.20
C ASN B 338 -10.64 14.99 22.22
N GLN B 339 -10.35 14.36 23.35
CA GLN B 339 -10.48 12.93 23.46
C GLN B 339 -11.50 12.59 24.54
N ASN B 340 -12.49 11.77 24.19
CA ASN B 340 -13.40 11.21 25.17
C ASN B 340 -12.84 9.92 25.76
N PHE B 341 -12.98 9.80 27.09
CA PHE B 341 -12.58 8.62 27.84
C PHE B 341 -13.79 8.04 28.55
N VAL B 342 -14.09 6.77 28.26
CA VAL B 342 -15.29 6.11 28.79
C VAL B 342 -14.84 4.94 29.69
N LEU B 343 -15.37 4.90 30.90
CA LEU B 343 -15.00 3.90 31.89
C LEU B 343 -16.06 2.80 31.88
N GLN B 344 -15.63 1.58 31.60
CA GLN B 344 -16.52 0.41 31.64
C GLN B 344 -16.25 -0.48 32.83
N ASN B 345 -17.34 -1.09 33.32
CA ASN B 345 -17.30 -2.12 34.38
C ASN B 345 -16.71 -1.60 35.68
N GLY B 346 -16.75 -0.29 35.84
CA GLY B 346 -16.25 0.36 37.04
C GLY B 346 -16.80 1.77 37.07
N SER B 347 -16.97 2.30 38.27
CA SER B 347 -17.34 3.72 38.44
C SER B 347 -16.16 4.48 39.01
N ALA B 348 -16.25 5.80 38.96
CA ALA B 348 -15.15 6.69 39.38
C ALA B 348 -15.61 8.14 39.52
N SER B 349 -14.75 8.97 40.10
CA SER B 349 -15.15 10.30 40.50
C SER B 349 -14.21 11.40 40.01
N ASN B 350 -13.32 11.89 40.89
CA ASN B 350 -12.39 12.97 40.56
C ASN B 350 -11.26 12.51 39.61
N VAL B 351 -10.90 13.34 38.65
CA VAL B 351 -9.77 13.04 37.77
C VAL B 351 -8.73 14.13 37.96
N SER B 352 -7.52 13.78 38.41
CA SER B 352 -6.42 14.74 38.47
C SER B 352 -5.59 14.50 37.22
N ARG B 353 -4.81 15.49 36.81
CA ARG B 353 -3.96 15.33 35.63
C ARG B 353 -2.70 16.17 35.67
N TRP B 354 -1.65 15.64 35.06
CA TRP B 354 -0.37 16.32 34.92
C TRP B 354 0.02 16.22 33.49
N ILE B 355 0.57 17.31 32.95
CA ILE B 355 0.92 17.42 31.54
C ILE B 355 2.35 17.88 31.37
N THR B 356 3.11 17.17 30.54
CA THR B 356 4.41 17.63 30.11
C THR B 356 4.33 17.99 28.62
N SER B 357 4.81 19.19 28.30
CA SER B 357 4.80 19.73 26.94
C SER B 357 6.15 20.41 26.70
N SER B 358 6.27 21.11 25.58
CA SER B 358 7.52 21.82 25.26
C SER B 358 7.81 22.83 26.35
N SER B 359 6.77 23.33 27.02
CA SER B 359 6.89 24.59 27.76
C SER B 359 6.86 24.48 29.29
N SER B 360 6.47 23.31 29.83
CA SER B 360 6.45 23.05 31.27
C SER B 360 6.43 21.54 31.53
N ASN B 361 6.76 21.15 32.75
CA ASN B 361 6.92 19.72 33.12
C ASN B 361 6.01 19.28 34.21
N LEU B 362 5.33 18.16 34.00
CA LEU B 362 4.40 17.61 34.99
C LEU B 362 3.54 18.73 35.63
N GLN B 363 2.99 19.58 34.76
CA GLN B 363 2.20 20.68 35.25
CA GLN B 363 2.19 20.73 35.17
C GLN B 363 0.79 20.22 35.52
N PRO B 364 0.34 20.43 36.76
CA PRO B 364 -1.02 20.05 37.11
C PRO B 364 -2.01 20.76 36.18
N GLY B 365 -3.05 20.04 35.81
CA GLY B 365 -4.18 20.61 35.10
C GLY B 365 -5.32 20.81 36.06
N THR B 366 -6.42 21.40 35.59
CA THR B 366 -7.62 21.49 36.42
C THR B 366 -8.18 20.11 36.54
N ASN B 367 -8.80 19.82 37.68
N ASN B 367 -8.77 19.83 37.70
CA ASN B 367 -9.42 18.54 37.92
CA ASN B 367 -9.47 18.58 37.91
C ASN B 367 -10.75 18.39 37.19
C ASN B 367 -10.64 18.49 36.93
N LEU B 368 -10.89 17.27 36.48
CA LEU B 368 -12.07 16.97 35.71
C LEU B 368 -12.88 15.99 36.55
N THR B 369 -14.09 15.70 36.08
CA THR B 369 -14.90 14.76 36.80
C THR B 369 -15.46 13.75 35.81
N VAL B 370 -15.69 12.53 36.29
CA VAL B 370 -16.37 11.53 35.50
C VAL B 370 -17.86 11.87 35.60
N SER B 371 -18.48 12.20 34.46
CA SER B 371 -19.91 12.51 34.40
C SER B 371 -20.61 11.34 33.74
N GLY B 372 -21.51 10.68 34.49
CA GLY B 372 -22.08 9.40 34.06
C GLY B 372 -20.95 8.38 34.10
N ASN B 373 -20.44 8.00 32.93
CA ASN B 373 -19.27 7.10 32.92
C ASN B 373 -18.10 7.61 32.08
N HIS B 374 -18.06 8.91 31.82
CA HIS B 374 -17.04 9.43 30.89
C HIS B 374 -16.52 10.81 31.24
N PHE B 375 -15.39 11.16 30.64
CA PHE B 375 -14.96 12.53 30.67
C PHE B 375 -14.24 12.88 29.39
N TRP B 376 -14.47 14.09 28.90
CA TRP B 376 -13.72 14.66 27.78
C TRP B 376 -12.47 15.33 28.32
N ALA B 377 -11.36 15.22 27.61
CA ALA B 377 -10.15 15.95 27.99
C ALA B 377 -9.45 16.45 26.75
N HIS B 378 -8.94 17.68 26.81
CA HIS B 378 -8.15 18.20 25.70
C HIS B 378 -6.71 17.79 25.84
N LEU B 379 -6.16 17.18 24.80
CA LEU B 379 -4.74 16.76 24.84
C LEU B 379 -3.98 17.79 24.02
N PRO B 380 -3.17 18.64 24.68
CA PRO B 380 -2.46 19.67 23.89
C PRO B 380 -1.53 19.12 22.82
N ALA B 381 -1.25 19.93 21.79
CA ALA B 381 -0.22 19.59 20.79
C ALA B 381 1.08 19.14 21.45
N GLN B 382 1.65 18.04 20.92
CA GLN B 382 2.98 17.55 21.35
C GLN B 382 3.08 17.49 22.85
N SER B 383 2.23 16.65 23.44
CA SER B 383 2.22 16.56 24.92
C SER B 383 1.93 15.16 25.39
N VAL B 384 2.31 14.92 26.64
CA VAL B 384 1.84 13.69 27.34
C VAL B 384 1.10 14.07 28.59
N THR B 385 -0.04 13.41 28.83
CA THR B 385 -0.86 13.66 30.04
C THR B 385 -0.98 12.39 30.82
N THR B 386 -0.80 12.44 32.14
CA THR B 386 -1.25 11.32 32.98
C THR B 386 -2.46 11.76 33.78
N PHE B 387 -3.55 11.00 33.61
CA PHE B 387 -4.78 11.18 34.41
C PHE B 387 -4.76 10.20 35.56
N VAL B 388 -5.19 10.65 36.73
CA VAL B 388 -5.40 9.75 37.85
C VAL B 388 -6.87 9.86 38.29
N VAL B 389 -7.61 8.79 38.07
CA VAL B 389 -9.04 8.78 38.31
C VAL B 389 -9.26 8.11 39.64
N ASN B 390 -9.84 8.85 40.59
CA ASN B 390 -10.02 8.32 41.94
C ASN B 390 -11.35 7.59 42.20
N ARG B 391 -11.43 6.93 43.35
CA ARG B 391 -12.67 6.28 43.84
C ARG B 391 -13.20 5.23 42.88
N LEU B 392 -12.30 4.39 42.40
CA LEU B 392 -12.67 3.28 41.55
C LEU B 392 -13.84 2.41 42.10
N GLU B 393 -13.79 2.04 43.37
N GLU B 393 -13.79 2.03 43.38
CA GLU B 393 -14.98 1.45 43.99
CA GLU B 393 -14.93 1.37 44.03
C GLU B 393 -15.29 2.21 45.28
C GLU B 393 -15.18 1.94 45.44
N HIS B 394 -16.43 1.90 45.89
CA HIS B 394 -16.82 2.49 47.19
C HIS B 394 -18.06 1.77 47.73
N HIS B 395 -18.03 1.43 49.02
CA HIS B 395 -19.19 0.77 49.65
C HIS B 395 -20.37 1.74 49.91
N HIS B 396 -20.20 3.03 49.64
CA HIS B 396 -21.34 3.97 49.78
C HIS B 396 -21.73 4.64 48.45
N ALA C 2 -10.10 -24.52 0.73
CA ALA C 2 -10.07 -24.94 2.17
C ALA C 2 -11.22 -24.30 2.93
N SER C 3 -11.97 -25.12 3.67
CA SER C 3 -13.15 -24.58 4.35
C SER C 3 -12.82 -23.67 5.54
N ASP C 4 -11.77 -24.01 6.31
CA ASP C 4 -11.47 -23.30 7.57
C ASP C 4 -10.83 -21.91 7.41
N VAL C 5 -11.51 -20.91 7.95
CA VAL C 5 -10.99 -19.54 8.05
C VAL C 5 -10.71 -19.29 9.54
N THR C 6 -9.44 -19.18 9.91
CA THR C 6 -9.06 -18.90 11.31
C THR C 6 -9.03 -17.40 11.54
N VAL C 7 -9.83 -16.93 12.50
CA VAL C 7 -9.94 -15.51 12.85
C VAL C 7 -9.44 -15.36 14.29
N ASN C 8 -8.35 -14.63 14.46
CA ASN C 8 -7.71 -14.57 15.79
C ASN C 8 -7.90 -13.19 16.41
N VAL C 9 -8.81 -13.15 17.36
CA VAL C 9 -9.24 -11.93 18.01
C VAL C 9 -8.09 -11.27 18.78
N SER C 10 -7.10 -12.06 19.22
CA SER C 10 -5.99 -11.51 19.97
CA SER C 10 -5.99 -11.48 19.98
C SER C 10 -4.81 -11.06 19.10
N ALA C 11 -4.90 -11.30 17.79
CA ALA C 11 -3.81 -10.91 16.89
C ALA C 11 -4.16 -9.59 16.17
N GLU C 12 -3.83 -8.47 16.80
CA GLU C 12 -4.27 -7.15 16.30
C GLU C 12 -3.36 -6.64 15.20
N LYS C 13 -3.98 -6.03 14.19
CA LYS C 13 -3.24 -5.40 13.09
C LYS C 13 -3.49 -3.89 13.19
N GLN C 14 -3.86 -3.24 12.11
CA GLN C 14 -3.93 -1.77 12.18
C GLN C 14 -5.27 -1.25 12.69
N VAL C 15 -5.26 -0.06 13.31
CA VAL C 15 -6.49 0.60 13.77
CA VAL C 15 -6.51 0.58 13.77
C VAL C 15 -7.11 1.37 12.59
N ILE C 16 -8.38 1.14 12.36
CA ILE C 16 -9.05 1.73 11.20
C ILE C 16 -9.57 3.13 11.50
N ARG C 17 -9.21 4.12 10.66
CA ARG C 17 -9.81 5.44 10.78
C ARG C 17 -11.10 5.59 10.01
N GLY C 18 -11.20 4.90 8.87
CA GLY C 18 -12.45 4.91 8.15
C GLY C 18 -12.35 4.81 6.64
N PHE C 19 -13.45 5.17 5.99
CA PHE C 19 -13.64 4.95 4.55
C PHE C 19 -14.42 6.15 4.01
N GLY C 20 -14.11 6.61 2.79
CA GLY C 20 -14.89 7.70 2.29
C GLY C 20 -14.49 8.10 0.88
N GLY C 21 -14.54 9.41 0.63
CA GLY C 21 -14.23 9.90 -0.71
C GLY C 21 -14.11 11.41 -0.75
N MET C 22 -14.00 11.90 -1.99
CA MET C 22 -13.66 13.28 -2.31
C MET C 22 -14.91 14.12 -2.64
N ASN C 23 -14.95 15.34 -2.11
CA ASN C 23 -15.92 16.35 -2.63
C ASN C 23 -15.10 17.43 -3.35
N HIS C 24 -15.57 17.88 -4.52
CA HIS C 24 -14.88 18.98 -5.22
C HIS C 24 -15.92 19.86 -5.93
N PRO C 25 -16.39 20.90 -5.23
CA PRO C 25 -17.48 21.73 -5.79
C PRO C 25 -17.11 22.31 -7.18
N ALA C 26 -15.90 22.84 -7.35
CA ALA C 26 -15.53 23.38 -8.68
C ALA C 26 -15.46 22.36 -9.82
N TRP C 27 -14.81 21.22 -9.58
CA TRP C 27 -14.59 20.26 -10.63
C TRP C 27 -15.79 19.34 -10.90
N ALA C 28 -16.49 18.95 -9.82
CA ALA C 28 -17.58 17.98 -9.92
C ALA C 28 -18.98 18.52 -9.62
N GLY C 29 -19.07 19.66 -8.95
CA GLY C 29 -20.35 20.12 -8.42
C GLY C 29 -20.45 19.61 -6.99
N ASP C 30 -20.82 20.50 -6.06
CA ASP C 30 -20.90 20.15 -4.63
C ASP C 30 -22.00 19.07 -4.42
N LEU C 31 -21.81 18.22 -3.41
CA LEU C 31 -22.92 17.42 -2.93
C LEU C 31 -24.08 18.33 -2.53
N THR C 32 -25.30 17.93 -2.88
CA THR C 32 -26.51 18.60 -2.36
C THR C 32 -26.80 18.23 -0.89
N ALA C 33 -27.74 18.92 -0.26
CA ALA C 33 -28.11 18.58 1.11
C ALA C 33 -28.53 17.09 1.27
N ALA C 34 -29.33 16.57 0.34
CA ALA C 34 -29.83 15.19 0.45
C ALA C 34 -28.67 14.21 0.25
N GLN C 35 -27.76 14.60 -0.63
CA GLN C 35 -26.60 13.73 -0.96
C GLN C 35 -25.60 13.67 0.18
N ARG C 36 -25.46 14.76 0.95
CA ARG C 36 -24.63 14.73 2.15
C ARG C 36 -25.17 13.71 3.16
N GLU C 37 -26.49 13.64 3.32
CA GLU C 37 -27.12 12.65 4.21
C GLU C 37 -26.83 11.23 3.73
N THR C 38 -26.98 11.01 2.42
CA THR C 38 -26.73 9.69 1.85
C THR C 38 -25.27 9.29 2.02
N ALA C 39 -24.36 10.27 1.92
CA ALA C 39 -22.94 9.96 1.97
C ALA C 39 -22.47 9.68 3.41
N PHE C 40 -22.90 10.52 4.36
CA PHE C 40 -22.28 10.51 5.70
C PHE C 40 -23.14 9.92 6.81
N GLY C 41 -24.45 9.83 6.55
CA GLY C 41 -25.35 9.11 7.48
C GLY C 41 -25.04 7.62 7.45
N ASN C 42 -25.41 6.91 8.52
CA ASN C 42 -25.26 5.45 8.50
C ASN C 42 -26.56 4.69 8.72
N GLY C 43 -27.66 5.29 8.30
CA GLY C 43 -28.96 4.61 8.31
C GLY C 43 -29.14 3.71 7.08
N GLN C 44 -30.32 3.13 6.93
CA GLN C 44 -30.68 2.42 5.68
C GLN C 44 -30.54 3.30 4.43
N ASN C 45 -29.97 2.72 3.37
CA ASN C 45 -29.76 3.44 2.15
C ASN C 45 -28.81 4.61 2.26
N GLN C 46 -27.94 4.56 3.25
CA GLN C 46 -26.85 5.55 3.36
C GLN C 46 -25.50 4.82 3.42
N LEU C 47 -24.43 5.48 2.98
CA LEU C 47 -23.12 4.84 2.76
C LEU C 47 -22.29 4.74 4.05
N GLY C 48 -22.61 5.58 5.04
CA GLY C 48 -21.84 5.56 6.30
C GLY C 48 -20.36 5.92 6.12
N PHE C 49 -20.08 6.77 5.13
CA PHE C 49 -18.71 7.25 4.97
C PHE C 49 -18.29 8.03 6.21
N SER C 50 -17.08 7.70 6.67
CA SER C 50 -16.55 8.25 7.91
C SER C 50 -15.35 9.18 7.66
N ILE C 51 -14.99 9.40 6.39
CA ILE C 51 -13.90 10.30 6.05
C ILE C 51 -14.32 11.07 4.81
N LEU C 52 -14.09 12.39 4.85
CA LEU C 52 -14.27 13.28 3.70
C LEU C 52 -12.95 13.92 3.30
N ARG C 53 -12.58 13.84 2.03
CA ARG C 53 -11.41 14.60 1.56
C ARG C 53 -11.95 15.81 0.79
N ILE C 54 -11.29 16.94 0.98
CA ILE C 54 -11.60 18.19 0.27
C ILE C 54 -10.29 18.72 -0.30
N HIS C 55 -10.38 19.72 -1.19
CA HIS C 55 -9.16 20.36 -1.72
C HIS C 55 -8.88 21.72 -1.10
N VAL C 56 -7.60 22.12 -1.11
CA VAL C 56 -7.18 23.46 -0.68
C VAL C 56 -6.98 24.31 -1.94
N ASP C 57 -7.90 25.22 -2.19
CA ASP C 57 -7.78 26.02 -3.42
C ASP C 57 -6.55 26.94 -3.32
N GLU C 58 -5.86 27.11 -4.44
CA GLU C 58 -4.72 28.04 -4.51
C GLU C 58 -5.20 29.49 -4.26
N ASN C 59 -6.48 29.74 -4.53
CA ASN C 59 -7.12 31.05 -4.34
C ASN C 59 -8.01 31.06 -3.10
N ARG C 60 -7.55 31.75 -2.06
CA ARG C 60 -8.24 31.77 -0.76
C ARG C 60 -9.67 32.30 -0.76
N ASN C 61 -10.04 33.04 -1.81
CA ASN C 61 -11.38 33.53 -1.96
C ASN C 61 -12.39 32.43 -2.36
N ASN C 62 -11.87 31.24 -2.66
CA ASN C 62 -12.70 30.05 -3.00
C ASN C 62 -12.89 29.08 -1.83
N TRP C 63 -12.17 29.29 -0.75
CA TRP C 63 -12.22 28.39 0.41
C TRP C 63 -13.64 28.23 0.95
N TYR C 64 -14.44 29.30 0.93
CA TYR C 64 -15.78 29.25 1.50
C TYR C 64 -16.66 28.16 0.84
N LYS C 65 -16.31 27.76 -0.38
CA LYS C 65 -17.09 26.79 -1.14
C LYS C 65 -17.09 25.39 -0.50
N GLU C 66 -16.14 25.13 0.37
CA GLU C 66 -15.95 23.79 0.94
C GLU C 66 -16.76 23.56 2.22
N VAL C 67 -17.25 24.67 2.77
CA VAL C 67 -17.68 24.68 4.16
C VAL C 67 -18.96 23.85 4.44
N GLU C 68 -20.01 24.03 3.63
CA GLU C 68 -21.31 23.36 3.85
CA GLU C 68 -21.28 23.36 3.94
C GLU C 68 -21.17 21.84 3.93
N THR C 69 -20.47 21.29 2.95
CA THR C 69 -20.34 19.83 2.88
C THR C 69 -19.42 19.34 3.98
N ALA C 70 -18.35 20.09 4.27
CA ALA C 70 -17.44 19.70 5.36
C ALA C 70 -18.14 19.74 6.72
N LYS C 71 -19.01 20.72 6.92
CA LYS C 71 -19.80 20.80 8.17
C LYS C 71 -20.73 19.60 8.33
N SER C 72 -21.42 19.21 7.26
CA SER C 72 -22.27 18.03 7.29
C SER C 72 -21.52 16.77 7.66
N ALA C 73 -20.35 16.56 7.06
CA ALA C 73 -19.50 15.43 7.40
C ALA C 73 -19.24 15.40 8.90
N VAL C 74 -18.78 16.52 9.46
CA VAL C 74 -18.49 16.66 10.90
C VAL C 74 -19.72 16.37 11.76
N LYS C 75 -20.86 16.89 11.33
CA LYS C 75 -22.13 16.67 12.03
C LYS C 75 -22.44 15.18 12.15
N HIS C 76 -22.17 14.43 11.09
CA HIS C 76 -22.37 12.98 11.07
C HIS C 76 -21.23 12.18 11.67
N GLY C 77 -20.23 12.85 12.23
CA GLY C 77 -19.16 12.19 12.95
C GLY C 77 -17.98 11.80 12.09
N ALA C 78 -17.97 12.21 10.83
CA ALA C 78 -16.85 11.92 9.93
C ALA C 78 -15.71 12.88 10.20
N ILE C 79 -14.49 12.48 9.81
CA ILE C 79 -13.33 13.38 9.91
C ILE C 79 -13.07 13.94 8.52
N VAL C 80 -12.42 15.09 8.45
CA VAL C 80 -12.24 15.79 7.19
C VAL C 80 -10.76 16.14 7.04
N PHE C 81 -10.16 15.81 5.89
CA PHE C 81 -8.79 16.20 5.60
C PHE C 81 -8.74 16.88 4.24
N ALA C 82 -7.65 17.60 3.99
CA ALA C 82 -7.54 18.46 2.77
C ALA C 82 -6.20 18.27 2.07
N SER C 83 -6.25 18.24 0.74
CA SER C 83 -5.05 18.18 -0.08
C SER C 83 -5.00 19.36 -1.04
N PRO C 84 -3.80 19.94 -1.21
CA PRO C 84 -3.61 21.02 -2.18
C PRO C 84 -3.13 20.48 -3.53
N TRP C 85 -3.57 21.12 -4.63
CA TRP C 85 -3.02 20.77 -5.93
C TRP C 85 -1.92 21.77 -6.38
N ASN C 86 -2.13 23.05 -6.12
CA ASN C 86 -1.13 24.10 -6.44
C ASN C 86 -1.02 25.14 -5.31
N PRO C 87 0.19 25.66 -5.06
CA PRO C 87 0.34 26.87 -4.23
C PRO C 87 -0.27 28.07 -4.95
N PRO C 88 -0.56 29.17 -4.21
CA PRO C 88 -0.98 30.45 -4.82
C PRO C 88 0.00 30.79 -5.95
N SER C 89 -0.50 31.37 -7.04
CA SER C 89 0.32 31.45 -8.28
C SER C 89 1.56 32.31 -8.13
N ASP C 90 1.52 33.30 -7.24
CA ASP C 90 2.71 34.13 -6.98
C ASP C 90 3.87 33.36 -6.35
N MET C 91 3.60 32.18 -5.80
CA MET C 91 4.67 31.34 -5.23
C MET C 91 5.24 30.28 -6.19
N VAL C 92 4.69 30.20 -7.41
CA VAL C 92 5.01 29.11 -8.35
C VAL C 92 5.83 29.65 -9.52
N GLU C 93 6.78 28.86 -10.02
CA GLU C 93 7.53 29.21 -11.23
C GLU C 93 7.47 28.03 -12.21
N THR C 94 7.64 28.31 -13.50
CA THR C 94 7.85 27.23 -14.47
C THR C 94 9.34 26.89 -14.54
N PHE C 95 9.65 25.67 -14.98
CA PHE C 95 11.02 25.24 -15.17
C PHE C 95 11.02 24.18 -16.25
N ASN C 96 12.20 23.86 -16.77
CA ASN C 96 12.32 22.84 -17.81
C ASN C 96 12.44 21.46 -17.17
N ARG C 97 11.33 20.72 -17.15
CA ARG C 97 11.37 19.37 -16.62
C ARG C 97 11.52 18.34 -17.75
N ASN C 98 12.76 17.92 -17.97
CA ASN C 98 13.02 16.88 -18.98
CA ASN C 98 13.11 16.93 -19.03
C ASN C 98 12.45 17.25 -20.36
N GLY C 99 12.47 18.53 -20.72
CA GLY C 99 11.99 18.96 -22.04
C GLY C 99 10.63 19.65 -22.01
N ASP C 100 9.90 19.49 -20.91
CA ASP C 100 8.60 20.15 -20.74
C ASP C 100 8.80 21.50 -20.06
N THR C 101 8.72 22.57 -20.84
CA THR C 101 8.96 23.88 -20.27
C THR C 101 7.75 24.48 -19.57
N SER C 102 6.61 23.77 -19.58
CA SER C 102 5.42 24.27 -18.89
C SER C 102 5.36 23.78 -17.43
N ALA C 103 6.28 22.90 -17.06
CA ALA C 103 6.31 22.27 -15.72
C ALA C 103 6.35 23.33 -14.60
N LYS C 104 5.57 23.14 -13.53
CA LYS C 104 5.54 24.13 -12.44
C LYS C 104 6.11 23.55 -11.17
N ARG C 105 6.70 24.41 -10.33
CA ARG C 105 7.18 23.99 -9.00
C ARG C 105 7.03 25.15 -8.02
N LEU C 106 7.14 24.85 -6.74
CA LEU C 106 7.18 25.91 -5.72
C LEU C 106 8.57 26.59 -5.73
N LYS C 107 8.57 27.92 -5.79
CA LYS C 107 9.84 28.66 -5.77
C LYS C 107 10.62 28.32 -4.50
N TYR C 108 11.93 28.18 -4.62
CA TYR C 108 12.75 27.70 -3.51
C TYR C 108 12.79 28.68 -2.34
N ASN C 109 12.48 29.95 -2.62
CA ASN C 109 12.44 30.95 -1.53
C ASN C 109 11.03 31.17 -0.99
N LYS C 110 10.08 30.31 -1.35
CA LYS C 110 8.70 30.50 -0.95
C LYS C 110 8.17 29.33 -0.11
N TYR C 111 9.09 28.53 0.45
CA TYR C 111 8.66 27.29 1.22
C TYR C 111 7.96 27.74 2.51
N ALA C 112 8.51 28.76 3.18
CA ALA C 112 7.85 29.22 4.41
C ALA C 112 6.50 29.83 4.09
N ALA C 113 6.40 30.58 2.99
CA ALA C 113 5.15 31.22 2.60
C ALA C 113 4.05 30.17 2.30
N TYR C 114 4.48 29.06 1.71
CA TYR C 114 3.56 27.98 1.37
C TYR C 114 3.04 27.31 2.63
N ALA C 115 3.92 27.01 3.57
CA ALA C 115 3.48 26.47 4.86
C ALA C 115 2.46 27.43 5.51
N GLN C 116 2.69 28.75 5.40
CA GLN C 116 1.72 29.73 5.93
C GLN C 116 0.34 29.68 5.26
N HIS C 117 0.34 29.50 3.94
CA HIS C 117 -0.90 29.33 3.18
C HIS C 117 -1.68 28.09 3.70
N LEU C 118 -0.96 27.00 3.95
CA LEU C 118 -1.59 25.77 4.46
C LEU C 118 -2.15 26.03 5.86
N ASN C 119 -1.34 26.66 6.72
CA ASN C 119 -1.84 27.08 8.04
C ASN C 119 -3.08 27.97 7.96
N ASP C 120 -3.09 28.88 6.99
CA ASP C 120 -4.23 29.76 6.80
C ASP C 120 -5.50 29.02 6.43
N PHE C 121 -5.37 27.98 5.60
CA PHE C 121 -6.52 27.15 5.27
C PHE C 121 -7.07 26.45 6.53
N VAL C 122 -6.18 25.86 7.33
CA VAL C 122 -6.55 25.19 8.62
C VAL C 122 -7.32 26.18 9.52
N THR C 123 -6.78 27.39 9.63
CA THR C 123 -7.40 28.44 10.45
C THR C 123 -8.78 28.85 9.92
N PHE C 124 -8.85 29.08 8.61
CA PHE C 124 -10.12 29.35 7.97
C PHE C 124 -11.16 28.29 8.28
N MET C 125 -10.81 27.01 8.08
CA MET C 125 -11.81 25.97 8.34
C MET C 125 -12.23 25.96 9.81
N LYS C 126 -11.26 26.14 10.71
CA LYS C 126 -11.58 26.14 12.14
C LYS C 126 -12.57 27.25 12.43
N ASN C 127 -12.36 28.40 11.81
CA ASN C 127 -13.28 29.54 12.05
C ASN C 127 -14.69 29.29 11.52
N ASN C 128 -14.81 28.32 10.62
CA ASN C 128 -16.08 27.91 10.06
C ASN C 128 -16.62 26.61 10.64
N GLY C 129 -16.15 26.24 11.82
CA GLY C 129 -16.68 25.09 12.56
C GLY C 129 -16.18 23.74 12.08
N VAL C 130 -15.06 23.73 11.36
CA VAL C 130 -14.48 22.45 10.90
C VAL C 130 -13.03 22.37 11.39
N ASN C 131 -12.77 21.43 12.31
CA ASN C 131 -11.44 21.19 12.82
C ASN C 131 -10.85 20.11 11.93
N LEU C 132 -10.06 20.51 10.94
CA LEU C 132 -9.48 19.54 10.01
C LEU C 132 -8.60 18.53 10.73
N TYR C 133 -8.78 17.29 10.34
CA TYR C 133 -7.99 16.20 10.92
C TYR C 133 -6.57 16.23 10.48
N ALA C 134 -6.30 16.68 9.24
CA ALA C 134 -4.96 16.67 8.70
C ALA C 134 -4.99 17.45 7.39
N ILE C 135 -3.79 17.86 6.96
CA ILE C 135 -3.59 18.54 5.69
C ILE C 135 -2.37 17.99 5.00
N SER C 136 -2.45 17.77 3.68
CA SER C 136 -1.33 17.25 2.91
C SER C 136 -0.44 18.37 2.35
N VAL C 137 0.83 18.06 2.13
CA VAL C 137 1.82 18.98 1.51
CA VAL C 137 1.77 19.02 1.53
CA VAL C 137 1.74 19.05 1.53
C VAL C 137 1.53 19.24 0.02
N GLN C 138 1.08 18.19 -0.68
CA GLN C 138 0.86 18.22 -2.12
C GLN C 138 0.19 16.93 -2.59
N ASN C 139 -0.85 17.07 -3.39
CA ASN C 139 -1.41 15.97 -4.17
C ASN C 139 -0.46 15.51 -5.27
N GLU C 140 -0.16 14.20 -5.30
CA GLU C 140 0.66 13.61 -6.39
C GLU C 140 1.81 14.49 -6.91
N PRO C 141 2.81 14.79 -6.06
CA PRO C 141 3.97 15.59 -6.49
C PRO C 141 4.77 14.92 -7.59
N ASP C 142 4.60 13.60 -7.74
CA ASP C 142 5.31 12.79 -8.72
C ASP C 142 4.46 12.47 -9.97
N TYR C 143 3.33 13.15 -10.12
CA TYR C 143 2.49 13.02 -11.34
C TYR C 143 1.82 14.33 -11.65
N ALA C 144 2.62 15.41 -11.71
CA ALA C 144 2.07 16.74 -11.67
C ALA C 144 2.08 17.44 -13.03
N HIS C 145 1.88 16.67 -14.10
CA HIS C 145 1.75 17.25 -15.45
C HIS C 145 0.81 18.45 -15.45
N GLU C 146 -0.29 18.35 -14.71
CA GLU C 146 -1.31 19.39 -14.67
C GLU C 146 -1.35 20.22 -13.38
N TRP C 147 -0.34 20.08 -12.51
CA TRP C 147 -0.32 20.81 -11.23
C TRP C 147 1.13 21.12 -10.81
N THR C 148 1.50 20.96 -9.54
CA THR C 148 2.82 21.41 -9.14
C THR C 148 3.69 20.21 -8.81
N TRP C 149 4.83 20.11 -9.50
CA TRP C 149 5.80 19.01 -9.29
C TRP C 149 6.65 19.27 -8.06
N TRP C 150 6.96 18.22 -7.29
CA TRP C 150 8.06 18.22 -6.33
C TRP C 150 8.89 16.96 -6.47
N THR C 151 10.22 17.12 -6.62
CA THR C 151 11.14 15.99 -6.54
C THR C 151 11.17 15.42 -5.10
N PRO C 152 11.67 14.19 -4.92
CA PRO C 152 11.79 13.64 -3.58
C PRO C 152 12.68 14.55 -2.69
N GLN C 153 13.73 15.15 -3.27
CA GLN C 153 14.60 16.05 -2.50
C GLN C 153 13.90 17.36 -2.11
N GLU C 154 13.05 17.89 -2.98
CA GLU C 154 12.25 19.11 -2.67
C GLU C 154 11.26 18.81 -1.53
N ILE C 155 10.55 17.68 -1.63
CA ILE C 155 9.62 17.25 -0.58
C ILE C 155 10.37 17.07 0.75
N LEU C 156 11.51 16.37 0.73
CA LEU C 156 12.31 16.16 1.93
C LEU C 156 12.73 17.48 2.57
N ARG C 157 13.17 18.43 1.76
CA ARG C 157 13.57 19.75 2.33
C ARG C 157 12.39 20.41 3.04
N PHE C 158 11.21 20.45 2.41
CA PHE C 158 10.00 21.03 3.03
C PHE C 158 9.63 20.25 4.32
N MET C 159 9.74 18.91 4.28
CA MET C 159 9.39 18.12 5.47
C MET C 159 10.34 18.46 6.65
N ARG C 160 11.61 18.65 6.35
CA ARG C 160 12.62 18.98 7.39
C ARG C 160 12.38 20.39 7.91
N GLU C 161 12.24 21.35 7.00
CA GLU C 161 12.44 22.77 7.35
C GLU C 161 11.17 23.56 7.59
N ASN C 162 10.07 23.11 7.01
CA ASN C 162 8.84 23.85 7.03
C ASN C 162 7.62 23.13 7.62
N ALA C 163 7.54 21.82 7.44
CA ALA C 163 6.31 21.11 7.82
C ALA C 163 6.05 21.18 9.34
N GLY C 164 7.13 21.29 10.12
CA GLY C 164 7.05 21.44 11.58
C GLY C 164 6.26 22.66 12.03
N SER C 165 6.14 23.66 11.15
CA SER C 165 5.44 24.92 11.43
CA SER C 165 5.44 24.90 11.51
C SER C 165 3.93 24.81 11.27
N ILE C 166 3.47 23.75 10.62
CA ILE C 166 2.06 23.57 10.38
C ILE C 166 1.31 23.09 11.65
N ASN C 167 0.29 23.85 12.04
CA ASN C 167 -0.45 23.60 13.29
C ASN C 167 -1.62 22.70 13.00
N ALA C 168 -1.28 21.51 12.50
CA ALA C 168 -2.25 20.47 12.12
C ALA C 168 -1.49 19.18 11.92
N ARG C 169 -2.18 18.04 11.82
CA ARG C 169 -1.47 16.83 11.37
C ARG C 169 -1.10 17.02 9.92
N VAL C 170 0.08 16.49 9.56
CA VAL C 170 0.63 16.63 8.20
C VAL C 170 0.65 15.27 7.48
N ILE C 171 0.02 15.21 6.30
CA ILE C 171 0.09 14.05 5.43
C ILE C 171 1.14 14.29 4.36
N ALA C 172 1.96 13.28 4.09
CA ALA C 172 2.88 13.34 2.95
C ALA C 172 3.25 11.93 2.53
N PRO C 173 3.68 11.74 1.26
CA PRO C 173 3.77 12.69 0.15
C PRO C 173 2.69 12.47 -0.95
N GLU C 174 1.76 11.54 -0.72
CA GLU C 174 0.67 11.30 -1.69
C GLU C 174 1.18 10.98 -3.11
N SER C 175 2.12 10.04 -3.21
CA SER C 175 2.52 9.51 -4.54
C SER C 175 1.29 9.01 -5.32
N PHE C 176 1.28 9.22 -6.65
CA PHE C 176 0.16 8.66 -7.42
C PHE C 176 0.08 7.14 -7.40
N GLN C 177 1.20 6.45 -7.15
CA GLN C 177 1.27 4.99 -7.34
C GLN C 177 1.98 4.32 -6.17
N TYR C 178 2.04 4.98 -5.00
CA TYR C 178 2.86 4.43 -3.91
C TYR C 178 4.32 4.12 -4.33
N LEU C 179 4.93 5.05 -5.07
CA LEU C 179 6.33 4.92 -5.47
C LEU C 179 7.17 5.24 -4.23
N LYS C 180 7.91 4.24 -3.76
CA LYS C 180 8.67 4.37 -2.49
C LYS C 180 9.81 5.39 -2.57
N ASN C 181 10.24 5.72 -3.79
CA ASN C 181 11.33 6.72 -3.91
C ASN C 181 10.89 8.08 -3.38
N LEU C 182 9.58 8.35 -3.36
CA LEU C 182 9.08 9.65 -2.93
C LEU C 182 9.01 9.74 -1.40
N SER C 183 8.78 8.60 -0.72
CA SER C 183 8.58 8.57 0.73
C SER C 183 9.81 8.06 1.49
N ASP C 184 10.65 7.23 0.84
CA ASP C 184 11.85 6.70 1.50
C ASP C 184 12.72 7.82 2.15
N PRO C 185 13.01 8.93 1.43
CA PRO C 185 13.87 9.94 2.10
C PRO C 185 13.28 10.53 3.39
N ILE C 186 11.96 10.65 3.45
CA ILE C 186 11.28 11.12 4.69
C ILE C 186 11.46 10.08 5.79
N LEU C 187 11.15 8.81 5.49
CA LEU C 187 11.29 7.76 6.51
C LEU C 187 12.73 7.62 7.02
N ASN C 188 13.69 7.89 6.13
CA ASN C 188 15.10 7.71 6.48
C ASN C 188 15.76 8.90 7.20
N ASP C 189 15.03 10.00 7.33
CA ASP C 189 15.56 11.20 7.98
C ASP C 189 14.74 11.47 9.24
N PRO C 190 15.36 11.34 10.42
CA PRO C 190 14.60 11.56 11.65
C PRO C 190 13.87 12.88 11.76
N GLN C 191 14.48 13.97 11.29
CA GLN C 191 13.85 15.28 11.38
C GLN C 191 12.64 15.41 10.47
N ALA C 192 12.76 14.89 9.25
CA ALA C 192 11.60 14.91 8.32
C ALA C 192 10.50 13.98 8.84
N LEU C 193 10.88 12.79 9.27
CA LEU C 193 9.90 11.78 9.75
C LEU C 193 9.12 12.34 10.93
N ALA C 194 9.81 13.06 11.83
CA ALA C 194 9.11 13.66 12.97
C ALA C 194 7.99 14.60 12.58
N ASN C 195 8.16 15.30 11.44
CA ASN C 195 7.18 16.26 10.98
C ASN C 195 6.07 15.65 10.07
N MET C 196 6.11 14.34 9.84
CA MET C 196 5.06 13.62 9.10
C MET C 196 4.21 12.92 10.13
N ASP C 197 2.91 13.17 10.12
CA ASP C 197 1.99 12.45 11.02
C ASP C 197 1.33 11.24 10.37
N ILE C 198 1.06 11.37 9.06
CA ILE C 198 0.37 10.33 8.29
C ILE C 198 1.14 10.17 6.99
N LEU C 199 1.55 8.94 6.69
CA LEU C 199 2.08 8.64 5.36
CA LEU C 199 2.09 8.59 5.37
C LEU C 199 0.87 8.37 4.47
N GLY C 200 0.65 9.24 3.48
CA GLY C 200 -0.48 9.08 2.55
C GLY C 200 0.01 8.64 1.17
N THR C 201 -0.78 7.80 0.49
CA THR C 201 -0.45 7.44 -0.90
C THR C 201 -1.73 7.23 -1.69
N HIS C 202 -1.62 7.26 -3.03
CA HIS C 202 -2.69 6.80 -3.93
C HIS C 202 -2.23 5.45 -4.49
N LEU C 203 -3.13 4.76 -5.21
CA LEU C 203 -2.78 3.42 -5.67
C LEU C 203 -3.06 3.25 -7.16
N TYR C 204 -2.88 4.31 -7.96
CA TYR C 204 -3.22 4.21 -9.38
C TYR C 204 -2.20 3.38 -10.12
N GLY C 205 -2.57 2.14 -10.48
CA GLY C 205 -1.63 1.26 -11.16
C GLY C 205 -0.71 0.47 -10.26
N THR C 206 -0.93 0.60 -8.95
CA THR C 206 -0.11 -0.13 -8.02
C THR C 206 -0.58 -1.60 -7.94
N GLN C 207 0.34 -2.53 -8.18
CA GLN C 207 0.02 -3.94 -8.04
C GLN C 207 0.23 -4.42 -6.60
N VAL C 208 -0.45 -5.52 -6.28
CA VAL C 208 -0.51 -6.01 -4.89
C VAL C 208 0.85 -6.30 -4.28
N SER C 209 1.81 -6.76 -5.09
CA SER C 209 3.15 -7.00 -4.57
C SER C 209 3.82 -5.73 -4.05
N GLN C 210 3.35 -4.57 -4.52
CA GLN C 210 3.89 -3.26 -4.07
C GLN C 210 3.07 -2.60 -2.96
N PHE C 211 2.06 -3.30 -2.43
CA PHE C 211 1.24 -2.80 -1.31
C PHE C 211 2.02 -2.83 0.03
N PRO C 212 2.86 -3.87 0.28
CA PRO C 212 3.62 -3.84 1.52
C PRO C 212 4.70 -2.75 1.46
N TYR C 213 5.10 -2.29 2.64
CA TYR C 213 6.18 -1.28 2.74
C TYR C 213 7.08 -1.54 3.95
N PRO C 214 8.08 -2.41 3.78
CA PRO C 214 8.94 -2.84 4.89
C PRO C 214 9.58 -1.66 5.62
N LEU C 215 9.99 -0.62 4.89
CA LEU C 215 10.67 0.52 5.55
C LEU C 215 9.69 1.24 6.47
N PHE C 216 8.41 1.30 6.10
CA PHE C 216 7.42 1.86 7.04
C PHE C 216 7.22 1.00 8.32
N LYS C 217 7.21 -0.32 8.18
CA LYS C 217 7.16 -1.20 9.34
C LYS C 217 8.35 -0.97 10.29
N GLN C 218 9.49 -0.65 9.70
CA GLN C 218 10.74 -0.45 10.45
C GLN C 218 10.75 0.92 11.14
N LYS C 219 10.45 1.98 10.39
CA LYS C 219 10.68 3.32 10.91
CA LYS C 219 10.65 3.36 10.84
C LYS C 219 9.40 4.10 11.33
N GLY C 220 8.22 3.54 11.04
CA GLY C 220 6.97 4.26 11.25
C GLY C 220 6.24 4.25 12.57
N ALA C 221 6.88 3.81 13.66
CA ALA C 221 6.20 3.85 14.96
C ALA C 221 5.57 5.22 15.26
N GLY C 222 4.32 5.26 15.73
CA GLY C 222 3.70 6.52 16.08
C GLY C 222 2.99 7.24 14.93
N LYS C 223 3.04 6.63 13.73
CA LYS C 223 2.49 7.26 12.53
C LYS C 223 1.27 6.52 12.03
N ASP C 224 0.42 7.20 11.29
CA ASP C 224 -0.71 6.56 10.57
C ASP C 224 -0.34 6.35 9.11
N LEU C 225 -1.00 5.40 8.46
CA LEU C 225 -0.74 5.05 7.04
C LEU C 225 -2.10 5.08 6.30
N TRP C 226 -2.28 6.00 5.36
CA TRP C 226 -3.60 6.24 4.74
C TRP C 226 -3.56 6.12 3.22
N MET C 227 -4.63 5.55 2.63
CA MET C 227 -4.75 5.50 1.18
C MET C 227 -5.74 6.62 0.84
N THR C 228 -5.24 7.73 0.30
CA THR C 228 -6.03 8.98 0.28
C THR C 228 -6.78 9.26 -1.03
N GLU C 229 -6.56 8.42 -2.05
CA GLU C 229 -7.30 8.59 -3.31
C GLU C 229 -7.10 7.39 -4.22
N VAL C 230 -8.23 6.87 -4.74
CA VAL C 230 -8.17 5.93 -5.89
C VAL C 230 -9.58 5.85 -6.46
N TYR C 231 -9.67 5.40 -7.70
CA TYR C 231 -10.86 4.72 -8.20
C TYR C 231 -10.34 3.42 -8.81
N TYR C 232 -11.20 2.41 -8.82
CA TYR C 232 -10.79 1.07 -9.25
C TYR C 232 -12.07 0.29 -9.52
N PRO C 233 -12.08 -0.57 -10.57
CA PRO C 233 -10.98 -0.92 -11.47
C PRO C 233 -10.78 0.04 -12.64
N ASN C 234 -11.71 0.97 -12.83
CA ASN C 234 -11.62 1.94 -13.93
C ASN C 234 -12.56 3.10 -13.63
N SER C 235 -12.53 4.12 -14.48
CA SER C 235 -13.49 5.23 -14.39
C SER C 235 -14.44 5.27 -15.61
N ASP C 236 -14.76 4.09 -16.15
CA ASP C 236 -15.65 4.00 -17.33
C ASP C 236 -17.00 4.66 -17.03
N THR C 237 -17.56 5.35 -18.04
CA THR C 237 -18.84 6.01 -17.88
C THR C 237 -19.91 4.99 -17.60
N ASN C 238 -20.72 5.27 -16.57
CA ASN C 238 -21.84 4.39 -16.19
C ASN C 238 -21.40 2.97 -15.84
N SER C 239 -20.23 2.84 -15.22
CA SER C 239 -19.72 1.53 -14.82
C SER C 239 -20.15 1.19 -13.41
N ALA C 240 -20.74 2.14 -12.66
CA ALA C 240 -20.86 1.92 -11.20
C ALA C 240 -21.84 0.83 -10.83
N ASP C 241 -22.79 0.49 -11.71
CA ASP C 241 -23.70 -0.64 -11.42
C ASP C 241 -23.34 -1.95 -12.12
N ARG C 242 -22.22 -2.00 -12.83
CA ARG C 242 -21.84 -3.25 -13.51
C ARG C 242 -21.55 -4.39 -12.53
N TRP C 243 -22.16 -5.55 -12.78
CA TRP C 243 -21.98 -6.72 -11.93
C TRP C 243 -21.57 -7.89 -12.82
N PRO C 244 -20.56 -8.68 -12.44
CA PRO C 244 -19.82 -8.67 -11.17
C PRO C 244 -18.62 -7.73 -11.08
N GLU C 245 -18.43 -6.86 -12.07
CA GLU C 245 -17.26 -5.96 -12.02
C GLU C 245 -17.15 -5.19 -10.69
N ALA C 246 -18.29 -4.78 -10.14
CA ALA C 246 -18.28 -3.96 -8.91
C ALA C 246 -17.63 -4.68 -7.73
N LEU C 247 -17.61 -6.01 -7.75
CA LEU C 247 -16.92 -6.74 -6.68
C LEU C 247 -15.40 -6.48 -6.66
N ASP C 248 -14.85 -5.99 -7.77
CA ASP C 248 -13.44 -5.59 -7.78
C ASP C 248 -13.17 -4.48 -6.75
N VAL C 249 -14.20 -3.69 -6.43
CA VAL C 249 -14.07 -2.61 -5.45
C VAL C 249 -13.84 -3.19 -4.03
N SER C 250 -14.71 -4.09 -3.59
CA SER C 250 -14.45 -4.73 -2.30
C SER C 250 -13.14 -5.52 -2.29
N GLN C 251 -12.77 -6.18 -3.40
CA GLN C 251 -11.47 -6.88 -3.41
C GLN C 251 -10.27 -5.89 -3.28
N HIS C 252 -10.40 -4.75 -3.93
CA HIS C 252 -9.37 -3.72 -3.80
C HIS C 252 -9.25 -3.21 -2.36
N ILE C 253 -10.39 -3.02 -1.68
CA ILE C 253 -10.34 -2.55 -0.29
C ILE C 253 -9.75 -3.62 0.58
N HIS C 254 -10.19 -4.87 0.37
CA HIS C 254 -9.60 -6.02 1.03
C HIS C 254 -8.07 -6.02 0.90
N ASN C 255 -7.58 -5.88 -0.33
CA ASN C 255 -6.12 -5.86 -0.51
C ASN C 255 -5.46 -4.66 0.20
N ALA C 256 -6.09 -3.49 0.13
CA ALA C 256 -5.58 -2.31 0.88
C ALA C 256 -5.50 -2.62 2.37
N MET C 257 -6.55 -3.23 2.93
CA MET C 257 -6.58 -3.57 4.35
C MET C 257 -5.57 -4.64 4.76
N VAL C 258 -5.46 -5.70 3.96
CA VAL C 258 -4.70 -6.87 4.40
CA VAL C 258 -4.72 -6.90 4.35
C VAL C 258 -3.26 -6.92 3.87
N GLU C 259 -3.04 -6.49 2.64
CA GLU C 259 -1.67 -6.49 2.08
C GLU C 259 -1.00 -5.14 2.34
N GLY C 260 -1.80 -4.08 2.38
CA GLY C 260 -1.22 -2.73 2.54
C GLY C 260 -1.19 -2.27 3.99
N ASP C 261 -2.00 -2.94 4.86
CA ASP C 261 -2.21 -2.44 6.25
C ASP C 261 -2.67 -0.99 6.34
N PHE C 262 -3.43 -0.54 5.34
CA PHE C 262 -3.95 0.82 5.34
C PHE C 262 -4.99 1.07 6.42
N GLN C 263 -4.96 2.26 7.00
CA GLN C 263 -5.92 2.65 8.04
C GLN C 263 -7.09 3.52 7.53
N ALA C 264 -7.00 3.98 6.27
CA ALA C 264 -8.09 4.74 5.67
C ALA C 264 -8.09 4.39 4.19
N TYR C 265 -9.27 4.35 3.60
CA TYR C 265 -9.39 4.09 2.14
C TYR C 265 -10.36 5.14 1.64
N VAL C 266 -9.85 6.03 0.83
CA VAL C 266 -10.60 7.22 0.32
C VAL C 266 -10.70 7.19 -1.21
N TRP C 267 -11.93 7.08 -1.69
CA TRP C 267 -12.21 7.07 -3.14
C TRP C 267 -11.97 8.52 -3.64
N TRP C 268 -11.94 8.65 -4.97
CA TRP C 268 -12.08 9.95 -5.67
C TRP C 268 -13.53 10.48 -5.56
N TYR C 269 -14.07 11.19 -6.56
CA TYR C 269 -15.36 11.84 -6.35
C TYR C 269 -16.44 10.92 -5.79
N ILE C 270 -17.09 11.38 -4.72
CA ILE C 270 -18.18 10.61 -4.10
C ILE C 270 -19.31 10.36 -5.10
N ARG C 271 -19.67 11.40 -5.85
CA ARG C 271 -20.81 11.34 -6.77
C ARG C 271 -20.32 11.46 -8.22
N ARG C 272 -20.47 10.39 -8.97
CA ARG C 272 -19.97 10.30 -10.34
C ARG C 272 -20.46 8.99 -10.94
N SER C 273 -20.56 8.90 -12.28
CA SER C 273 -21.16 7.70 -12.90
C SER C 273 -20.34 6.42 -12.73
N TYR C 274 -19.09 6.53 -12.26
CA TYR C 274 -18.26 5.37 -11.92
C TYR C 274 -17.98 5.28 -10.40
N GLY C 275 -18.69 6.11 -9.61
CA GLY C 275 -18.36 6.22 -8.17
C GLY C 275 -19.38 5.55 -7.28
N PRO C 276 -19.26 5.79 -5.97
CA PRO C 276 -20.12 5.06 -5.01
C PRO C 276 -21.54 5.61 -4.95
N MET C 277 -21.70 6.86 -5.36
CA MET C 277 -23.01 7.47 -5.42
C MET C 277 -23.24 7.85 -6.89
N LYS C 278 -24.38 7.44 -7.44
CA LYS C 278 -24.72 7.78 -8.80
C LYS C 278 -25.17 9.24 -8.89
N GLU C 279 -25.25 9.74 -10.12
CA GLU C 279 -25.65 11.13 -10.31
C GLU C 279 -27.08 11.40 -9.85
N ASP C 280 -27.91 10.36 -9.78
CA ASP C 280 -29.28 10.53 -9.27
C ASP C 280 -29.34 10.54 -7.73
N GLY C 281 -28.17 10.46 -7.10
CA GLY C 281 -28.06 10.49 -5.64
C GLY C 281 -28.26 9.14 -4.95
N THR C 282 -28.48 8.08 -5.72
CA THR C 282 -28.66 6.74 -5.12
C THR C 282 -27.33 6.01 -5.06
N ILE C 283 -27.26 4.97 -4.22
CA ILE C 283 -25.99 4.23 -4.06
C ILE C 283 -25.81 3.24 -5.23
N SER C 284 -24.59 3.18 -5.80
CA SER C 284 -24.32 2.26 -6.91
C SER C 284 -23.84 0.87 -6.41
N LYS C 285 -23.73 -0.11 -7.30
CA LYS C 285 -23.17 -1.42 -6.88
C LYS C 285 -21.76 -1.23 -6.30
N ARG C 286 -20.97 -0.34 -6.91
CA ARG C 286 -19.63 -0.04 -6.36
C ARG C 286 -19.74 0.58 -4.97
N GLY C 287 -20.73 1.46 -4.80
CA GLY C 287 -21.03 2.06 -3.48
C GLY C 287 -21.39 1.01 -2.44
N TYR C 288 -22.22 0.03 -2.81
CA TYR C 288 -22.53 -1.06 -1.84
C TYR C 288 -21.30 -1.87 -1.48
N ASN C 289 -20.41 -2.09 -2.46
CA ASN C 289 -19.16 -2.77 -2.14
C ASN C 289 -18.37 -2.00 -1.08
N MET C 290 -18.27 -0.68 -1.23
CA MET C 290 -17.62 0.15 -0.20
C MET C 290 -18.36 0.07 1.12
N ALA C 291 -19.70 0.10 1.06
CA ALA C 291 -20.55 0.04 2.25
C ALA C 291 -20.38 -1.21 3.11
N HIS C 292 -20.07 -2.34 2.48
CA HIS C 292 -19.73 -3.56 3.22
C HIS C 292 -18.61 -3.36 4.23
N PHE C 293 -17.72 -2.37 3.94
CA PHE C 293 -16.71 -1.94 4.91
C PHE C 293 -17.22 -0.73 5.68
N SER C 294 -17.65 0.32 5.00
CA SER C 294 -17.83 1.63 5.71
C SER C 294 -18.94 1.59 6.75
N LYS C 295 -20.02 0.85 6.47
CA LYS C 295 -21.18 0.82 7.37
C LYS C 295 -20.93 0.02 8.65
N PHE C 296 -19.96 -0.88 8.62
CA PHE C 296 -19.76 -1.91 9.66
C PHE C 296 -18.42 -1.82 10.40
N VAL C 297 -17.34 -1.51 9.66
CA VAL C 297 -16.02 -1.31 10.23
C VAL C 297 -15.92 0.17 10.55
N ARG C 298 -16.39 0.50 11.75
CA ARG C 298 -16.52 1.91 12.14
C ARG C 298 -15.19 2.48 12.63
N PRO C 299 -15.07 3.83 12.67
CA PRO C 299 -13.79 4.36 13.13
C PRO C 299 -13.41 3.85 14.52
N GLY C 300 -12.14 3.46 14.65
CA GLY C 300 -11.61 2.90 15.89
C GLY C 300 -11.60 1.39 16.00
N TYR C 301 -12.32 0.72 15.09
CA TYR C 301 -12.24 -0.74 15.03
C TYR C 301 -10.79 -1.10 14.64
N VAL C 302 -10.33 -2.27 15.05
CA VAL C 302 -8.98 -2.75 14.80
CA VAL C 302 -8.99 -2.70 14.72
C VAL C 302 -9.04 -3.97 13.89
N ARG C 303 -8.26 -4.00 12.81
CA ARG C 303 -8.16 -5.22 11.98
C ARG C 303 -7.52 -6.34 12.81
N ILE C 304 -7.99 -7.58 12.60
CA ILE C 304 -7.39 -8.75 13.27
C ILE C 304 -6.96 -9.79 12.25
N ASP C 305 -6.02 -10.66 12.61
CA ASP C 305 -5.56 -11.73 11.72
C ASP C 305 -6.73 -12.67 11.33
N ALA C 306 -6.80 -12.99 10.03
CA ALA C 306 -7.80 -13.93 9.52
C ALA C 306 -7.25 -14.51 8.24
N THR C 307 -7.56 -15.81 8.00
CA THR C 307 -7.16 -16.49 6.75
C THR C 307 -7.72 -15.66 5.58
N LYS C 308 -6.82 -15.11 4.75
CA LYS C 308 -7.21 -14.04 3.83
C LYS C 308 -7.80 -14.53 2.52
N ASN C 309 -7.44 -15.74 2.12
CA ASN C 309 -7.77 -16.19 0.76
C ASN C 309 -7.97 -17.71 0.77
N PRO C 310 -9.02 -18.18 1.45
CA PRO C 310 -9.16 -19.63 1.72
C PRO C 310 -9.56 -20.50 0.52
N ASN C 311 -10.15 -19.91 -0.50
CA ASN C 311 -10.62 -20.63 -1.70
C ASN C 311 -10.44 -19.75 -2.93
N ALA C 312 -10.46 -20.37 -4.11
CA ALA C 312 -10.35 -19.61 -5.34
C ALA C 312 -11.30 -18.44 -5.45
N ASN C 313 -10.73 -17.23 -5.60
CA ASN C 313 -11.51 -15.99 -5.74
C ASN C 313 -12.38 -15.69 -4.50
N VAL C 314 -12.00 -16.23 -3.35
CA VAL C 314 -12.68 -15.92 -2.07
C VAL C 314 -11.68 -15.18 -1.16
N TYR C 315 -12.10 -14.01 -0.67
CA TYR C 315 -11.22 -13.14 0.13
C TYR C 315 -11.90 -12.76 1.43
N VAL C 316 -11.15 -12.83 2.54
CA VAL C 316 -11.75 -12.58 3.86
C VAL C 316 -10.86 -11.64 4.70
N SER C 317 -11.49 -10.65 5.34
CA SER C 317 -10.79 -9.85 6.36
C SER C 317 -11.70 -9.67 7.56
N ALA C 318 -11.12 -9.32 8.73
CA ALA C 318 -11.86 -9.28 9.98
C ALA C 318 -11.35 -8.14 10.86
N TYR C 319 -12.23 -7.63 11.71
CA TYR C 319 -12.03 -6.40 12.48
C TYR C 319 -12.78 -6.58 13.78
N LYS C 320 -12.30 -5.93 14.83
CA LYS C 320 -13.04 -5.96 16.09
C LYS C 320 -13.26 -4.57 16.65
N GLY C 321 -14.40 -4.39 17.29
CA GLY C 321 -14.75 -3.12 17.93
C GLY C 321 -16.12 -3.19 18.56
N ASP C 322 -16.34 -2.37 19.59
CA ASP C 322 -17.65 -2.28 20.26
CA ASP C 322 -17.66 -2.26 20.17
C ASP C 322 -18.25 -3.66 20.57
N ASN C 323 -17.40 -4.52 21.14
N ASN C 323 -17.42 -4.54 21.13
CA ASN C 323 -17.74 -5.92 21.51
CA ASN C 323 -17.88 -5.88 21.55
C ASN C 323 -18.42 -6.67 20.36
C ASN C 323 -18.28 -6.80 20.39
N LYS C 324 -17.90 -6.43 19.15
CA LYS C 324 -18.32 -7.17 17.94
C LYS C 324 -17.10 -7.63 17.18
N VAL C 325 -17.26 -8.65 16.34
CA VAL C 325 -16.23 -8.98 15.32
C VAL C 325 -16.95 -8.81 14.00
N VAL C 326 -16.32 -8.11 13.07
CA VAL C 326 -16.93 -7.89 11.74
C VAL C 326 -16.07 -8.69 10.77
N ILE C 327 -16.71 -9.49 9.90
CA ILE C 327 -15.96 -10.25 8.91
C ILE C 327 -16.52 -9.88 7.54
N VAL C 328 -15.61 -9.51 6.61
CA VAL C 328 -16.06 -9.20 5.25
C VAL C 328 -15.54 -10.28 4.30
N ALA C 329 -16.45 -10.99 3.65
CA ALA C 329 -16.12 -12.20 2.87
C ALA C 329 -16.66 -12.03 1.46
N ILE C 330 -15.74 -12.01 0.51
CA ILE C 330 -16.03 -11.68 -0.89
C ILE C 330 -15.88 -12.99 -1.68
N ASN C 331 -16.90 -13.37 -2.44
CA ASN C 331 -16.80 -14.54 -3.30
C ASN C 331 -16.92 -14.07 -4.75
N LYS C 332 -15.78 -13.98 -5.43
CA LYS C 332 -15.75 -13.57 -6.85
C LYS C 332 -15.70 -14.76 -7.80
N SER C 333 -16.06 -15.93 -7.30
CA SER C 333 -16.17 -17.12 -8.17
C SER C 333 -17.61 -17.37 -8.64
N ASN C 334 -17.77 -18.29 -9.60
CA ASN C 334 -19.09 -18.61 -10.11
C ASN C 334 -19.77 -19.78 -9.41
N THR C 335 -19.23 -20.17 -8.25
CA THR C 335 -19.92 -21.16 -7.45
C THR C 335 -20.16 -20.65 -6.04
N GLY C 336 -21.27 -21.05 -5.43
CA GLY C 336 -21.40 -20.84 -4.00
C GLY C 336 -20.35 -21.64 -3.24
N VAL C 337 -19.90 -21.12 -2.11
CA VAL C 337 -18.92 -21.85 -1.30
CA VAL C 337 -18.85 -21.76 -1.32
C VAL C 337 -19.23 -21.75 0.18
N ASN C 338 -19.00 -22.85 0.89
CA ASN C 338 -19.17 -22.84 2.34
C ASN C 338 -17.84 -22.63 3.01
N GLN C 339 -17.80 -21.73 4.00
CA GLN C 339 -16.61 -21.55 4.83
C GLN C 339 -16.92 -21.74 6.30
N ASN C 340 -15.95 -22.29 7.01
CA ASN C 340 -16.05 -22.49 8.45
C ASN C 340 -15.21 -21.45 9.22
N PHE C 341 -15.90 -20.51 9.84
CA PHE C 341 -15.21 -19.41 10.52
C PHE C 341 -14.92 -19.85 11.95
N VAL C 342 -13.64 -19.99 12.25
CA VAL C 342 -13.15 -20.53 13.55
C VAL C 342 -12.59 -19.36 14.32
N LEU C 343 -13.23 -19.01 15.43
CA LEU C 343 -12.75 -17.86 16.22
C LEU C 343 -11.80 -18.29 17.32
N GLN C 344 -10.59 -17.72 17.32
CA GLN C 344 -9.64 -17.95 18.40
C GLN C 344 -9.73 -16.79 19.37
N ASN C 345 -9.66 -17.14 20.65
CA ASN C 345 -9.45 -16.18 21.74
C ASN C 345 -10.59 -15.16 21.86
N GLY C 346 -11.80 -15.66 21.66
N GLY C 346 -11.82 -15.58 21.60
CA GLY C 346 -13.00 -14.85 21.71
CA GLY C 346 -12.87 -14.58 21.32
C GLY C 346 -14.19 -15.78 21.93
C GLY C 346 -14.36 -14.79 21.58
N SER C 347 -15.18 -15.30 22.65
N SER C 347 -14.72 -15.83 22.32
CA SER C 347 -16.38 -16.05 22.93
CA SER C 347 -16.11 -16.05 22.69
C SER C 347 -17.54 -15.34 22.25
C SER C 347 -17.11 -15.19 21.93
N ALA C 348 -17.93 -15.84 21.10
CA ALA C 348 -18.98 -15.20 20.36
C ALA C 348 -20.30 -15.94 20.54
N SER C 349 -21.40 -15.27 20.21
CA SER C 349 -22.73 -15.87 20.27
C SER C 349 -23.47 -15.76 18.92
N ASN C 350 -24.30 -14.74 18.70
CA ASN C 350 -25.12 -14.64 17.47
CA ASN C 350 -25.08 -14.72 17.46
C ASN C 350 -24.35 -14.01 16.30
N VAL C 351 -24.67 -14.44 15.08
CA VAL C 351 -24.10 -13.80 13.88
C VAL C 351 -25.21 -13.29 12.99
N SER C 352 -25.18 -11.99 12.66
CA SER C 352 -26.05 -11.39 11.65
C SER C 352 -25.22 -11.18 10.38
N ARG C 353 -25.88 -11.05 9.24
N ARG C 353 -25.87 -11.20 9.21
CA ARG C 353 -25.13 -10.72 8.04
CA ARG C 353 -25.18 -11.06 7.89
C ARG C 353 -25.97 -9.97 7.04
C ARG C 353 -25.98 -10.22 6.88
N TRP C 354 -25.28 -9.42 6.05
CA TRP C 354 -25.90 -8.66 4.97
C TRP C 354 -25.16 -9.02 3.70
N ILE C 355 -25.87 -9.19 2.59
CA ILE C 355 -25.27 -9.70 1.35
C ILE C 355 -25.63 -8.81 0.17
N THR C 356 -24.61 -8.45 -0.62
CA THR C 356 -24.84 -7.75 -1.88
C THR C 356 -24.50 -8.69 -3.03
N SER C 357 -25.43 -8.82 -3.98
CA SER C 357 -25.25 -9.74 -5.10
C SER C 357 -25.69 -9.04 -6.37
N SER C 358 -25.86 -9.81 -7.46
CA SER C 358 -26.28 -9.21 -8.72
CA SER C 358 -26.29 -9.23 -8.73
C SER C 358 -27.67 -8.61 -8.58
N SER C 359 -28.49 -9.20 -7.72
CA SER C 359 -29.93 -8.85 -7.65
C SER C 359 -30.46 -8.14 -6.39
N SER C 360 -29.61 -7.98 -5.36
CA SER C 360 -30.06 -7.25 -4.19
C SER C 360 -28.86 -6.62 -3.46
N ASN C 361 -29.13 -5.58 -2.67
CA ASN C 361 -28.08 -4.78 -2.06
C ASN C 361 -28.22 -4.80 -0.56
N LEU C 362 -27.16 -5.18 0.14
CA LEU C 362 -27.18 -5.25 1.61
C LEU C 362 -28.44 -5.92 2.14
N GLN C 363 -28.76 -7.09 1.57
N GLN C 363 -28.76 -7.09 1.61
CA GLN C 363 -29.94 -7.86 1.99
CA GLN C 363 -29.97 -7.76 2.04
C GLN C 363 -29.57 -8.68 3.23
C GLN C 363 -29.68 -8.76 3.16
N PRO C 364 -30.42 -8.65 4.29
CA PRO C 364 -30.16 -9.54 5.44
C PRO C 364 -30.19 -10.99 5.00
N GLY C 365 -29.21 -11.76 5.45
CA GLY C 365 -29.21 -13.19 5.24
C GLY C 365 -29.71 -13.88 6.49
N THR C 366 -29.71 -15.21 6.44
CA THR C 366 -30.10 -16.07 7.57
C THR C 366 -29.21 -15.83 8.76
N ASN C 367 -29.80 -15.60 9.94
CA ASN C 367 -29.00 -15.53 11.16
C ASN C 367 -28.38 -16.87 11.52
N LEU C 368 -27.18 -16.80 12.10
CA LEU C 368 -26.38 -17.96 12.49
C LEU C 368 -25.95 -17.84 13.95
N THR C 369 -25.40 -18.92 14.51
CA THR C 369 -24.93 -18.89 15.88
C THR C 369 -23.59 -19.57 16.02
N VAL C 370 -22.70 -18.98 16.82
CA VAL C 370 -21.43 -19.60 17.14
C VAL C 370 -21.66 -20.71 18.15
N SER C 371 -21.13 -21.88 17.81
CA SER C 371 -21.18 -23.03 18.72
C SER C 371 -19.82 -23.69 18.71
N GLY C 372 -19.26 -23.96 19.88
CA GLY C 372 -17.93 -24.55 19.94
C GLY C 372 -16.89 -23.68 19.22
N ASN C 373 -17.06 -22.36 19.34
CA ASN C 373 -16.15 -21.31 18.83
CA ASN C 373 -16.14 -21.32 18.80
C ASN C 373 -16.03 -21.25 17.29
N HIS C 374 -17.02 -21.76 16.58
CA HIS C 374 -17.01 -21.62 15.12
C HIS C 374 -18.40 -21.54 14.51
N PHE C 375 -18.49 -21.14 13.25
CA PHE C 375 -19.77 -21.20 12.56
C PHE C 375 -19.54 -21.34 11.06
N TRP C 376 -20.37 -22.17 10.45
CA TRP C 376 -20.38 -22.35 9.00
C TRP C 376 -21.32 -21.36 8.32
N ALA C 377 -20.84 -20.76 7.23
CA ALA C 377 -21.69 -19.87 6.44
C ALA C 377 -21.46 -20.09 4.95
N HIS C 378 -22.56 -19.95 4.21
CA HIS C 378 -22.56 -20.09 2.77
C HIS C 378 -22.32 -18.71 2.13
N LEU C 379 -21.35 -18.64 1.22
CA LEU C 379 -21.06 -17.39 0.46
C LEU C 379 -21.56 -17.60 -0.98
N PRO C 380 -22.66 -16.94 -1.38
CA PRO C 380 -23.15 -17.15 -2.76
C PRO C 380 -22.14 -16.73 -3.81
N ALA C 381 -22.22 -17.36 -4.98
CA ALA C 381 -21.41 -16.91 -6.14
C ALA C 381 -21.54 -15.41 -6.40
N GLN C 382 -20.42 -14.80 -6.79
CA GLN C 382 -20.40 -13.40 -7.19
C GLN C 382 -21.16 -12.52 -6.19
N SER C 383 -20.70 -12.55 -4.92
CA SER C 383 -21.36 -11.78 -3.86
C SER C 383 -20.34 -11.31 -2.83
N VAL C 384 -20.74 -10.32 -2.03
CA VAL C 384 -19.99 -9.92 -0.85
C VAL C 384 -20.93 -9.96 0.38
N THR C 385 -20.44 -10.55 1.47
CA THR C 385 -21.20 -10.58 2.72
C THR C 385 -20.38 -9.87 3.80
N THR C 386 -21.07 -9.08 4.62
CA THR C 386 -20.48 -8.68 5.91
C THR C 386 -21.27 -9.38 7.02
N PHE C 387 -20.53 -10.10 7.86
CA PHE C 387 -21.03 -10.72 9.10
C PHE C 387 -20.70 -9.82 10.27
N VAL C 388 -21.69 -9.67 11.16
CA VAL C 388 -21.45 -8.99 12.45
C VAL C 388 -21.70 -10.04 13.54
N VAL C 389 -20.61 -10.42 14.21
CA VAL C 389 -20.58 -11.45 15.24
C VAL C 389 -20.63 -10.74 16.61
N ASN C 390 -21.67 -11.03 17.39
CA ASN C 390 -21.78 -10.43 18.73
C ASN C 390 -20.97 -11.27 19.72
N ARG C 391 -20.23 -10.60 20.60
CA ARG C 391 -19.36 -11.33 21.52
C ARG C 391 -20.04 -11.53 22.86
N LEU C 392 -19.61 -12.57 23.59
CA LEU C 392 -20.25 -13.09 24.84
C LEU C 392 -21.18 -14.29 24.57
N SER D 3 -6.99 41.91 -46.48
CA SER D 3 -7.74 41.19 -47.55
C SER D 3 -9.24 41.21 -47.24
N ASP D 4 -10.03 41.80 -48.15
CA ASP D 4 -11.48 41.96 -47.97
C ASP D 4 -12.17 40.63 -47.67
N VAL D 5 -13.20 40.67 -46.83
CA VAL D 5 -14.15 39.55 -46.74
C VAL D 5 -15.32 39.86 -47.66
N THR D 6 -15.56 38.97 -48.62
CA THR D 6 -16.70 39.16 -49.53
C THR D 6 -17.79 38.22 -49.07
N VAL D 7 -18.92 38.81 -48.73
CA VAL D 7 -20.10 38.09 -48.29
C VAL D 7 -21.18 38.20 -49.35
N ASN D 8 -21.50 37.09 -50.00
CA ASN D 8 -22.49 37.09 -51.08
C ASN D 8 -23.86 36.57 -50.63
N VAL D 9 -24.78 37.51 -50.40
CA VAL D 9 -26.09 37.24 -49.82
C VAL D 9 -26.94 36.29 -50.70
N SER D 10 -26.64 36.25 -52.01
CA SER D 10 -27.35 35.38 -52.94
C SER D 10 -26.76 33.98 -53.14
N ALA D 11 -25.56 33.74 -52.59
CA ALA D 11 -24.91 32.45 -52.78
C ALA D 11 -25.20 31.55 -51.56
N GLU D 12 -26.36 30.88 -51.62
CA GLU D 12 -26.89 30.11 -50.48
C GLU D 12 -26.26 28.73 -50.31
N LYS D 13 -25.94 28.41 -49.05
CA LYS D 13 -25.36 27.11 -48.71
C LYS D 13 -26.39 26.27 -47.92
N GLN D 14 -25.99 25.64 -46.81
CA GLN D 14 -26.96 24.81 -46.05
C GLN D 14 -27.93 25.61 -45.13
N VAL D 15 -29.14 25.08 -44.97
CA VAL D 15 -30.10 25.66 -44.02
C VAL D 15 -29.74 25.12 -42.64
N ILE D 16 -29.65 26.02 -41.67
CA ILE D 16 -29.23 25.66 -40.30
C ILE D 16 -30.42 25.15 -39.48
N ARG D 17 -30.28 23.98 -38.84
CA ARG D 17 -31.29 23.55 -37.88
C ARG D 17 -31.01 24.08 -36.45
N GLY D 18 -29.73 24.23 -36.10
CA GLY D 18 -29.43 24.77 -34.80
C GLY D 18 -28.14 24.28 -34.18
N PHE D 19 -28.01 24.58 -32.89
CA PHE D 19 -26.80 24.37 -32.07
C PHE D 19 -27.27 23.95 -30.70
N GLY D 20 -26.56 23.01 -30.07
CA GLY D 20 -26.97 22.66 -28.68
C GLY D 20 -26.02 21.67 -28.02
N GLY D 21 -26.58 20.77 -27.22
CA GLY D 21 -25.77 19.86 -26.44
C GLY D 21 -26.62 18.76 -25.85
N MET D 22 -25.96 17.90 -25.09
CA MET D 22 -26.51 16.66 -24.57
C MET D 22 -27.00 16.84 -23.14
N ASN D 23 -28.22 16.36 -22.86
CA ASN D 23 -28.62 16.17 -21.47
C ASN D 23 -28.58 14.70 -21.14
N HIS D 24 -28.02 14.36 -19.97
CA HIS D 24 -27.94 12.94 -19.56
C HIS D 24 -28.14 12.78 -18.05
N PRO D 25 -29.41 12.67 -17.62
CA PRO D 25 -29.69 12.62 -16.19
C PRO D 25 -28.93 11.47 -15.49
N ALA D 26 -28.90 10.29 -16.10
CA ALA D 26 -28.28 9.11 -15.46
C ALA D 26 -26.78 9.24 -15.30
N TRP D 27 -26.10 9.62 -16.40
CA TRP D 27 -24.62 9.62 -16.40
C TRP D 27 -23.97 10.94 -15.95
N ALA D 28 -24.68 12.06 -16.11
CA ALA D 28 -24.14 13.37 -15.80
C ALA D 28 -24.90 14.05 -14.69
N GLY D 29 -26.16 13.67 -14.49
CA GLY D 29 -27.04 14.41 -13.61
C GLY D 29 -27.93 15.33 -14.43
N ASP D 30 -29.22 15.39 -14.13
CA ASP D 30 -30.13 16.25 -14.92
C ASP D 30 -29.81 17.74 -14.75
N LEU D 31 -30.12 18.54 -15.77
CA LEU D 31 -30.12 19.99 -15.61
C LEU D 31 -31.16 20.36 -14.56
N THR D 32 -30.87 21.36 -13.73
CA THR D 32 -31.88 21.90 -12.80
C THR D 32 -32.83 22.87 -13.54
N ALA D 33 -33.92 23.28 -12.90
CA ALA D 33 -34.79 24.28 -13.49
C ALA D 33 -34.09 25.56 -13.95
N ALA D 34 -33.22 26.12 -13.09
CA ALA D 34 -32.49 27.33 -13.41
C ALA D 34 -31.54 27.08 -14.59
N GLN D 35 -30.94 25.89 -14.59
CA GLN D 35 -30.00 25.49 -15.66
C GLN D 35 -30.68 25.30 -17.02
N ARG D 36 -31.92 24.81 -17.02
CA ARG D 36 -32.68 24.64 -18.25
C ARG D 36 -32.92 26.00 -18.89
N GLU D 37 -33.19 27.02 -18.08
CA GLU D 37 -33.42 28.37 -18.56
C GLU D 37 -32.16 28.94 -19.18
N THR D 38 -31.02 28.75 -18.51
CA THR D 38 -29.72 29.18 -19.02
C THR D 38 -29.38 28.50 -20.33
N ALA D 39 -29.69 27.21 -20.45
CA ALA D 39 -29.38 26.47 -21.68
C ALA D 39 -30.22 26.88 -22.90
N PHE D 40 -31.55 26.99 -22.70
CA PHE D 40 -32.49 27.06 -23.82
C PHE D 40 -33.14 28.42 -24.06
N GLY D 41 -33.14 29.28 -23.05
CA GLY D 41 -33.61 30.66 -23.20
C GLY D 41 -32.59 31.39 -24.04
N ASN D 42 -33.03 32.43 -24.73
CA ASN D 42 -32.10 33.24 -25.52
C ASN D 42 -32.05 34.70 -25.06
N GLY D 43 -32.16 34.92 -23.76
CA GLY D 43 -32.01 36.26 -23.20
C GLY D 43 -30.57 36.55 -22.86
N GLN D 44 -30.34 37.70 -22.22
CA GLN D 44 -29.03 38.04 -21.67
C GLN D 44 -28.60 36.96 -20.65
N ASN D 45 -27.33 36.54 -20.72
CA ASN D 45 -26.79 35.50 -19.84
CA ASN D 45 -26.80 35.50 -19.82
C ASN D 45 -27.41 34.11 -20.10
N GLN D 46 -27.93 33.89 -21.29
CA GLN D 46 -28.49 32.58 -21.66
C GLN D 46 -27.92 32.08 -22.98
N LEU D 47 -27.75 30.76 -23.10
CA LEU D 47 -27.01 30.20 -24.25
C LEU D 47 -27.79 30.15 -25.56
N GLY D 48 -29.12 30.20 -25.51
CA GLY D 48 -29.94 30.08 -26.71
C GLY D 48 -29.76 28.82 -27.53
N PHE D 49 -29.47 27.70 -26.86
CA PHE D 49 -29.42 26.42 -27.53
C PHE D 49 -30.78 26.08 -28.16
N SER D 50 -30.72 25.67 -29.42
CA SER D 50 -31.92 25.44 -30.21
C SER D 50 -32.11 23.95 -30.50
N ILE D 51 -31.18 23.12 -30.00
CA ILE D 51 -31.26 21.67 -30.19
C ILE D 51 -30.84 21.01 -28.87
N LEU D 52 -31.63 20.02 -28.44
CA LEU D 52 -31.31 19.16 -27.28
C LEU D 52 -31.17 17.73 -27.73
N ARG D 53 -30.08 17.05 -27.35
CA ARG D 53 -29.96 15.62 -27.58
C ARG D 53 -30.20 14.93 -26.24
N ILE D 54 -30.90 13.79 -26.28
CA ILE D 54 -31.14 12.95 -25.09
C ILE D 54 -30.80 11.52 -25.47
N HIS D 55 -30.75 10.60 -24.49
CA HIS D 55 -30.41 9.21 -24.77
C HIS D 55 -31.66 8.31 -24.63
N VAL D 56 -31.67 7.20 -25.35
CA VAL D 56 -32.72 6.17 -25.22
C VAL D 56 -32.15 5.05 -24.34
N ASP D 57 -32.59 5.01 -23.07
CA ASP D 57 -32.11 4.00 -22.12
C ASP D 57 -32.53 2.62 -22.62
N GLU D 58 -31.63 1.64 -22.51
CA GLU D 58 -31.97 0.23 -22.81
C GLU D 58 -33.11 -0.29 -21.94
N ASN D 59 -33.30 0.35 -20.78
CA ASN D 59 -34.36 0.01 -19.84
C ASN D 59 -35.52 1.02 -19.86
N ARG D 60 -36.63 0.64 -20.48
CA ARG D 60 -37.79 1.54 -20.68
C ARG D 60 -38.42 2.11 -19.41
N ASN D 61 -38.18 1.48 -18.26
CA ASN D 61 -38.64 2.03 -16.98
C ASN D 61 -37.94 3.33 -16.57
N ASN D 62 -36.86 3.69 -17.27
CA ASN D 62 -36.09 4.90 -16.97
C ASN D 62 -36.38 6.07 -17.93
N TRP D 63 -37.18 5.80 -18.97
CA TRP D 63 -37.48 6.83 -19.95
C TRP D 63 -38.06 8.10 -19.35
N TYR D 64 -38.94 7.95 -18.35
CA TYR D 64 -39.58 9.08 -17.70
C TYR D 64 -38.56 10.13 -17.19
N LYS D 65 -37.34 9.71 -16.91
CA LYS D 65 -36.31 10.61 -16.39
C LYS D 65 -35.91 11.73 -17.37
N GLU D 66 -36.22 11.53 -18.65
CA GLU D 66 -35.83 12.48 -19.72
C GLU D 66 -36.82 13.61 -19.87
N VAL D 67 -38.01 13.43 -19.29
CA VAL D 67 -39.15 14.23 -19.68
C VAL D 67 -39.11 15.70 -19.31
N GLU D 68 -38.72 16.03 -18.08
CA GLU D 68 -38.79 17.42 -17.64
CA GLU D 68 -38.76 17.42 -17.60
C GLU D 68 -37.87 18.38 -18.40
N THR D 69 -36.61 17.96 -18.61
CA THR D 69 -35.67 18.78 -19.40
C THR D 69 -36.07 18.93 -20.87
N ALA D 70 -36.57 17.83 -21.46
CA ALA D 70 -37.01 17.81 -22.87
C ALA D 70 -38.21 18.73 -23.06
N LYS D 71 -39.15 18.70 -22.10
CA LYS D 71 -40.31 19.60 -22.13
C LYS D 71 -39.84 21.06 -22.06
N SER D 72 -38.81 21.33 -21.26
CA SER D 72 -38.29 22.69 -21.14
C SER D 72 -37.71 23.17 -22.46
N ALA D 73 -36.90 22.32 -23.11
CA ALA D 73 -36.30 22.64 -24.40
C ALA D 73 -37.42 23.00 -25.40
N VAL D 74 -38.44 22.14 -25.46
CA VAL D 74 -39.56 22.31 -26.38
C VAL D 74 -40.27 23.66 -26.13
N LYS D 75 -40.53 23.98 -24.84
CA LYS D 75 -41.16 25.26 -24.46
CA LYS D 75 -41.16 25.26 -24.47
C LYS D 75 -40.38 26.46 -25.01
N HIS D 76 -39.05 26.35 -25.00
CA HIS D 76 -38.18 27.41 -25.52
C HIS D 76 -37.96 27.34 -27.05
N GLY D 77 -38.70 26.49 -27.73
CA GLY D 77 -38.63 26.38 -29.18
C GLY D 77 -37.45 25.59 -29.72
N ALA D 78 -36.76 24.85 -28.84
CA ALA D 78 -35.68 23.96 -29.27
C ALA D 78 -36.29 22.67 -29.81
N ILE D 79 -35.59 21.99 -30.72
CA ILE D 79 -35.94 20.64 -31.16
C ILE D 79 -35.15 19.58 -30.36
N VAL D 80 -35.75 18.42 -30.14
CA VAL D 80 -35.16 17.35 -29.33
C VAL D 80 -34.96 16.11 -30.18
N PHE D 81 -33.76 15.53 -30.12
CA PHE D 81 -33.57 14.22 -30.76
C PHE D 81 -32.90 13.26 -29.78
N ALA D 82 -32.96 11.97 -30.11
CA ALA D 82 -32.51 10.91 -29.22
C ALA D 82 -31.59 9.90 -29.85
N SER D 83 -30.57 9.48 -29.10
CA SER D 83 -29.65 8.44 -29.54
C SER D 83 -29.61 7.28 -28.54
N PRO D 84 -29.68 6.02 -29.01
CA PRO D 84 -29.49 4.86 -28.14
C PRO D 84 -28.04 4.40 -28.09
N TRP D 85 -27.63 3.85 -26.94
CA TRP D 85 -26.31 3.20 -26.80
C TRP D 85 -26.37 1.67 -26.88
N ASN D 86 -27.37 1.11 -26.20
CA ASN D 86 -27.61 -0.34 -26.21
C ASN D 86 -29.08 -0.68 -26.46
N PRO D 87 -29.34 -1.75 -27.24
CA PRO D 87 -30.67 -2.34 -27.22
C PRO D 87 -30.87 -3.01 -25.85
N PRO D 88 -32.13 -3.28 -25.46
CA PRO D 88 -32.41 -4.09 -24.27
C PRO D 88 -31.54 -5.36 -24.20
N SER D 89 -31.05 -5.69 -22.99
CA SER D 89 -30.08 -6.79 -22.79
C SER D 89 -30.49 -8.12 -23.44
N ASP D 90 -31.79 -8.38 -23.51
CA ASP D 90 -32.30 -9.64 -24.08
C ASP D 90 -32.02 -9.74 -25.60
N MET D 91 -31.95 -8.58 -26.28
CA MET D 91 -31.75 -8.53 -27.74
C MET D 91 -30.28 -8.64 -28.18
N VAL D 92 -29.38 -8.68 -27.20
CA VAL D 92 -27.95 -8.56 -27.47
C VAL D 92 -27.21 -9.89 -27.27
N GLU D 93 -26.28 -10.19 -28.17
CA GLU D 93 -25.42 -11.37 -28.05
C GLU D 93 -23.94 -10.98 -28.12
N THR D 94 -23.08 -11.78 -27.49
CA THR D 94 -21.64 -11.57 -27.63
C THR D 94 -21.16 -12.23 -28.92
N PHE D 95 -20.00 -11.77 -29.42
CA PHE D 95 -19.39 -12.35 -30.62
C PHE D 95 -17.88 -12.13 -30.65
N ASN D 96 -17.20 -12.78 -31.61
CA ASN D 96 -15.75 -12.62 -31.73
C ASN D 96 -15.37 -11.50 -32.69
N ARG D 97 -15.00 -10.36 -32.10
CA ARG D 97 -14.60 -9.22 -32.90
C ARG D 97 -13.09 -9.04 -32.84
N ASN D 98 -12.41 -9.55 -33.87
CA ASN D 98 -10.95 -9.47 -33.97
C ASN D 98 -10.23 -9.91 -32.68
N GLY D 99 -10.58 -11.09 -32.19
CA GLY D 99 -9.96 -11.63 -30.98
C GLY D 99 -10.70 -11.35 -29.68
N ASP D 100 -11.49 -10.27 -29.67
CA ASP D 100 -12.27 -9.90 -28.49
C ASP D 100 -13.64 -10.59 -28.53
N THR D 101 -13.80 -11.63 -27.71
CA THR D 101 -15.08 -12.37 -27.66
C THR D 101 -16.08 -11.79 -26.64
N SER D 102 -15.70 -10.71 -25.94
CA SER D 102 -16.65 -9.98 -25.11
C SER D 102 -17.48 -8.90 -25.87
N ALA D 103 -17.17 -8.72 -27.17
CA ALA D 103 -17.88 -7.75 -28.01
C ALA D 103 -19.37 -8.05 -28.17
N LYS D 104 -20.21 -7.02 -28.09
CA LYS D 104 -21.67 -7.18 -28.13
C LYS D 104 -22.26 -6.62 -29.43
N ARG D 105 -23.31 -7.28 -29.91
CA ARG D 105 -24.05 -6.80 -31.08
C ARG D 105 -25.53 -7.11 -30.94
N LEU D 106 -26.35 -6.51 -31.80
CA LEU D 106 -27.77 -6.83 -31.84
C LEU D 106 -27.97 -8.14 -32.60
N LYS D 107 -28.69 -9.07 -31.97
CA LYS D 107 -29.03 -10.36 -32.61
C LYS D 107 -29.75 -10.07 -33.92
N TYR D 108 -29.36 -10.80 -34.97
CA TYR D 108 -29.92 -10.60 -36.32
C TYR D 108 -31.43 -10.81 -36.35
N ASN D 109 -31.92 -11.74 -35.54
CA ASN D 109 -33.36 -12.01 -35.47
C ASN D 109 -34.11 -11.09 -34.49
N LYS D 110 -33.42 -10.04 -34.04
CA LYS D 110 -34.02 -9.05 -33.14
C LYS D 110 -34.04 -7.64 -33.73
N TYR D 111 -33.73 -7.52 -35.02
CA TYR D 111 -33.73 -6.22 -35.70
C TYR D 111 -35.12 -5.57 -35.66
N ALA D 112 -36.17 -6.37 -35.89
CA ALA D 112 -37.56 -5.88 -35.79
C ALA D 112 -37.98 -5.54 -34.36
N ALA D 113 -37.57 -6.35 -33.38
CA ALA D 113 -37.84 -6.06 -31.97
C ALA D 113 -37.15 -4.74 -31.60
N TYR D 114 -35.92 -4.56 -32.05
CA TYR D 114 -35.18 -3.32 -31.79
C TYR D 114 -35.83 -2.06 -32.40
N ALA D 115 -36.26 -2.17 -33.67
CA ALA D 115 -36.99 -1.05 -34.29
C ALA D 115 -38.28 -0.73 -33.54
N GLN D 116 -38.90 -1.77 -32.96
CA GLN D 116 -40.09 -1.56 -32.11
C GLN D 116 -39.77 -0.82 -30.78
N HIS D 117 -38.66 -1.22 -30.15
CA HIS D 117 -38.12 -0.51 -28.97
C HIS D 117 -37.91 1.00 -29.28
N LEU D 118 -37.33 1.32 -30.42
CA LEU D 118 -37.14 2.73 -30.80
C LEU D 118 -38.49 3.45 -30.98
N ASN D 119 -39.43 2.82 -31.68
CA ASN D 119 -40.79 3.36 -31.81
C ASN D 119 -41.49 3.59 -30.48
N ASP D 120 -41.34 2.64 -29.55
CA ASP D 120 -41.93 2.76 -28.22
C ASP D 120 -41.39 3.99 -27.47
N PHE D 121 -40.09 4.28 -27.63
CA PHE D 121 -39.53 5.50 -27.05
C PHE D 121 -40.16 6.77 -27.65
N VAL D 122 -40.25 6.79 -28.98
CA VAL D 122 -40.88 7.91 -29.70
C VAL D 122 -42.29 8.11 -29.17
N THR D 123 -43.01 7.00 -29.04
CA THR D 123 -44.40 7.02 -28.56
C THR D 123 -44.48 7.51 -27.11
N PHE D 124 -43.59 6.97 -26.24
CA PHE D 124 -43.50 7.42 -24.85
C PHE D 124 -43.30 8.93 -24.76
N MET D 125 -42.32 9.47 -25.50
CA MET D 125 -42.09 10.90 -25.41
C MET D 125 -43.30 11.69 -25.91
N LYS D 126 -43.92 11.23 -27.01
CA LYS D 126 -45.13 11.86 -27.56
C LYS D 126 -46.23 11.96 -26.49
N ASN D 127 -46.44 10.84 -25.79
CA ASN D 127 -47.42 10.76 -24.69
C ASN D 127 -47.08 11.68 -23.50
N ASN D 128 -45.82 12.09 -23.44
CA ASN D 128 -45.35 13.00 -22.40
C ASN D 128 -45.15 14.44 -22.87
N GLY D 129 -45.71 14.77 -24.03
CA GLY D 129 -45.70 16.14 -24.52
C GLY D 129 -44.45 16.56 -25.31
N VAL D 130 -43.65 15.57 -25.71
CA VAL D 130 -42.47 15.86 -26.53
C VAL D 130 -42.55 15.14 -27.87
N ASN D 131 -42.66 15.91 -28.95
CA ASN D 131 -42.60 15.32 -30.29
C ASN D 131 -41.14 15.30 -30.70
N LEU D 132 -40.52 14.13 -30.62
CA LEU D 132 -39.12 13.99 -31.00
C LEU D 132 -38.92 14.37 -32.45
N TYR D 133 -37.92 15.22 -32.70
CA TYR D 133 -37.62 15.62 -34.07
C TYR D 133 -37.05 14.45 -34.85
N ALA D 134 -36.25 13.62 -34.18
CA ALA D 134 -35.60 12.50 -34.84
C ALA D 134 -35.05 11.53 -33.83
N ILE D 135 -34.72 10.32 -34.29
CA ILE D 135 -34.14 9.28 -33.46
C ILE D 135 -33.02 8.53 -34.25
N SER D 136 -31.95 8.19 -33.55
CA SER D 136 -30.81 7.53 -34.18
C SER D 136 -30.88 6.01 -34.03
N VAL D 137 -30.32 5.28 -34.99
CA VAL D 137 -30.26 3.81 -34.95
C VAL D 137 -29.27 3.30 -33.89
N GLN D 138 -28.15 4.02 -33.71
CA GLN D 138 -27.10 3.57 -32.81
C GLN D 138 -26.07 4.66 -32.63
N ASN D 139 -25.73 5.01 -31.38
CA ASN D 139 -24.59 5.87 -31.13
C ASN D 139 -23.27 5.15 -31.41
N GLU D 140 -22.41 5.77 -32.23
CA GLU D 140 -21.05 5.23 -32.46
C GLU D 140 -21.00 3.70 -32.60
N PRO D 141 -21.62 3.16 -33.67
CA PRO D 141 -21.57 1.71 -33.93
C PRO D 141 -20.16 1.20 -34.23
N ASP D 142 -19.27 2.12 -34.63
CA ASP D 142 -17.89 1.79 -34.98
C ASP D 142 -16.88 2.09 -33.88
N TYR D 143 -17.38 2.36 -32.68
CA TYR D 143 -16.51 2.60 -31.53
C TYR D 143 -17.21 2.11 -30.27
N ALA D 144 -17.53 0.82 -30.28
CA ALA D 144 -18.50 0.29 -29.34
C ALA D 144 -17.89 -0.68 -28.33
N HIS D 145 -16.61 -0.49 -28.01
CA HIS D 145 -15.94 -1.26 -26.95
C HIS D 145 -16.81 -1.43 -25.70
N GLU D 146 -17.53 -0.36 -25.34
CA GLU D 146 -18.32 -0.35 -24.12
CA GLU D 146 -18.31 -0.33 -24.11
C GLU D 146 -19.83 -0.46 -24.35
N TRP D 147 -20.27 -0.40 -25.61
N TRP D 147 -20.24 -0.51 -25.60
CA TRP D 147 -21.72 -0.48 -25.93
CA TRP D 147 -21.67 -0.61 -25.92
C TRP D 147 -22.15 -1.62 -26.89
C TRP D 147 -21.88 -1.62 -27.05
N THR D 148 -22.64 -1.24 -28.07
CA THR D 148 -23.08 -2.19 -29.10
C THR D 148 -22.52 -1.91 -30.50
N TRP D 149 -21.75 -2.88 -31.03
CA TRP D 149 -21.12 -2.78 -32.34
C TRP D 149 -22.09 -3.07 -33.48
N TRP D 150 -21.98 -2.32 -34.57
CA TRP D 150 -22.63 -2.69 -35.83
C TRP D 150 -21.61 -2.49 -36.93
N THR D 151 -21.44 -3.50 -37.80
CA THR D 151 -20.62 -3.34 -39.00
C THR D 151 -21.39 -2.47 -40.00
N PRO D 152 -20.70 -1.93 -41.04
CA PRO D 152 -21.43 -1.20 -42.09
C PRO D 152 -22.54 -2.04 -42.75
N GLN D 153 -22.28 -3.33 -42.95
CA GLN D 153 -23.24 -4.27 -43.52
CA GLN D 153 -23.29 -4.21 -43.55
C GLN D 153 -24.45 -4.46 -42.59
N GLU D 154 -24.18 -4.54 -41.28
CA GLU D 154 -25.27 -4.63 -40.29
C GLU D 154 -26.17 -3.38 -40.28
N ILE D 155 -25.59 -2.18 -40.24
CA ILE D 155 -26.36 -0.94 -40.36
C ILE D 155 -27.20 -0.93 -41.65
N LEU D 156 -26.56 -1.30 -42.75
CA LEU D 156 -27.23 -1.33 -44.05
C LEU D 156 -28.49 -2.22 -44.02
N ARG D 157 -28.36 -3.42 -43.48
CA ARG D 157 -29.50 -4.33 -43.42
C ARG D 157 -30.63 -3.69 -42.62
N PHE D 158 -30.31 -3.11 -41.45
CA PHE D 158 -31.33 -2.46 -40.62
C PHE D 158 -31.98 -1.28 -41.34
N MET D 159 -31.17 -0.50 -42.05
CA MET D 159 -31.68 0.67 -42.78
C MET D 159 -32.65 0.28 -43.91
N ARG D 160 -32.31 -0.80 -44.61
CA ARG D 160 -33.18 -1.36 -45.66
C ARG D 160 -34.46 -1.97 -45.11
N GLU D 161 -34.34 -2.85 -44.11
CA GLU D 161 -35.45 -3.73 -43.72
C GLU D 161 -36.33 -3.25 -42.57
N ASN D 162 -35.75 -2.47 -41.67
CA ASN D 162 -36.44 -2.07 -40.45
C ASN D 162 -36.66 -0.57 -40.26
N ALA D 163 -35.72 0.26 -40.71
CA ALA D 163 -35.74 1.69 -40.41
C ALA D 163 -36.98 2.40 -40.95
N GLY D 164 -37.56 1.85 -42.02
CA GLY D 164 -38.77 2.41 -42.62
C GLY D 164 -39.97 2.33 -41.70
N SER D 165 -39.97 1.40 -40.74
CA SER D 165 -41.09 1.28 -39.81
C SER D 165 -41.02 2.27 -38.63
N ILE D 166 -39.91 2.99 -38.51
CA ILE D 166 -39.78 3.96 -37.41
C ILE D 166 -40.56 5.23 -37.71
N ASN D 167 -41.54 5.53 -36.86
CA ASN D 167 -42.47 6.65 -37.07
CA ASN D 167 -42.45 6.65 -37.10
C ASN D 167 -41.91 7.99 -36.56
N ALA D 168 -40.82 8.43 -37.19
CA ALA D 168 -40.07 9.65 -36.82
C ALA D 168 -38.90 9.75 -37.80
N ARG D 169 -38.30 10.94 -37.92
CA ARG D 169 -37.08 11.07 -38.73
C ARG D 169 -36.00 10.13 -38.19
N VAL D 170 -35.24 9.53 -39.08
CA VAL D 170 -34.19 8.58 -38.69
C VAL D 170 -32.79 9.15 -38.96
N ILE D 171 -31.95 9.14 -37.91
CA ILE D 171 -30.54 9.52 -37.99
C ILE D 171 -29.73 8.25 -38.08
N ALA D 172 -28.77 8.23 -39.01
CA ALA D 172 -27.76 7.17 -39.08
C ALA D 172 -26.51 7.76 -39.76
N PRO D 173 -25.33 7.14 -39.56
CA PRO D 173 -25.02 6.07 -38.62
C PRO D 173 -24.27 6.54 -37.35
N GLU D 174 -24.04 7.85 -37.22
CA GLU D 174 -23.29 8.41 -36.07
C GLU D 174 -21.92 7.76 -35.84
N SER D 175 -21.11 7.69 -36.89
CA SER D 175 -19.70 7.31 -36.73
C SER D 175 -18.97 8.18 -35.68
N PHE D 176 -18.09 7.56 -34.89
CA PHE D 176 -17.37 8.36 -33.88
C PHE D 176 -16.46 9.40 -34.52
N GLN D 177 -16.05 9.17 -35.77
CA GLN D 177 -14.98 9.98 -36.38
C GLN D 177 -15.31 10.38 -37.85
N TYR D 178 -16.58 10.27 -38.25
CA TYR D 178 -17.02 10.57 -39.62
C TYR D 178 -16.26 9.66 -40.60
N LEU D 179 -16.12 8.39 -40.22
CA LEU D 179 -15.52 7.37 -41.09
C LEU D 179 -16.56 7.03 -42.16
N LYS D 180 -16.21 7.34 -43.41
CA LYS D 180 -17.16 7.29 -44.53
C LYS D 180 -17.57 5.87 -44.89
N ASN D 181 -16.76 4.87 -44.52
CA ASN D 181 -17.13 3.47 -44.72
C ASN D 181 -18.43 3.05 -44.01
N LEU D 182 -18.78 3.76 -42.93
CA LEU D 182 -19.96 3.41 -42.13
C LEU D 182 -21.26 3.88 -42.79
N SER D 183 -21.14 4.96 -43.57
CA SER D 183 -22.30 5.62 -44.16
C SER D 183 -22.37 5.43 -45.67
N ASP D 184 -21.22 5.17 -46.31
CA ASP D 184 -21.19 4.90 -47.76
C ASP D 184 -22.27 3.89 -48.22
N PRO D 185 -22.37 2.71 -47.58
CA PRO D 185 -23.39 1.72 -48.00
C PRO D 185 -24.82 2.25 -48.02
N ILE D 186 -25.16 3.13 -47.07
CA ILE D 186 -26.49 3.75 -47.03
C ILE D 186 -26.72 4.66 -48.24
N LEU D 187 -25.72 5.52 -48.50
CA LEU D 187 -25.77 6.43 -49.61
C LEU D 187 -25.81 5.74 -50.96
N ASN D 188 -25.20 4.56 -51.06
CA ASN D 188 -25.14 3.83 -52.32
C ASN D 188 -26.33 2.91 -52.58
N ASP D 189 -27.24 2.78 -51.61
CA ASP D 189 -28.39 1.87 -51.72
C ASP D 189 -29.68 2.66 -51.64
N PRO D 190 -30.40 2.80 -52.77
CA PRO D 190 -31.64 3.60 -52.84
C PRO D 190 -32.67 3.23 -51.78
N GLN D 191 -32.79 1.94 -51.45
CA GLN D 191 -33.76 1.50 -50.44
C GLN D 191 -33.37 2.00 -49.04
N ALA D 192 -32.13 1.76 -48.63
CA ALA D 192 -31.63 2.25 -47.33
C ALA D 192 -31.64 3.80 -47.26
N LEU D 193 -31.22 4.46 -48.34
CA LEU D 193 -31.22 5.93 -48.40
C LEU D 193 -32.62 6.52 -48.20
N ALA D 194 -33.64 5.87 -48.75
CA ALA D 194 -35.02 6.32 -48.60
C ALA D 194 -35.46 6.34 -47.13
N ASN D 195 -34.88 5.46 -46.31
CA ASN D 195 -35.23 5.33 -44.89
C ASN D 195 -34.35 6.13 -43.92
N MET D 196 -33.37 6.84 -44.47
CA MET D 196 -32.59 7.81 -43.69
C MET D 196 -33.09 9.22 -43.97
N ASP D 197 -33.28 10.00 -42.91
CA ASP D 197 -33.65 11.39 -43.09
C ASP D 197 -32.50 12.34 -42.79
N ILE D 198 -31.66 11.94 -41.84
CA ILE D 198 -30.52 12.77 -41.41
C ILE D 198 -29.29 11.87 -41.39
N LEU D 199 -28.23 12.27 -42.07
CA LEU D 199 -26.94 11.61 -41.89
C LEU D 199 -26.28 12.30 -40.73
N GLY D 200 -26.03 11.56 -39.66
CA GLY D 200 -25.41 12.16 -38.47
C GLY D 200 -24.01 11.59 -38.27
N THR D 201 -23.11 12.39 -37.71
CA THR D 201 -21.76 11.92 -37.40
C THR D 201 -21.24 12.65 -36.18
N HIS D 202 -20.21 12.06 -35.57
CA HIS D 202 -19.40 12.75 -34.54
C HIS D 202 -18.06 13.08 -35.18
N LEU D 203 -17.25 13.89 -34.50
CA LEU D 203 -15.99 14.36 -35.07
C LEU D 203 -14.79 14.15 -34.15
N TYR D 204 -14.82 13.08 -33.34
CA TYR D 204 -13.67 12.81 -32.43
C TYR D 204 -12.41 12.38 -33.20
N GLY D 205 -11.43 13.29 -33.25
CA GLY D 205 -10.17 13.00 -33.95
C GLY D 205 -10.23 13.21 -35.46
N THR D 206 -11.33 13.77 -35.96
CA THR D 206 -11.51 13.99 -37.40
C THR D 206 -10.71 15.21 -37.88
N GLN D 207 -9.85 15.05 -38.88
CA GLN D 207 -9.12 16.23 -39.38
C GLN D 207 -10.05 17.05 -40.26
N VAL D 208 -9.79 18.36 -40.37
CA VAL D 208 -10.62 19.27 -41.17
C VAL D 208 -10.64 18.83 -42.64
N SER D 209 -9.54 18.27 -43.11
CA SER D 209 -9.50 17.68 -44.46
C SER D 209 -10.58 16.62 -44.72
N GLN D 210 -11.05 15.96 -43.66
CA GLN D 210 -12.05 14.89 -43.75
C GLN D 210 -13.48 15.38 -43.47
N PHE D 211 -13.65 16.68 -43.29
CA PHE D 211 -15.00 17.25 -43.07
C PHE D 211 -15.90 17.20 -44.31
N PRO D 212 -15.32 17.43 -45.52
CA PRO D 212 -16.15 17.27 -46.73
C PRO D 212 -16.53 15.82 -46.98
N TYR D 213 -17.64 15.61 -47.70
CA TYR D 213 -18.08 14.27 -48.01
C TYR D 213 -18.66 14.22 -49.44
N PRO D 214 -17.78 14.03 -50.45
CA PRO D 214 -18.25 14.05 -51.84
C PRO D 214 -19.47 13.18 -52.16
N LEU D 215 -19.52 11.94 -51.67
CA LEU D 215 -20.63 11.02 -51.94
C LEU D 215 -21.94 11.58 -51.41
N PHE D 216 -21.88 12.28 -50.27
CA PHE D 216 -23.07 12.95 -49.75
C PHE D 216 -23.55 14.09 -50.65
N LYS D 217 -22.62 14.90 -51.18
CA LYS D 217 -22.96 15.94 -52.16
C LYS D 217 -23.58 15.28 -53.41
N GLN D 218 -23.05 14.13 -53.79
CA GLN D 218 -23.49 13.46 -55.03
C GLN D 218 -24.89 12.87 -54.84
N LYS D 219 -25.07 12.12 -53.74
CA LYS D 219 -26.27 11.29 -53.57
C LYS D 219 -27.27 11.75 -52.50
N GLY D 220 -26.96 12.83 -51.79
CA GLY D 220 -27.66 13.19 -50.55
C GLY D 220 -28.72 14.26 -50.67
N ALA D 221 -29.13 14.58 -51.90
CA ALA D 221 -30.19 15.57 -52.11
C ALA D 221 -31.42 15.27 -51.25
N GLY D 222 -31.94 16.29 -50.58
CA GLY D 222 -33.14 16.17 -49.73
C GLY D 222 -32.88 15.54 -48.36
N LYS D 223 -31.62 15.21 -48.06
CA LYS D 223 -31.28 14.67 -46.74
C LYS D 223 -30.58 15.74 -45.90
N ASP D 224 -30.77 15.69 -44.58
CA ASP D 224 -30.05 16.60 -43.67
C ASP D 224 -28.68 16.02 -43.31
N LEU D 225 -27.78 16.90 -42.86
CA LEU D 225 -26.42 16.48 -42.41
C LEU D 225 -26.12 17.14 -41.07
N TRP D 226 -25.98 16.32 -40.01
CA TRP D 226 -25.87 16.85 -38.66
C TRP D 226 -24.59 16.35 -37.99
N MET D 227 -23.97 17.22 -37.19
CA MET D 227 -22.87 16.82 -36.34
C MET D 227 -23.47 16.68 -34.95
N THR D 228 -23.69 15.42 -34.52
CA THR D 228 -24.58 15.14 -33.38
C THR D 228 -23.90 15.03 -32.02
N GLU D 229 -22.55 15.04 -32.01
CA GLU D 229 -21.79 14.97 -30.76
C GLU D 229 -20.32 15.26 -30.92
N VAL D 230 -19.82 16.19 -30.09
CA VAL D 230 -18.38 16.31 -29.87
C VAL D 230 -18.11 17.11 -28.61
N TYR D 231 -16.89 16.99 -28.09
CA TYR D 231 -16.32 18.06 -27.31
C TYR D 231 -14.96 18.35 -27.95
N TYR D 232 -14.47 19.57 -27.78
CA TYR D 232 -13.25 20.00 -28.48
C TYR D 232 -12.85 21.31 -27.83
N PRO D 233 -11.55 21.54 -27.58
CA PRO D 233 -10.37 20.79 -28.03
C PRO D 233 -9.94 19.65 -27.11
N ASN D 234 -10.63 19.49 -25.97
CA ASN D 234 -10.31 18.43 -25.00
C ASN D 234 -11.38 18.38 -23.95
N SER D 235 -11.28 17.38 -23.07
CA SER D 235 -12.16 17.32 -21.91
C SER D 235 -11.41 17.51 -20.60
N ASP D 236 -10.34 18.31 -20.62
CA ASP D 236 -9.52 18.52 -19.42
C ASP D 236 -10.41 18.99 -18.27
N THR D 237 -10.19 18.42 -17.10
CA THR D 237 -10.88 18.89 -15.90
C THR D 237 -10.73 20.41 -15.69
N ASN D 238 -11.87 21.08 -15.44
CA ASN D 238 -11.93 22.50 -15.14
C ASN D 238 -11.27 23.39 -16.22
N SER D 239 -11.40 22.98 -17.48
CA SER D 239 -10.77 23.69 -18.60
C SER D 239 -11.67 24.77 -19.25
N ALA D 240 -12.94 24.81 -18.86
CA ALA D 240 -13.97 25.55 -19.65
C ALA D 240 -13.75 27.08 -19.77
N ASP D 241 -13.00 27.66 -18.84
CA ASP D 241 -12.73 29.11 -18.89
C ASP D 241 -11.32 29.45 -19.42
N ARG D 242 -10.55 28.45 -19.84
CA ARG D 242 -9.20 28.75 -20.30
C ARG D 242 -9.22 29.61 -21.55
N TRP D 243 -8.41 30.67 -21.52
CA TRP D 243 -8.30 31.58 -22.68
C TRP D 243 -6.83 31.75 -23.04
N PRO D 244 -6.48 31.74 -24.35
CA PRO D 244 -7.36 31.68 -25.54
C PRO D 244 -7.78 30.27 -26.02
N GLU D 245 -7.48 29.23 -25.23
CA GLU D 245 -7.93 27.88 -25.56
C GLU D 245 -9.39 27.81 -26.03
N ALA D 246 -10.27 28.57 -25.37
CA ALA D 246 -11.69 28.42 -25.63
C ALA D 246 -12.03 28.85 -27.05
N LEU D 247 -11.17 29.67 -27.69
CA LEU D 247 -11.44 30.02 -29.10
C LEU D 247 -11.37 28.82 -30.03
N ASP D 248 -10.69 27.76 -29.63
CA ASP D 248 -10.74 26.51 -30.41
C ASP D 248 -12.17 26.02 -30.66
N VAL D 249 -13.11 26.32 -29.73
CA VAL D 249 -14.50 25.88 -29.87
C VAL D 249 -15.19 26.63 -31.02
N SER D 250 -15.07 27.96 -31.06
CA SER D 250 -15.69 28.69 -32.21
C SER D 250 -15.02 28.34 -33.53
N GLN D 251 -13.71 28.08 -33.51
CA GLN D 251 -13.06 27.66 -34.77
C GLN D 251 -13.57 26.29 -35.22
N HIS D 252 -13.79 25.38 -34.28
CA HIS D 252 -14.31 24.07 -34.65
C HIS D 252 -15.73 24.21 -35.25
N ILE D 253 -16.57 25.03 -34.64
CA ILE D 253 -17.92 25.26 -35.21
C ILE D 253 -17.82 25.91 -36.60
N HIS D 254 -16.99 26.94 -36.74
CA HIS D 254 -16.67 27.50 -38.05
C HIS D 254 -16.31 26.43 -39.08
N ASN D 255 -15.37 25.54 -38.73
CA ASN D 255 -14.96 24.49 -39.64
C ASN D 255 -16.08 23.50 -39.98
N ALA D 256 -16.88 23.14 -38.97
CA ALA D 256 -18.06 22.30 -39.20
C ALA D 256 -19.06 22.96 -40.18
N MET D 257 -19.32 24.25 -39.99
CA MET D 257 -20.23 25.01 -40.88
C MET D 257 -19.68 25.16 -42.30
N VAL D 258 -18.39 25.46 -42.43
CA VAL D 258 -17.84 25.85 -43.71
C VAL D 258 -17.27 24.67 -44.49
N GLU D 259 -16.40 23.88 -43.85
CA GLU D 259 -15.78 22.74 -44.52
C GLU D 259 -16.71 21.52 -44.56
N GLY D 260 -17.55 21.40 -43.52
CA GLY D 260 -18.38 20.22 -43.40
C GLY D 260 -19.80 20.42 -43.94
N ASP D 261 -20.20 21.68 -44.15
CA ASP D 261 -21.59 22.03 -44.51
C ASP D 261 -22.62 21.38 -43.57
N PHE D 262 -22.28 21.33 -42.28
CA PHE D 262 -23.21 20.79 -41.27
C PHE D 262 -24.38 21.71 -40.99
N GLN D 263 -25.55 21.10 -40.77
CA GLN D 263 -26.76 21.86 -40.47
C GLN D 263 -27.06 21.92 -38.99
N ALA D 264 -26.34 21.13 -38.20
CA ALA D 264 -26.46 21.15 -36.74
C ALA D 264 -25.11 20.84 -36.11
N TYR D 265 -24.85 21.45 -34.96
CA TYR D 265 -23.61 21.19 -34.22
C TYR D 265 -24.04 21.02 -32.76
N VAL D 266 -23.77 19.83 -32.22
CA VAL D 266 -24.28 19.45 -30.91
C VAL D 266 -23.10 18.99 -30.02
N TRP D 267 -22.86 19.75 -28.96
CA TRP D 267 -21.89 19.41 -27.90
C TRP D 267 -22.33 18.14 -27.13
N TRP D 268 -21.36 17.52 -26.43
CA TRP D 268 -21.62 16.48 -25.43
C TRP D 268 -22.32 17.11 -24.18
N TYR D 269 -22.06 16.66 -22.95
CA TYR D 269 -22.78 17.20 -21.78
C TYR D 269 -22.82 18.74 -21.72
N ILE D 270 -24.03 19.28 -21.57
CA ILE D 270 -24.18 20.73 -21.50
C ILE D 270 -23.48 21.29 -20.25
N ARG D 271 -23.71 20.65 -19.11
CA ARG D 271 -23.13 21.09 -17.84
C ARG D 271 -22.02 20.10 -17.43
N ARG D 272 -20.78 20.59 -17.41
CA ARG D 272 -19.60 19.79 -17.05
C ARG D 272 -18.42 20.74 -16.90
N SER D 273 -17.36 20.31 -16.23
CA SER D 273 -16.29 21.26 -15.91
C SER D 273 -15.52 21.72 -17.18
N TYR D 274 -15.70 21.00 -18.28
CA TYR D 274 -15.08 21.34 -19.57
C TYR D 274 -16.17 21.74 -20.62
N GLY D 275 -17.41 21.89 -20.17
CA GLY D 275 -18.52 22.17 -21.08
C GLY D 275 -18.93 23.64 -21.21
N PRO D 276 -19.99 23.90 -21.99
CA PRO D 276 -20.51 25.27 -22.22
C PRO D 276 -21.13 25.88 -20.95
N MET D 277 -21.58 25.02 -20.01
CA MET D 277 -22.08 25.49 -18.72
C MET D 277 -21.25 24.81 -17.63
N LYS D 278 -20.72 25.60 -16.69
CA LYS D 278 -19.91 25.08 -15.59
C LYS D 278 -20.81 24.43 -14.54
N GLU D 279 -20.21 23.71 -13.59
CA GLU D 279 -20.97 22.96 -12.60
C GLU D 279 -21.74 23.90 -11.67
N ASP D 280 -21.33 25.16 -11.63
CA ASP D 280 -22.07 26.15 -10.85
C ASP D 280 -23.20 26.80 -11.64
N GLY D 281 -23.50 26.25 -12.82
CA GLY D 281 -24.59 26.77 -13.64
C GLY D 281 -24.31 28.01 -14.49
N THR D 282 -23.11 28.57 -14.39
CA THR D 282 -22.75 29.78 -15.17
C THR D 282 -22.16 29.36 -16.53
N ILE D 283 -22.25 30.28 -17.50
CA ILE D 283 -21.71 30.02 -18.85
C ILE D 283 -20.19 30.17 -18.79
N SER D 284 -19.51 29.23 -19.41
CA SER D 284 -18.06 29.23 -19.45
C SER D 284 -17.59 29.97 -20.69
N LYS D 285 -16.28 30.20 -20.77
CA LYS D 285 -15.71 30.80 -22.01
C LYS D 285 -16.01 29.91 -23.23
N ARG D 286 -15.98 28.59 -23.06
CA ARG D 286 -16.34 27.71 -24.17
C ARG D 286 -17.80 27.92 -24.56
N GLY D 287 -18.66 28.05 -23.56
CA GLY D 287 -20.08 28.36 -23.75
C GLY D 287 -20.33 29.65 -24.51
N TYR D 288 -19.59 30.72 -24.17
CA TYR D 288 -19.72 32.00 -24.92
C TYR D 288 -19.27 31.84 -26.37
N ASN D 289 -18.25 31.01 -26.62
CA ASN D 289 -17.87 30.70 -28.00
C ASN D 289 -18.98 30.03 -28.81
N MET D 290 -19.72 29.12 -28.16
CA MET D 290 -20.83 28.46 -28.80
C MET D 290 -21.95 29.50 -29.06
N ALA D 291 -22.18 30.35 -28.07
CA ALA D 291 -23.25 31.37 -28.10
C ALA D 291 -23.09 32.37 -29.25
N HIS D 292 -21.84 32.62 -29.65
CA HIS D 292 -21.62 33.49 -30.82
C HIS D 292 -22.30 32.96 -32.08
N PHE D 293 -22.55 31.65 -32.10
CA PHE D 293 -23.35 31.04 -33.15
C PHE D 293 -24.80 30.84 -32.66
N SER D 294 -24.98 30.17 -31.51
CA SER D 294 -26.33 29.72 -31.13
C SER D 294 -27.32 30.87 -30.85
N LYS D 295 -26.84 31.98 -30.32
CA LYS D 295 -27.74 33.08 -29.96
C LYS D 295 -28.20 33.87 -31.19
N PHE D 296 -27.42 33.80 -32.25
CA PHE D 296 -27.61 34.66 -33.41
C PHE D 296 -28.02 33.96 -34.72
N VAL D 297 -27.49 32.75 -34.94
CA VAL D 297 -27.82 31.92 -36.09
C VAL D 297 -28.98 30.98 -35.70
N ARG D 298 -30.21 31.48 -35.85
CA ARG D 298 -31.41 30.76 -35.39
C ARG D 298 -31.87 29.70 -36.39
N PRO D 299 -32.66 28.71 -35.93
CA PRO D 299 -33.13 27.66 -36.84
C PRO D 299 -33.80 28.31 -38.07
N GLY D 300 -33.50 27.76 -39.25
CA GLY D 300 -34.06 28.28 -40.51
C GLY D 300 -33.22 29.34 -41.23
N TYR D 301 -32.24 29.94 -40.54
CA TYR D 301 -31.25 30.77 -41.22
C TYR D 301 -30.49 29.90 -42.24
N VAL D 302 -29.91 30.51 -43.26
CA VAL D 302 -29.16 29.77 -44.23
C VAL D 302 -27.73 30.32 -44.25
N ARG D 303 -26.74 29.43 -44.25
CA ARG D 303 -25.37 29.86 -44.48
C ARG D 303 -25.25 30.45 -45.88
N ILE D 304 -24.42 31.48 -46.01
CA ILE D 304 -24.14 32.11 -47.32
C ILE D 304 -22.63 32.17 -47.54
N ASP D 305 -22.21 32.25 -48.80
CA ASP D 305 -20.78 32.28 -49.13
C ASP D 305 -20.08 33.50 -48.53
N ALA D 306 -18.94 33.24 -47.88
CA ALA D 306 -18.10 34.30 -47.31
C ALA D 306 -16.63 33.87 -47.30
N THR D 307 -15.74 34.81 -47.64
CA THR D 307 -14.30 34.56 -47.59
C THR D 307 -13.96 33.97 -46.21
N LYS D 308 -13.49 32.73 -46.19
CA LYS D 308 -13.45 31.97 -44.94
C LYS D 308 -12.19 32.24 -44.11
N ASN D 309 -11.11 32.65 -44.76
CA ASN D 309 -9.85 32.79 -44.05
C ASN D 309 -9.04 33.99 -44.60
N PRO D 310 -9.53 35.22 -44.33
CA PRO D 310 -8.98 36.44 -44.99
C PRO D 310 -7.59 36.85 -44.50
N ASN D 311 -7.26 36.48 -43.27
CA ASN D 311 -6.01 36.90 -42.62
C ASN D 311 -5.50 35.74 -41.75
N ALA D 312 -4.22 35.81 -41.35
CA ALA D 312 -3.57 34.74 -40.59
C ALA D 312 -4.36 34.52 -39.32
N ASN D 313 -4.83 33.28 -39.13
CA ASN D 313 -5.61 32.90 -37.95
C ASN D 313 -6.91 33.68 -37.75
N VAL D 314 -7.45 34.19 -38.87
CA VAL D 314 -8.78 34.84 -38.86
C VAL D 314 -9.79 34.02 -39.70
N TYR D 315 -10.91 33.65 -39.07
CA TYR D 315 -11.90 32.73 -39.67
C TYR D 315 -13.24 33.43 -39.70
N VAL D 316 -13.91 33.41 -40.85
CA VAL D 316 -15.18 34.12 -40.99
C VAL D 316 -16.21 33.22 -41.66
N SER D 317 -17.45 33.26 -41.15
CA SER D 317 -18.58 32.60 -41.80
C SER D 317 -19.78 33.53 -41.70
N ALA D 318 -20.76 33.30 -42.58
CA ALA D 318 -21.93 34.21 -42.62
C ALA D 318 -23.22 33.44 -42.91
N TYR D 319 -24.33 34.01 -42.42
CA TYR D 319 -25.68 33.41 -42.46
C TYR D 319 -26.70 34.53 -42.72
N LYS D 320 -27.83 34.16 -43.34
CA LYS D 320 -28.95 35.10 -43.44
C LYS D 320 -30.24 34.51 -42.89
N GLY D 321 -31.04 35.36 -42.28
CA GLY D 321 -32.35 34.98 -41.81
C GLY D 321 -33.04 36.19 -41.23
N ASP D 322 -34.38 36.16 -41.23
CA ASP D 322 -35.14 37.18 -40.52
C ASP D 322 -34.69 38.59 -40.94
N ASN D 323 -34.42 38.76 -42.23
CA ASN D 323 -33.95 40.03 -42.81
C ASN D 323 -32.65 40.63 -42.21
N LYS D 324 -31.80 39.73 -41.70
CA LYS D 324 -30.49 40.08 -41.17
C LYS D 324 -29.44 39.25 -41.85
N VAL D 325 -28.20 39.77 -41.84
CA VAL D 325 -27.02 38.98 -42.15
C VAL D 325 -26.19 38.90 -40.87
N VAL D 326 -25.83 37.67 -40.50
CA VAL D 326 -24.99 37.40 -39.32
C VAL D 326 -23.60 37.00 -39.81
N ILE D 327 -22.56 37.62 -39.24
CA ILE D 327 -21.17 37.31 -39.60
C ILE D 327 -20.43 36.95 -38.32
N VAL D 328 -19.84 35.76 -38.29
CA VAL D 328 -19.03 35.37 -37.11
C VAL D 328 -17.57 35.42 -37.52
N ALA D 329 -16.80 36.30 -36.89
CA ALA D 329 -15.40 36.49 -37.19
C ALA D 329 -14.50 36.22 -35.97
N ILE D 330 -13.65 35.20 -36.12
CA ILE D 330 -12.79 34.71 -35.04
C ILE D 330 -11.36 35.16 -35.34
N ASN D 331 -10.74 35.86 -34.39
CA ASN D 331 -9.31 36.21 -34.48
C ASN D 331 -8.51 35.43 -33.43
N LYS D 332 -7.85 34.36 -33.87
CA LYS D 332 -7.02 33.53 -32.98
C LYS D 332 -5.56 33.94 -33.06
N SER D 333 -5.29 35.12 -33.62
CA SER D 333 -3.89 35.60 -33.73
C SER D 333 -3.60 36.56 -32.59
N ASN D 334 -2.32 36.88 -32.40
CA ASN D 334 -1.91 37.77 -31.32
C ASN D 334 -1.92 39.26 -31.74
N THR D 335 -2.52 39.54 -32.89
CA THR D 335 -2.61 40.92 -33.42
C THR D 335 -4.05 41.33 -33.66
N GLY D 336 -4.37 42.61 -33.40
CA GLY D 336 -5.63 43.20 -33.86
C GLY D 336 -5.63 43.26 -35.37
N VAL D 337 -6.76 42.94 -36.00
CA VAL D 337 -6.86 42.97 -37.46
C VAL D 337 -7.95 43.96 -37.87
N ASN D 338 -7.63 44.83 -38.82
CA ASN D 338 -8.65 45.68 -39.43
C ASN D 338 -9.18 44.95 -40.63
N GLN D 339 -10.48 44.65 -40.58
CA GLN D 339 -11.09 43.77 -41.54
C GLN D 339 -12.18 44.52 -42.30
N ASN D 340 -12.13 44.46 -43.64
CA ASN D 340 -13.18 45.05 -44.47
C ASN D 340 -14.16 43.98 -44.94
N PHE D 341 -15.44 44.20 -44.66
CA PHE D 341 -16.51 43.28 -45.02
C PHE D 341 -17.33 43.88 -46.16
N VAL D 342 -17.30 43.20 -47.30
CA VAL D 342 -18.04 43.63 -48.50
C VAL D 342 -19.28 42.74 -48.73
N LEU D 343 -20.46 43.37 -48.76
CA LEU D 343 -21.74 42.70 -49.01
C LEU D 343 -22.18 42.74 -50.47
N GLN D 344 -22.08 41.60 -51.16
CA GLN D 344 -22.62 41.45 -52.52
C GLN D 344 -24.10 41.06 -52.52
N ASN D 345 -24.85 41.65 -53.45
CA ASN D 345 -26.26 41.30 -53.70
C ASN D 345 -27.12 41.51 -52.47
N GLY D 346 -26.85 42.60 -51.75
CA GLY D 346 -27.53 42.89 -50.50
C GLY D 346 -27.34 44.34 -50.10
N SER D 347 -28.42 44.93 -49.60
CA SER D 347 -28.40 46.31 -49.17
C SER D 347 -28.65 46.38 -47.67
N ALA D 348 -27.73 47.06 -46.97
CA ALA D 348 -27.77 47.14 -45.52
C ALA D 348 -27.47 48.54 -45.02
N SER D 349 -28.01 48.87 -43.85
CA SER D 349 -27.89 50.20 -43.28
C SER D 349 -26.76 50.26 -42.24
N ASN D 350 -26.89 49.46 -41.19
CA ASN D 350 -25.97 49.50 -40.06
C ASN D 350 -25.70 48.10 -39.48
N VAL D 351 -24.76 48.03 -38.54
CA VAL D 351 -24.26 46.78 -37.99
C VAL D 351 -24.12 46.89 -36.47
N SER D 352 -24.67 45.91 -35.75
CA SER D 352 -24.42 45.77 -34.32
C SER D 352 -23.46 44.59 -34.12
N ARG D 353 -22.70 44.62 -33.04
CA ARG D 353 -21.73 43.55 -32.76
C ARG D 353 -21.50 43.27 -31.26
N TRP D 354 -21.09 42.03 -30.98
CA TRP D 354 -20.78 41.58 -29.64
C TRP D 354 -19.46 40.84 -29.70
N ILE D 355 -18.61 41.03 -28.71
CA ILE D 355 -17.26 40.47 -28.70
C ILE D 355 -16.99 39.69 -27.40
N THR D 356 -16.43 38.49 -27.53
CA THR D 356 -15.92 37.76 -26.38
C THR D 356 -14.39 37.72 -26.48
N SER D 357 -13.72 38.06 -25.38
CA SER D 357 -12.25 38.10 -25.40
C SER D 357 -11.75 37.53 -24.07
N SER D 358 -10.48 37.74 -23.76
CA SER D 358 -9.97 37.29 -22.47
C SER D 358 -10.70 37.92 -21.29
N SER D 359 -11.15 39.18 -21.46
CA SER D 359 -11.61 39.99 -20.32
C SER D 359 -13.11 40.25 -20.27
N SER D 360 -13.83 39.94 -21.35
CA SER D 360 -15.29 40.04 -21.29
C SER D 360 -16.05 39.07 -22.20
N ASN D 361 -17.35 38.96 -21.92
CA ASN D 361 -18.22 37.98 -22.59
C ASN D 361 -19.38 38.63 -23.33
N LEU D 362 -19.48 38.36 -24.63
CA LEU D 362 -20.59 38.87 -25.45
C LEU D 362 -20.80 40.36 -25.17
N GLN D 363 -19.70 41.11 -25.17
CA GLN D 363 -19.76 42.52 -24.84
C GLN D 363 -20.10 43.34 -26.08
N PRO D 364 -21.17 44.17 -25.99
CA PRO D 364 -21.54 45.02 -27.13
C PRO D 364 -20.36 45.89 -27.57
N GLY D 365 -20.14 45.96 -28.89
CA GLY D 365 -19.15 46.87 -29.46
C GLY D 365 -19.88 48.09 -30.00
N THR D 366 -19.16 49.10 -30.49
CA THR D 366 -19.83 50.25 -31.13
C THR D 366 -20.52 49.79 -32.41
N ASN D 367 -21.67 50.41 -32.71
CA ASN D 367 -22.36 50.13 -33.96
C ASN D 367 -21.56 50.64 -35.16
N LEU D 368 -21.72 49.98 -36.30
CA LEU D 368 -21.01 50.39 -37.51
C LEU D 368 -22.01 50.80 -38.62
N THR D 369 -21.56 51.69 -39.50
CA THR D 369 -22.39 52.11 -40.65
C THR D 369 -21.91 51.39 -41.89
N VAL D 370 -22.86 50.88 -42.68
CA VAL D 370 -22.47 50.31 -43.95
C VAL D 370 -22.26 51.49 -44.91
N SER D 371 -21.08 51.54 -45.49
CA SER D 371 -20.75 52.59 -46.45
C SER D 371 -20.99 52.02 -47.82
N GLY D 372 -22.23 52.17 -48.31
CA GLY D 372 -22.60 51.61 -49.59
C GLY D 372 -22.83 50.11 -49.47
N ASN D 373 -21.78 49.34 -49.75
CA ASN D 373 -21.85 47.87 -49.64
C ASN D 373 -20.72 47.27 -48.80
N HIS D 374 -20.11 48.09 -47.94
CA HIS D 374 -19.01 47.59 -47.10
C HIS D 374 -18.90 48.34 -45.78
N PHE D 375 -18.20 47.72 -44.82
CA PHE D 375 -17.82 48.36 -43.58
C PHE D 375 -16.53 47.75 -43.03
N TRP D 376 -15.75 48.60 -42.37
CA TRP D 376 -14.51 48.18 -41.68
C TRP D 376 -14.85 47.87 -40.24
N ALA D 377 -14.22 46.82 -39.70
CA ALA D 377 -14.26 46.58 -38.26
C ALA D 377 -12.92 46.04 -37.78
N HIS D 378 -12.53 46.48 -36.58
CA HIS D 378 -11.31 46.00 -35.92
C HIS D 378 -11.69 44.74 -35.13
N LEU D 379 -10.95 43.67 -35.39
CA LEU D 379 -11.12 42.41 -34.68
C LEU D 379 -9.95 42.28 -33.68
N PRO D 380 -10.23 42.42 -32.37
CA PRO D 380 -9.12 42.38 -31.40
C PRO D 380 -8.40 41.04 -31.41
N ALA D 381 -7.13 41.07 -31.00
CA ALA D 381 -6.34 39.85 -30.82
C ALA D 381 -7.09 38.88 -29.90
N GLN D 382 -7.06 37.61 -30.28
CA GLN D 382 -7.61 36.52 -29.44
C GLN D 382 -9.05 36.84 -29.00
N SER D 383 -9.94 37.02 -29.99
CA SER D 383 -11.35 37.37 -29.73
C SER D 383 -12.24 36.75 -30.79
N VAL D 384 -13.53 36.67 -30.48
CA VAL D 384 -14.55 36.32 -31.48
C VAL D 384 -15.63 37.39 -31.46
N THR D 385 -16.01 37.87 -32.64
CA THR D 385 -17.03 38.87 -32.75
C THR D 385 -18.19 38.30 -33.58
N THR D 386 -19.41 38.51 -33.11
CA THR D 386 -20.56 38.33 -33.99
C THR D 386 -21.16 39.67 -34.40
N PHE D 387 -21.30 39.84 -35.71
CA PHE D 387 -21.94 41.02 -36.29
C PHE D 387 -23.35 40.64 -36.72
N VAL D 388 -24.31 41.51 -36.41
CA VAL D 388 -25.67 41.40 -36.96
C VAL D 388 -25.92 42.63 -37.85
N VAL D 389 -26.05 42.37 -39.16
CA VAL D 389 -26.21 43.42 -40.17
C VAL D 389 -27.71 43.55 -40.45
N ASN D 390 -28.25 44.74 -40.20
CA ASN D 390 -29.67 45.01 -40.53
C ASN D 390 -29.80 45.43 -41.99
N ARG D 391 -30.60 44.66 -42.74
CA ARG D 391 -30.80 44.89 -44.19
C ARG D 391 -31.79 46.02 -44.43
#